data_2JVM
#
_entry.id   2JVM
#
_entity_poly.entity_id   1
_entity_poly.type   'polypeptide(L)'
_entity_poly.pdbx_seq_one_letter_code
;MRRQPKTRQESARMSIEAPETVVVSTWKVACDGGEGALGHPRVWLSIPHETGFVECGYCDRRYIHESFAAAKLEHHHHHH
;
_entity_poly.pdbx_strand_id   A
#
# COMPACT_ATOMS: atom_id res chain seq x y z
N MET A 1 -15.12 34.31 -40.93
CA MET A 1 -14.19 34.05 -39.81
C MET A 1 -14.52 32.73 -39.11
N ARG A 2 -15.35 31.91 -39.75
CA ARG A 2 -15.77 30.64 -39.17
C ARG A 2 -14.76 29.56 -39.49
N ARG A 3 -13.94 29.20 -38.52
CA ARG A 3 -12.92 28.17 -38.71
C ARG A 3 -13.39 26.85 -38.12
N GLN A 4 -12.87 25.76 -38.64
CA GLN A 4 -13.22 24.44 -38.14
C GLN A 4 -12.55 24.18 -36.79
N PRO A 5 -13.37 24.03 -35.74
CA PRO A 5 -12.88 23.88 -34.37
C PRO A 5 -11.95 22.69 -34.19
N LYS A 6 -10.82 22.92 -33.55
CA LYS A 6 -9.88 21.87 -33.24
C LYS A 6 -10.20 21.29 -31.86
N THR A 7 -10.66 20.04 -31.84
CA THR A 7 -11.08 19.41 -30.61
C THR A 7 -9.90 18.69 -29.94
N ARG A 8 -9.22 19.39 -29.06
CA ARG A 8 -8.11 18.83 -28.32
C ARG A 8 -8.58 18.36 -26.96
N GLN A 9 -8.82 17.06 -26.84
CA GLN A 9 -9.29 16.48 -25.58
C GLN A 9 -8.10 16.00 -24.76
N GLU A 10 -6.91 16.33 -25.22
CA GLU A 10 -5.68 15.96 -24.56
C GLU A 10 -5.44 16.83 -23.33
N SER A 11 -5.62 16.25 -22.15
CA SER A 11 -5.39 16.96 -20.91
C SER A 11 -4.44 16.16 -20.02
N ALA A 12 -3.18 16.53 -20.02
CA ALA A 12 -2.17 15.79 -19.27
C ALA A 12 -1.95 16.40 -17.89
N ARG A 13 -1.98 15.56 -16.87
CA ARG A 13 -1.72 15.99 -15.51
C ARG A 13 -1.15 14.85 -14.69
N MET A 14 0.02 15.06 -14.13
CA MET A 14 0.69 14.05 -13.33
C MET A 14 0.54 14.37 -11.85
N SER A 15 -0.24 13.55 -11.16
CA SER A 15 -0.48 13.74 -9.74
C SER A 15 0.54 12.96 -8.91
N ILE A 16 1.82 13.16 -9.23
CA ILE A 16 2.94 12.46 -8.61
C ILE A 16 2.87 10.95 -8.90
N GLU A 17 3.98 10.27 -8.67
CA GLU A 17 4.10 8.87 -9.03
C GLU A 17 4.83 8.08 -7.97
N ALA A 18 4.83 8.61 -6.76
CA ALA A 18 5.59 8.00 -5.67
C ALA A 18 4.94 8.25 -4.32
N PRO A 19 4.03 7.35 -3.90
CA PRO A 19 3.51 7.32 -2.55
C PRO A 19 4.26 6.32 -1.69
N GLU A 20 4.34 6.56 -0.39
CA GLU A 20 5.02 5.62 0.50
C GLU A 20 4.20 4.35 0.64
N THR A 21 4.57 3.36 -0.17
CA THR A 21 3.84 2.12 -0.24
C THR A 21 4.80 0.94 -0.32
N VAL A 22 4.47 -0.14 0.39
CA VAL A 22 5.27 -1.35 0.35
C VAL A 22 4.47 -2.47 -0.31
N VAL A 23 5.11 -3.14 -1.26
CA VAL A 23 4.50 -4.27 -1.95
C VAL A 23 4.75 -5.55 -1.16
N VAL A 24 3.68 -6.24 -0.81
CA VAL A 24 3.80 -7.44 0.02
C VAL A 24 3.25 -8.67 -0.71
N SER A 25 3.77 -9.82 -0.33
CA SER A 25 3.31 -11.08 -0.87
C SER A 25 2.40 -11.77 0.14
N THR A 26 2.28 -11.15 1.31
CA THR A 26 1.47 -11.69 2.38
C THR A 26 0.34 -10.72 2.75
N TRP A 27 -0.88 -11.24 2.83
CA TRP A 27 -2.04 -10.42 3.20
C TRP A 27 -1.93 -9.95 4.64
N LYS A 28 -1.26 -10.75 5.47
CA LYS A 28 -0.96 -10.35 6.83
C LYS A 28 0.45 -9.79 6.90
N VAL A 29 0.57 -8.51 7.18
CA VAL A 29 1.87 -7.86 7.20
C VAL A 29 2.22 -7.43 8.61
N ALA A 30 3.51 -7.40 8.89
CA ALA A 30 4.01 -6.97 10.18
C ALA A 30 4.60 -5.58 10.05
N CYS A 31 3.88 -4.58 10.53
CA CYS A 31 4.31 -3.21 10.38
C CYS A 31 5.10 -2.77 11.62
N ASP A 32 5.95 -1.77 11.45
CA ASP A 32 6.87 -1.35 12.49
C ASP A 32 7.54 -0.06 12.07
N GLY A 33 6.88 1.04 12.33
CA GLY A 33 7.48 2.34 12.09
C GLY A 33 6.95 3.00 10.84
N GLY A 34 7.75 3.86 10.24
CA GLY A 34 7.35 4.55 9.04
C GLY A 34 8.39 5.53 8.57
N GLU A 35 7.93 6.64 8.02
CA GLU A 35 8.82 7.66 7.50
C GLU A 35 8.67 8.94 8.30
N GLY A 36 9.56 9.89 8.08
CA GLY A 36 9.53 11.13 8.84
C GLY A 36 9.70 10.88 10.33
N ALA A 37 8.77 11.39 11.12
CA ALA A 37 8.80 11.18 12.56
C ALA A 37 7.73 10.17 12.97
N LEU A 38 7.16 9.49 12.00
CA LEU A 38 6.13 8.50 12.26
C LEU A 38 6.75 7.16 12.63
N GLY A 39 6.43 6.67 13.81
CA GLY A 39 6.96 5.40 14.25
C GLY A 39 6.05 4.73 15.26
N HIS A 40 6.00 3.41 15.19
CA HIS A 40 5.14 2.62 16.08
C HIS A 40 5.71 1.21 16.22
N PRO A 41 5.36 0.50 17.30
CA PRO A 41 5.84 -0.87 17.54
C PRO A 41 5.28 -1.86 16.52
N ARG A 42 5.80 -3.08 16.54
CA ARG A 42 5.38 -4.12 15.59
C ARG A 42 3.91 -4.47 15.77
N VAL A 43 3.14 -4.31 14.70
CA VAL A 43 1.73 -4.70 14.69
C VAL A 43 1.46 -5.57 13.48
N TRP A 44 0.46 -6.41 13.57
CA TRP A 44 0.08 -7.28 12.48
C TRP A 44 -1.23 -6.79 11.85
N LEU A 45 -1.16 -6.46 10.57
CA LEU A 45 -2.31 -5.95 9.85
C LEU A 45 -2.79 -6.97 8.84
N SER A 46 -4.04 -6.85 8.43
CA SER A 46 -4.62 -7.75 7.46
C SER A 46 -5.16 -6.96 6.28
N ILE A 47 -4.66 -7.26 5.10
CA ILE A 47 -5.11 -6.59 3.89
C ILE A 47 -6.41 -7.20 3.40
N PRO A 48 -7.47 -6.39 3.27
CA PRO A 48 -8.75 -6.84 2.72
C PRO A 48 -8.60 -7.32 1.29
N HIS A 49 -9.02 -8.55 1.04
CA HIS A 49 -8.77 -9.23 -0.23
C HIS A 49 -9.62 -8.62 -1.33
N GLU A 50 -10.77 -8.10 -0.94
CA GLU A 50 -11.69 -7.47 -1.88
C GLU A 50 -11.44 -5.97 -1.98
N THR A 51 -10.39 -5.51 -1.33
CA THR A 51 -10.04 -4.09 -1.36
C THR A 51 -8.69 -3.90 -2.05
N GLY A 52 -7.75 -4.81 -1.78
CA GLY A 52 -6.48 -4.80 -2.50
C GLY A 52 -5.33 -4.28 -1.68
N PHE A 53 -5.60 -3.27 -0.86
CA PHE A 53 -4.56 -2.66 -0.04
C PHE A 53 -5.13 -2.16 1.28
N VAL A 54 -4.24 -1.84 2.22
CA VAL A 54 -4.64 -1.33 3.50
C VAL A 54 -3.64 -0.27 3.99
N GLU A 55 -4.15 0.75 4.66
CA GLU A 55 -3.30 1.79 5.21
C GLU A 55 -3.07 1.54 6.68
N CYS A 56 -1.91 1.96 7.18
CA CYS A 56 -1.60 1.82 8.60
C CYS A 56 -2.38 2.84 9.39
N GLY A 57 -2.93 2.43 10.53
CA GLY A 57 -3.72 3.32 11.36
C GLY A 57 -2.87 4.32 12.10
N TYR A 58 -1.57 4.08 12.14
CA TYR A 58 -0.64 4.97 12.79
C TYR A 58 0.15 5.78 11.77
N CYS A 59 0.89 5.08 10.93
CA CYS A 59 1.76 5.72 9.96
C CYS A 59 1.07 5.79 8.60
N ASP A 60 1.49 6.75 7.78
CA ASP A 60 0.85 7.01 6.49
C ASP A 60 1.33 6.09 5.38
N ARG A 61 2.12 5.07 5.73
CA ARG A 61 2.59 4.12 4.74
C ARG A 61 1.50 3.10 4.43
N ARG A 62 1.24 2.91 3.15
CA ARG A 62 0.19 2.01 2.72
C ARG A 62 0.80 0.71 2.21
N TYR A 63 0.13 -0.40 2.46
CA TYR A 63 0.63 -1.71 2.05
C TYR A 63 -0.33 -2.35 1.06
N ILE A 64 0.22 -2.93 -0.01
CA ILE A 64 -0.60 -3.53 -1.04
C ILE A 64 -0.01 -4.86 -1.49
N HIS A 65 -0.88 -5.81 -1.82
CA HIS A 65 -0.44 -7.10 -2.30
C HIS A 65 0.09 -6.96 -3.74
N GLU A 66 1.12 -7.73 -4.06
CA GLU A 66 1.78 -7.65 -5.36
C GLU A 66 0.81 -7.82 -6.51
N SER A 67 -0.24 -8.63 -6.33
CA SER A 67 -1.19 -8.89 -7.40
C SER A 67 -2.01 -7.65 -7.74
N PHE A 68 -2.28 -6.83 -6.73
CA PHE A 68 -3.07 -5.62 -6.93
C PHE A 68 -2.16 -4.47 -7.32
N ALA A 69 -0.87 -4.65 -7.13
CA ALA A 69 0.10 -3.60 -7.41
C ALA A 69 0.61 -3.68 -8.84
N ALA A 70 0.79 -4.91 -9.32
CA ALA A 70 1.32 -5.13 -10.66
C ALA A 70 0.24 -5.09 -11.72
N ALA A 71 -0.93 -4.57 -11.35
CA ALA A 71 -2.03 -4.40 -12.28
C ALA A 71 -1.83 -3.13 -13.09
N LYS A 72 -1.83 -3.26 -14.42
CA LYS A 72 -1.60 -2.13 -15.29
C LYS A 72 -2.87 -1.30 -15.43
N LEU A 73 -3.19 -0.66 -14.34
CA LEU A 73 -4.33 0.24 -14.25
C LEU A 73 -3.92 1.51 -13.55
N GLU A 74 -4.69 2.58 -13.72
CA GLU A 74 -4.39 3.83 -13.04
C GLU A 74 -4.88 3.82 -11.61
N HIS A 75 -3.97 3.60 -10.68
CA HIS A 75 -4.29 3.67 -9.27
C HIS A 75 -4.17 5.12 -8.81
N HIS A 76 -5.11 5.95 -9.25
CA HIS A 76 -5.09 7.38 -8.96
C HIS A 76 -5.49 7.67 -7.51
N HIS A 77 -4.56 7.44 -6.61
CA HIS A 77 -4.70 7.82 -5.21
C HIS A 77 -3.31 8.09 -4.63
N HIS A 78 -2.74 9.23 -5.01
CA HIS A 78 -1.40 9.60 -4.55
C HIS A 78 -1.48 10.69 -3.49
N HIS A 79 -2.27 11.71 -3.78
CA HIS A 79 -2.46 12.83 -2.86
C HIS A 79 -3.87 13.36 -3.02
N HIS A 80 -4.45 13.84 -1.93
CA HIS A 80 -5.78 14.43 -1.98
C HIS A 80 -5.66 15.92 -1.70
N MET A 1 -31.48 2.80 19.39
CA MET A 1 -30.36 3.05 18.46
C MET A 1 -29.59 4.31 18.86
N ARG A 2 -28.28 4.20 18.93
CA ARG A 2 -27.43 5.35 19.24
C ARG A 2 -26.84 5.91 17.95
N ARG A 3 -27.28 7.10 17.56
CA ARG A 3 -26.72 7.75 16.38
C ARG A 3 -25.43 8.46 16.75
N GLN A 4 -24.31 7.99 16.23
CA GLN A 4 -23.03 8.64 16.44
C GLN A 4 -22.51 9.14 15.09
N PRO A 5 -22.72 10.43 14.80
CA PRO A 5 -22.32 11.04 13.54
C PRO A 5 -20.81 11.02 13.33
N LYS A 6 -20.38 10.34 12.28
CA LYS A 6 -18.97 10.29 11.93
C LYS A 6 -18.75 10.80 10.52
N THR A 7 -17.81 11.73 10.39
CA THR A 7 -17.46 12.29 9.11
C THR A 7 -16.08 11.81 8.69
N ARG A 8 -15.78 11.86 7.40
CA ARG A 8 -14.51 11.42 6.87
C ARG A 8 -14.07 12.32 5.73
N GLN A 9 -13.30 13.34 6.06
CA GLN A 9 -12.92 14.37 5.10
C GLN A 9 -11.46 14.23 4.68
N GLU A 10 -11.24 14.31 3.38
CA GLU A 10 -9.90 14.32 2.81
C GLU A 10 -9.66 15.62 2.05
N SER A 11 -8.93 16.54 2.66
CA SER A 11 -8.68 17.84 2.05
C SER A 11 -7.24 18.28 2.24
N ALA A 12 -6.33 17.31 2.29
CA ALA A 12 -4.91 17.60 2.43
C ALA A 12 -4.35 18.13 1.12
N ARG A 13 -4.10 19.43 1.07
CA ARG A 13 -3.65 20.07 -0.17
C ARG A 13 -2.25 20.64 -0.03
N MET A 14 -1.78 20.76 1.21
CA MET A 14 -0.46 21.31 1.48
C MET A 14 0.46 20.27 2.09
N SER A 15 1.76 20.45 1.87
CA SER A 15 2.79 19.60 2.45
C SER A 15 2.72 18.18 1.92
N ILE A 16 3.27 17.97 0.75
CA ILE A 16 3.36 16.64 0.18
C ILE A 16 4.78 16.14 0.39
N GLU A 17 4.96 14.84 0.33
CA GLU A 17 6.25 14.23 0.61
C GLU A 17 6.33 12.86 -0.06
N ALA A 18 7.53 12.29 -0.10
CA ALA A 18 7.74 10.97 -0.69
C ALA A 18 6.90 9.92 0.03
N PRO A 19 5.93 9.31 -0.67
CA PRO A 19 5.02 8.32 -0.10
C PRO A 19 5.70 7.04 0.33
N GLU A 20 5.22 6.45 1.40
CA GLU A 20 5.75 5.19 1.89
C GLU A 20 4.74 4.08 1.64
N THR A 21 5.00 3.29 0.61
CA THR A 21 4.10 2.24 0.19
C THR A 21 4.86 0.92 0.01
N VAL A 22 4.32 -0.16 0.55
CA VAL A 22 4.98 -1.46 0.50
C VAL A 22 4.17 -2.45 -0.33
N VAL A 23 4.87 -3.23 -1.15
CA VAL A 23 4.25 -4.30 -1.91
C VAL A 23 4.40 -5.61 -1.14
N VAL A 24 3.29 -6.24 -0.82
CA VAL A 24 3.30 -7.45 0.01
C VAL A 24 2.67 -8.63 -0.71
N SER A 25 3.19 -9.81 -0.41
CA SER A 25 2.65 -11.05 -0.93
C SER A 25 1.84 -11.76 0.15
N THR A 26 2.05 -11.35 1.40
CA THR A 26 1.41 -11.98 2.54
C THR A 26 0.12 -11.26 2.92
N TRP A 27 -0.80 -11.98 3.56
CA TRP A 27 -2.06 -11.41 3.99
C TRP A 27 -1.88 -10.61 5.27
N LYS A 28 -1.35 -11.26 6.30
CA LYS A 28 -1.04 -10.59 7.54
C LYS A 28 0.42 -10.15 7.54
N VAL A 29 0.65 -8.86 7.69
CA VAL A 29 2.00 -8.32 7.63
C VAL A 29 2.36 -7.70 8.98
N ALA A 30 3.65 -7.70 9.28
CA ALA A 30 4.14 -7.13 10.50
C ALA A 30 4.67 -5.72 10.26
N CYS A 31 3.91 -4.73 10.69
CA CYS A 31 4.29 -3.34 10.48
C CYS A 31 5.15 -2.86 11.64
N ASP A 32 6.15 -2.05 11.32
CA ASP A 32 7.13 -1.63 12.31
C ASP A 32 7.41 -0.14 12.18
N GLY A 33 6.43 0.59 11.66
CA GLY A 33 6.54 2.03 11.61
C GLY A 33 7.02 2.55 10.27
N GLY A 34 7.70 3.69 10.32
CA GLY A 34 8.19 4.33 9.11
C GLY A 34 9.10 5.49 9.42
N GLU A 35 8.79 6.64 8.84
CA GLU A 35 9.55 7.87 9.10
C GLU A 35 9.25 8.43 10.49
N GLY A 36 10.02 9.43 10.89
CA GLY A 36 9.86 10.03 12.21
C GLY A 36 8.62 10.87 12.35
N ALA A 37 7.51 10.16 12.53
CA ALA A 37 6.18 10.73 12.67
C ALA A 37 5.17 9.60 12.64
N LEU A 38 5.52 8.56 11.89
CA LEU A 38 4.67 7.41 11.71
C LEU A 38 5.33 6.17 12.28
N GLY A 39 6.08 6.36 13.35
CA GLY A 39 6.82 5.26 13.94
C GLY A 39 6.05 4.57 15.04
N HIS A 40 6.19 3.26 15.10
CA HIS A 40 5.51 2.44 16.10
C HIS A 40 6.14 1.04 16.14
N PRO A 41 5.89 0.26 17.20
CA PRO A 41 6.46 -1.09 17.32
C PRO A 41 5.77 -2.10 16.39
N ARG A 42 6.26 -3.33 16.41
CA ARG A 42 5.74 -4.38 15.53
C ARG A 42 4.27 -4.66 15.80
N VAL A 43 3.43 -4.39 14.81
CA VAL A 43 2.01 -4.68 14.91
C VAL A 43 1.60 -5.58 13.77
N TRP A 44 0.38 -6.08 13.87
CA TRP A 44 -0.14 -7.03 12.91
C TRP A 44 -1.19 -6.37 12.02
N LEU A 45 -0.87 -6.18 10.76
CA LEU A 45 -1.81 -5.67 9.80
C LEU A 45 -2.28 -6.80 8.91
N SER A 46 -3.35 -6.58 8.16
CA SER A 46 -3.90 -7.62 7.34
C SER A 46 -4.52 -7.01 6.08
N ILE A 47 -4.16 -7.54 4.94
CA ILE A 47 -4.74 -7.14 3.67
C ILE A 47 -6.20 -7.60 3.62
N PRO A 48 -7.15 -6.66 3.60
CA PRO A 48 -8.58 -6.96 3.54
C PRO A 48 -8.93 -7.74 2.28
N HIS A 49 -9.58 -8.88 2.48
CA HIS A 49 -9.92 -9.76 1.37
C HIS A 49 -11.12 -9.20 0.60
N GLU A 50 -11.67 -8.11 1.13
CA GLU A 50 -12.80 -7.44 0.50
C GLU A 50 -12.35 -6.12 -0.11
N THR A 51 -11.05 -5.86 -0.08
CA THR A 51 -10.53 -4.57 -0.54
C THR A 51 -9.29 -4.74 -1.42
N GLY A 52 -8.29 -5.47 -0.93
CA GLY A 52 -7.10 -5.72 -1.73
C GLY A 52 -5.89 -4.94 -1.26
N PHE A 53 -6.13 -3.87 -0.50
CA PHE A 53 -5.05 -3.05 0.03
C PHE A 53 -5.47 -2.44 1.37
N VAL A 54 -4.52 -1.95 2.14
CA VAL A 54 -4.83 -1.39 3.44
C VAL A 54 -3.77 -0.38 3.88
N GLU A 55 -4.21 0.62 4.63
CA GLU A 55 -3.30 1.55 5.26
C GLU A 55 -3.51 1.49 6.77
N CYS A 56 -2.48 1.84 7.54
CA CYS A 56 -2.54 1.69 8.98
C CYS A 56 -3.12 2.93 9.64
N GLY A 57 -3.65 2.76 10.85
CA GLY A 57 -4.16 3.89 11.61
C GLY A 57 -3.08 4.51 12.48
N TYR A 58 -2.02 3.73 12.73
CA TYR A 58 -0.90 4.19 13.52
C TYR A 58 0.09 4.94 12.64
N CYS A 59 0.04 4.68 11.35
CA CYS A 59 0.93 5.31 10.40
C CYS A 59 0.30 5.34 9.01
N ASP A 60 0.59 6.40 8.27
CA ASP A 60 0.03 6.60 6.94
C ASP A 60 0.75 5.75 5.89
N ARG A 61 1.18 4.57 6.30
CA ARG A 61 1.86 3.67 5.39
C ARG A 61 0.83 2.82 4.65
N ARG A 62 1.06 2.64 3.37
CA ARG A 62 0.11 1.92 2.53
C ARG A 62 0.70 0.58 2.09
N TYR A 63 -0.09 -0.48 2.24
CA TYR A 63 0.35 -1.81 1.83
C TYR A 63 -0.50 -2.31 0.67
N ILE A 64 0.17 -2.58 -0.43
CA ILE A 64 -0.49 -3.04 -1.65
C ILE A 64 -0.11 -4.48 -1.94
N HIS A 65 -1.09 -5.31 -2.22
CA HIS A 65 -0.83 -6.69 -2.59
C HIS A 65 -0.18 -6.76 -3.96
N GLU A 66 0.75 -7.69 -4.14
CA GLU A 66 1.49 -7.83 -5.38
C GLU A 66 0.58 -7.94 -6.60
N SER A 67 -0.60 -8.50 -6.42
CA SER A 67 -1.53 -8.71 -7.53
C SER A 67 -2.11 -7.39 -8.02
N PHE A 68 -2.04 -6.36 -7.19
CA PHE A 68 -2.52 -5.04 -7.55
C PHE A 68 -1.35 -4.12 -7.91
N ALA A 69 -0.16 -4.57 -7.58
CA ALA A 69 1.04 -3.77 -7.78
C ALA A 69 1.79 -4.19 -9.04
N ALA A 70 1.08 -4.13 -10.17
CA ALA A 70 1.65 -4.42 -11.49
C ALA A 70 2.08 -5.88 -11.62
N ALA A 71 1.57 -6.72 -10.71
CA ALA A 71 1.83 -8.15 -10.72
C ALA A 71 3.30 -8.46 -10.38
N LYS A 72 3.67 -9.73 -10.54
CA LYS A 72 5.01 -10.19 -10.19
C LYS A 72 5.56 -11.04 -11.32
N LEU A 73 6.87 -11.25 -11.31
CA LEU A 73 7.54 -12.02 -12.36
C LEU A 73 7.03 -13.46 -12.40
N GLU A 74 6.79 -13.94 -13.60
CA GLU A 74 6.30 -15.29 -13.81
C GLU A 74 7.46 -16.27 -13.85
N HIS A 75 7.61 -17.08 -12.81
CA HIS A 75 8.68 -18.07 -12.78
C HIS A 75 8.25 -19.33 -12.03
N HIS A 76 8.21 -20.43 -12.75
CA HIS A 76 7.95 -21.75 -12.19
C HIS A 76 8.72 -22.80 -12.97
N HIS A 77 8.64 -24.05 -12.56
CA HIS A 77 9.38 -25.11 -13.21
C HIS A 77 8.47 -25.91 -14.13
N HIS A 78 8.99 -26.30 -15.28
CA HIS A 78 8.20 -27.03 -16.27
C HIS A 78 9.12 -27.89 -17.12
N HIS A 79 8.60 -29.03 -17.58
CA HIS A 79 9.35 -29.91 -18.46
C HIS A 79 8.39 -30.69 -19.33
N HIS A 80 8.93 -31.34 -20.35
CA HIS A 80 8.12 -32.15 -21.25
C HIS A 80 8.15 -33.61 -20.83
N MET A 1 -18.82 2.95 -4.71
CA MET A 1 -19.14 3.54 -6.03
C MET A 1 -17.96 4.37 -6.52
N ARG A 2 -17.68 4.30 -7.82
CA ARG A 2 -16.48 4.91 -8.36
C ARG A 2 -16.73 6.36 -8.80
N ARG A 3 -17.92 6.87 -8.55
CA ARG A 3 -18.20 8.29 -8.76
C ARG A 3 -17.67 9.08 -7.57
N GLN A 4 -16.42 9.52 -7.69
CA GLN A 4 -15.72 10.17 -6.60
C GLN A 4 -15.26 11.58 -7.03
N PRO A 5 -14.77 12.40 -6.08
CA PRO A 5 -14.32 13.78 -6.36
C PRO A 5 -13.35 13.89 -7.53
N LYS A 6 -13.86 14.36 -8.66
CA LYS A 6 -13.05 14.64 -9.84
C LYS A 6 -12.70 16.12 -9.89
N THR A 7 -11.43 16.43 -9.75
CA THR A 7 -10.98 17.82 -9.80
C THR A 7 -9.45 17.90 -9.85
N ARG A 8 -8.96 19.04 -10.31
CA ARG A 8 -7.53 19.33 -10.33
C ARG A 8 -7.33 20.84 -10.23
N GLN A 9 -6.75 21.28 -9.13
CA GLN A 9 -6.56 22.71 -8.88
C GLN A 9 -5.40 23.25 -9.69
N GLU A 10 -5.41 24.55 -9.92
CA GLU A 10 -4.37 25.23 -10.67
C GLU A 10 -3.38 25.90 -9.73
N SER A 11 -2.10 25.77 -10.06
CA SER A 11 -1.01 26.42 -9.31
C SER A 11 -0.98 25.95 -7.85
N ALA A 12 -0.20 24.90 -7.58
CA ALA A 12 -0.11 24.33 -6.24
C ALA A 12 1.10 24.87 -5.49
N ARG A 13 1.95 25.60 -6.20
CA ARG A 13 3.17 26.20 -5.64
C ARG A 13 4.21 25.13 -5.29
N MET A 14 3.96 24.39 -4.21
CA MET A 14 4.90 23.36 -3.74
C MET A 14 5.00 22.22 -4.74
N SER A 15 6.21 21.96 -5.21
CA SER A 15 6.45 20.90 -6.18
C SER A 15 7.07 19.68 -5.51
N ILE A 16 6.28 18.65 -5.33
CA ILE A 16 6.75 17.40 -4.72
C ILE A 16 6.40 16.23 -5.63
N GLU A 17 6.97 15.07 -5.35
CA GLU A 17 6.68 13.87 -6.11
C GLU A 17 5.95 12.87 -5.22
N ALA A 18 5.59 11.73 -5.79
CA ALA A 18 4.90 10.69 -5.03
C ALA A 18 5.93 9.71 -4.46
N PRO A 19 5.84 9.40 -3.16
CA PRO A 19 6.75 8.47 -2.49
C PRO A 19 6.57 7.04 -2.98
N GLU A 20 7.53 6.20 -2.66
CA GLU A 20 7.50 4.80 -3.09
C GLU A 20 6.69 3.96 -2.11
N THR A 21 5.76 3.17 -2.65
CA THR A 21 4.89 2.34 -1.84
C THR A 21 5.52 0.96 -1.66
N VAL A 22 5.04 0.21 -0.67
CA VAL A 22 5.61 -1.09 -0.37
C VAL A 22 4.69 -2.20 -0.85
N VAL A 23 5.16 -2.95 -1.85
CA VAL A 23 4.40 -4.05 -2.41
C VAL A 23 4.73 -5.34 -1.66
N VAL A 24 3.72 -5.98 -1.12
CA VAL A 24 3.90 -7.17 -0.30
C VAL A 24 3.37 -8.41 -1.00
N SER A 25 3.97 -9.54 -0.68
CA SER A 25 3.59 -10.81 -1.25
C SER A 25 2.75 -11.59 -0.24
N THR A 26 2.55 -10.98 0.92
CA THR A 26 1.79 -11.60 2.00
C THR A 26 0.51 -10.83 2.28
N TRP A 27 -0.45 -11.50 2.89
CA TRP A 27 -1.71 -10.87 3.25
C TRP A 27 -1.62 -10.27 4.65
N LYS A 28 -0.78 -10.86 5.48
CA LYS A 28 -0.51 -10.33 6.80
C LYS A 28 0.76 -9.50 6.80
N VAL A 29 0.75 -8.39 7.51
CA VAL A 29 1.93 -7.59 7.66
C VAL A 29 2.15 -7.24 9.12
N ALA A 30 3.28 -7.67 9.65
CA ALA A 30 3.65 -7.34 11.02
C ALA A 30 4.45 -6.05 11.01
N CYS A 31 3.76 -4.95 11.22
CA CYS A 31 4.36 -3.64 11.08
C CYS A 31 5.05 -3.24 12.36
N ASP A 32 6.29 -2.86 12.22
CA ASP A 32 7.11 -2.42 13.35
C ASP A 32 7.45 -0.95 13.16
N GLY A 33 6.83 -0.37 12.14
CA GLY A 33 7.07 1.03 11.81
C GLY A 33 8.09 1.19 10.71
N GLY A 34 8.70 2.37 10.66
CA GLY A 34 9.71 2.64 9.66
C GLY A 34 11.11 2.53 10.22
N GLU A 35 11.90 3.56 9.99
CA GLU A 35 13.27 3.62 10.49
C GLU A 35 13.32 3.81 12.00
N GLY A 36 14.52 3.77 12.56
CA GLY A 36 14.70 3.89 13.99
C GLY A 36 14.03 5.12 14.57
N ALA A 37 13.30 4.92 15.68
CA ALA A 37 12.58 5.99 16.39
C ALA A 37 11.34 6.46 15.61
N LEU A 38 11.30 6.17 14.32
CA LEU A 38 10.18 6.56 13.47
C LEU A 38 9.10 5.49 13.53
N GLY A 39 9.52 4.27 13.88
CA GLY A 39 8.60 3.15 13.93
C GLY A 39 7.67 3.19 15.14
N HIS A 40 6.98 2.08 15.36
CA HIS A 40 5.99 1.98 16.43
C HIS A 40 5.98 0.54 16.95
N PRO A 41 5.29 0.27 18.08
CA PRO A 41 5.11 -1.10 18.58
C PRO A 41 4.60 -2.03 17.49
N ARG A 42 5.12 -3.24 17.47
CA ARG A 42 4.82 -4.19 16.41
C ARG A 42 3.36 -4.61 16.43
N VAL A 43 2.66 -4.35 15.33
CA VAL A 43 1.25 -4.69 15.21
C VAL A 43 1.05 -5.66 14.06
N TRP A 44 -0.03 -6.42 14.11
CA TRP A 44 -0.35 -7.40 13.08
C TRP A 44 -1.55 -6.93 12.27
N LEU A 45 -1.30 -6.52 11.04
CA LEU A 45 -2.36 -6.06 10.16
C LEU A 45 -2.64 -7.12 9.10
N SER A 46 -3.81 -7.04 8.49
CA SER A 46 -4.20 -7.99 7.47
C SER A 46 -4.85 -7.26 6.30
N ILE A 47 -4.39 -7.54 5.10
CA ILE A 47 -4.95 -6.93 3.90
C ILE A 47 -6.31 -7.53 3.58
N PRO A 48 -7.32 -6.67 3.38
CA PRO A 48 -8.66 -7.10 2.99
C PRO A 48 -8.65 -8.05 1.80
N HIS A 49 -9.18 -9.24 2.00
CA HIS A 49 -9.17 -10.26 0.95
C HIS A 49 -10.26 -9.97 -0.09
N GLU A 50 -10.02 -8.93 -0.86
CA GLU A 50 -10.97 -8.48 -1.87
C GLU A 50 -10.37 -7.37 -2.72
N THR A 51 -9.53 -6.54 -2.11
CA THR A 51 -8.95 -5.40 -2.79
C THR A 51 -7.47 -5.63 -3.09
N GLY A 52 -6.64 -5.51 -2.07
CA GLY A 52 -5.22 -5.68 -2.25
C GLY A 52 -4.41 -4.53 -1.66
N PHE A 53 -5.09 -3.65 -0.91
CA PHE A 53 -4.40 -2.58 -0.19
C PHE A 53 -4.98 -2.48 1.20
N VAL A 54 -4.19 -1.98 2.15
CA VAL A 54 -4.66 -1.92 3.52
C VAL A 54 -4.38 -0.57 4.17
N GLU A 55 -3.16 -0.05 3.97
CA GLU A 55 -2.73 1.19 4.62
C GLU A 55 -2.63 0.98 6.13
N CYS A 56 -2.51 2.07 6.87
CA CYS A 56 -2.39 1.96 8.31
C CYS A 56 -3.14 3.08 9.01
N GLY A 57 -3.82 2.74 10.10
CA GLY A 57 -4.49 3.74 10.92
C GLY A 57 -3.63 4.09 12.12
N TYR A 58 -2.34 4.21 11.88
CA TYR A 58 -1.38 4.50 12.93
C TYR A 58 -0.16 5.15 12.30
N CYS A 59 0.33 4.54 11.23
CA CYS A 59 1.42 5.09 10.44
C CYS A 59 0.87 5.62 9.12
N ASP A 60 1.65 6.46 8.46
CA ASP A 60 1.21 7.10 7.23
C ASP A 60 1.69 6.34 6.00
N ARG A 61 2.16 5.11 6.21
CA ARG A 61 2.63 4.26 5.12
C ARG A 61 1.51 3.40 4.56
N ARG A 62 1.36 3.46 3.23
CA ARG A 62 0.37 2.63 2.53
C ARG A 62 1.01 1.31 2.09
N TYR A 63 0.22 0.24 2.07
CA TYR A 63 0.73 -1.07 1.68
C TYR A 63 -0.15 -1.69 0.60
N ILE A 64 0.49 -2.24 -0.42
CA ILE A 64 -0.21 -2.82 -1.55
C ILE A 64 0.27 -4.25 -1.81
N HIS A 65 -0.65 -5.15 -2.05
CA HIS A 65 -0.32 -6.54 -2.35
C HIS A 65 0.09 -6.66 -3.82
N GLU A 66 0.99 -7.59 -4.10
CA GLU A 66 1.53 -7.79 -5.44
C GLU A 66 0.43 -8.00 -6.49
N SER A 67 -0.70 -8.59 -6.07
CA SER A 67 -1.79 -8.88 -6.99
C SER A 67 -2.54 -7.60 -7.36
N PHE A 68 -2.58 -6.65 -6.44
CA PHE A 68 -3.24 -5.37 -6.69
C PHE A 68 -2.32 -4.48 -7.51
N ALA A 69 -1.03 -4.81 -7.46
CA ALA A 69 -0.03 -4.06 -8.19
C ALA A 69 -0.06 -4.44 -9.68
N ALA A 70 0.14 -5.72 -9.96
CA ALA A 70 0.20 -6.20 -11.34
C ALA A 70 0.19 -7.72 -11.44
N ALA A 71 0.82 -8.38 -10.47
CA ALA A 71 1.03 -9.82 -10.53
C ALA A 71 -0.27 -10.60 -10.37
N LYS A 72 -0.37 -11.71 -11.08
CA LYS A 72 -1.51 -12.61 -10.95
C LYS A 72 -1.00 -14.01 -10.65
N LEU A 73 -1.74 -14.74 -9.82
CA LEU A 73 -1.30 -16.05 -9.39
C LEU A 73 -1.95 -17.15 -10.23
N GLU A 74 -1.17 -18.17 -10.52
CA GLU A 74 -1.64 -19.35 -11.24
C GLU A 74 -1.89 -20.46 -10.22
N HIS A 75 -2.07 -21.69 -10.70
CA HIS A 75 -2.37 -22.82 -9.83
C HIS A 75 -3.65 -22.58 -9.04
N HIS A 76 -4.59 -21.89 -9.70
CA HIS A 76 -5.88 -21.59 -9.10
C HIS A 76 -6.82 -22.77 -9.31
N HIS A 77 -6.27 -23.84 -9.88
CA HIS A 77 -6.98 -25.08 -10.11
C HIS A 77 -7.54 -25.64 -8.81
N HIS A 78 -8.84 -25.48 -8.62
CA HIS A 78 -9.51 -25.99 -7.43
C HIS A 78 -10.31 -27.23 -7.83
N HIS A 79 -10.20 -28.28 -7.04
CA HIS A 79 -10.86 -29.54 -7.38
C HIS A 79 -12.31 -29.54 -6.93
N HIS A 80 -13.17 -30.02 -7.82
CA HIS A 80 -14.59 -30.18 -7.53
C HIS A 80 -14.85 -31.57 -6.96
N MET A 1 -32.05 29.60 5.33
CA MET A 1 -32.06 28.27 4.66
C MET A 1 -30.77 27.54 4.95
N ARG A 2 -30.62 26.34 4.39
CA ARG A 2 -29.44 25.53 4.67
C ARG A 2 -28.58 25.33 3.44
N ARG A 3 -27.48 26.10 3.39
CA ARG A 3 -26.45 25.93 2.38
C ARG A 3 -25.11 26.34 2.96
N GLN A 4 -24.38 25.37 3.50
CA GLN A 4 -23.08 25.65 4.11
C GLN A 4 -21.99 25.58 3.05
N PRO A 5 -21.31 26.70 2.79
CA PRO A 5 -20.27 26.79 1.76
C PRO A 5 -19.09 25.87 2.05
N LYS A 6 -18.99 24.81 1.26
CA LYS A 6 -17.88 23.87 1.36
C LYS A 6 -17.26 23.63 0.00
N THR A 7 -16.19 24.37 -0.28
CA THR A 7 -15.52 24.28 -1.56
C THR A 7 -14.08 23.80 -1.37
N ARG A 8 -13.68 22.81 -2.16
CA ARG A 8 -12.32 22.32 -2.10
C ARG A 8 -11.52 22.89 -3.27
N GLN A 9 -10.72 23.90 -2.97
CA GLN A 9 -9.95 24.58 -3.99
C GLN A 9 -8.54 24.02 -4.07
N GLU A 10 -8.26 23.33 -5.16
CA GLU A 10 -6.94 22.78 -5.38
C GLU A 10 -6.42 23.19 -6.76
N SER A 11 -5.51 24.15 -6.75
CA SER A 11 -4.83 24.57 -7.97
C SER A 11 -3.33 24.35 -7.78
N ALA A 12 -2.90 23.13 -8.04
CA ALA A 12 -1.54 22.73 -7.73
C ALA A 12 -0.55 23.23 -8.77
N ARG A 13 0.36 24.09 -8.31
CA ARG A 13 1.39 24.66 -9.17
C ARG A 13 2.47 23.62 -9.48
N MET A 14 2.91 22.91 -8.45
CA MET A 14 3.92 21.88 -8.64
C MET A 14 3.48 20.59 -7.93
N SER A 15 2.83 19.72 -8.68
CA SER A 15 2.31 18.48 -8.13
C SER A 15 3.38 17.39 -8.14
N ILE A 16 4.01 17.17 -6.99
CA ILE A 16 5.03 16.14 -6.87
C ILE A 16 4.48 14.94 -6.12
N GLU A 17 5.15 13.83 -6.21
CA GLU A 17 4.74 12.62 -5.52
C GLU A 17 5.94 11.69 -5.35
N ALA A 18 6.13 11.20 -4.14
CA ALA A 18 7.23 10.31 -3.83
C ALA A 18 6.93 9.47 -2.59
N PRO A 19 5.95 8.57 -2.70
CA PRO A 19 5.57 7.71 -1.60
C PRO A 19 6.30 6.37 -1.64
N GLU A 20 6.28 5.65 -0.53
CA GLU A 20 6.85 4.32 -0.48
C GLU A 20 5.78 3.29 -0.17
N THR A 21 5.13 2.82 -1.22
CA THR A 21 4.10 1.80 -1.07
C THR A 21 4.73 0.42 -1.18
N VAL A 22 4.71 -0.32 -0.10
CA VAL A 22 5.37 -1.61 -0.05
C VAL A 22 4.51 -2.68 -0.71
N VAL A 23 5.06 -3.28 -1.76
CA VAL A 23 4.38 -4.38 -2.44
C VAL A 23 4.61 -5.67 -1.70
N VAL A 24 3.53 -6.24 -1.19
CA VAL A 24 3.63 -7.41 -0.32
C VAL A 24 3.10 -8.66 -1.00
N SER A 25 3.63 -9.80 -0.58
CA SER A 25 3.17 -11.08 -1.07
C SER A 25 2.47 -11.84 0.07
N THR A 26 2.28 -11.13 1.17
CA THR A 26 1.67 -11.70 2.36
C THR A 26 0.53 -10.81 2.84
N TRP A 27 -0.62 -11.41 3.13
CA TRP A 27 -1.79 -10.66 3.57
C TRP A 27 -1.69 -10.30 5.06
N LYS A 28 -0.87 -11.05 5.77
CA LYS A 28 -0.63 -10.78 7.19
C LYS A 28 0.71 -10.08 7.37
N VAL A 29 0.67 -8.77 7.61
CA VAL A 29 1.89 -8.00 7.69
C VAL A 29 2.17 -7.55 9.13
N ALA A 30 3.43 -7.36 9.44
CA ALA A 30 3.85 -6.90 10.75
C ALA A 30 4.62 -5.59 10.61
N CYS A 31 4.05 -4.51 11.08
CA CYS A 31 4.68 -3.20 10.97
C CYS A 31 5.32 -2.84 12.30
N ASP A 32 6.41 -2.08 12.24
CA ASP A 32 7.15 -1.72 13.45
C ASP A 32 7.66 -0.28 13.36
N GLY A 33 6.94 0.52 12.58
CA GLY A 33 7.29 1.93 12.44
C GLY A 33 8.37 2.16 11.42
N GLY A 34 9.29 3.05 11.74
CA GLY A 34 10.39 3.36 10.85
C GLY A 34 11.73 3.00 11.44
N GLU A 35 12.78 3.65 10.96
CA GLU A 35 14.13 3.39 11.45
C GLU A 35 14.25 3.79 12.93
N GLY A 36 15.13 3.11 13.64
CA GLY A 36 15.25 3.33 15.08
C GLY A 36 13.99 2.88 15.80
N ALA A 37 13.38 3.80 16.53
CA ALA A 37 12.12 3.55 17.20
C ALA A 37 11.10 4.59 16.77
N LEU A 38 11.34 5.20 15.62
CA LEU A 38 10.49 6.27 15.12
C LEU A 38 9.18 5.73 14.59
N GLY A 39 8.09 6.05 15.27
CA GLY A 39 6.79 5.61 14.83
C GLY A 39 6.02 4.90 15.93
N HIS A 40 5.42 3.79 15.56
CA HIS A 40 4.60 3.02 16.47
C HIS A 40 5.25 1.66 16.73
N PRO A 41 4.91 1.02 17.87
CA PRO A 41 5.39 -0.33 18.20
C PRO A 41 4.89 -1.38 17.21
N ARG A 42 5.57 -2.52 17.17
CA ARG A 42 5.23 -3.60 16.26
C ARG A 42 3.75 -3.99 16.37
N VAL A 43 3.11 -4.11 15.22
CA VAL A 43 1.71 -4.49 15.15
C VAL A 43 1.48 -5.51 14.04
N TRP A 44 0.36 -6.19 14.16
CA TRP A 44 -0.05 -7.17 13.19
C TRP A 44 -1.29 -6.68 12.45
N LEU A 45 -1.26 -6.72 11.13
CA LEU A 45 -2.38 -6.29 10.33
C LEU A 45 -2.87 -7.39 9.41
N SER A 46 -4.09 -7.23 8.91
CA SER A 46 -4.65 -8.18 7.96
C SER A 46 -5.18 -7.43 6.74
N ILE A 47 -4.50 -7.61 5.61
CA ILE A 47 -4.87 -6.92 4.39
C ILE A 47 -6.16 -7.50 3.81
N PRO A 48 -7.16 -6.64 3.55
CA PRO A 48 -8.44 -7.07 2.99
C PRO A 48 -8.28 -7.55 1.55
N HIS A 49 -8.75 -8.76 1.29
CA HIS A 49 -8.61 -9.39 -0.03
C HIS A 49 -9.45 -8.67 -1.07
N GLU A 50 -10.52 -8.03 -0.60
CA GLU A 50 -11.43 -7.32 -1.48
C GLU A 50 -10.85 -5.99 -1.95
N THR A 51 -9.79 -5.52 -1.30
CA THR A 51 -9.16 -4.27 -1.69
C THR A 51 -7.74 -4.51 -2.22
N GLY A 52 -7.03 -5.45 -1.62
CA GLY A 52 -5.68 -5.76 -2.05
C GLY A 52 -4.66 -4.83 -1.44
N PHE A 53 -5.09 -3.62 -1.10
CA PHE A 53 -4.25 -2.66 -0.43
C PHE A 53 -4.86 -2.30 0.92
N VAL A 54 -4.02 -1.83 1.83
CA VAL A 54 -4.47 -1.49 3.17
C VAL A 54 -3.74 -0.24 3.67
N GLU A 55 -4.49 0.62 4.35
CA GLU A 55 -3.92 1.77 5.03
C GLU A 55 -3.65 1.41 6.48
N CYS A 56 -2.46 1.73 6.98
CA CYS A 56 -2.12 1.39 8.36
C CYS A 56 -2.96 2.20 9.34
N GLY A 57 -3.47 1.53 10.36
CA GLY A 57 -4.31 2.21 11.33
C GLY A 57 -3.54 3.18 12.21
N TYR A 58 -2.25 2.93 12.38
CA TYR A 58 -1.40 3.78 13.19
C TYR A 58 -0.82 4.92 12.36
N CYS A 59 -0.16 4.56 11.27
CA CYS A 59 0.58 5.54 10.50
C CYS A 59 0.04 5.61 9.08
N ASP A 60 0.25 6.77 8.43
CA ASP A 60 -0.22 7.03 7.08
C ASP A 60 0.67 6.33 6.05
N ARG A 61 1.06 5.10 6.37
CA ARG A 61 1.81 4.25 5.47
C ARG A 61 0.87 3.27 4.81
N ARG A 62 1.08 2.97 3.55
CA ARG A 62 0.17 2.12 2.81
C ARG A 62 0.89 0.91 2.24
N TYR A 63 0.24 -0.24 2.32
CA TYR A 63 0.80 -1.48 1.79
C TYR A 63 -0.12 -2.04 0.72
N ILE A 64 0.45 -2.61 -0.33
CA ILE A 64 -0.35 -3.14 -1.43
C ILE A 64 0.13 -4.52 -1.84
N HIS A 65 -0.83 -5.42 -2.10
CA HIS A 65 -0.51 -6.77 -2.53
C HIS A 65 0.01 -6.76 -3.97
N GLU A 66 0.90 -7.70 -4.27
CA GLU A 66 1.51 -7.82 -5.58
C GLU A 66 0.48 -7.84 -6.72
N SER A 67 -0.66 -8.47 -6.48
CA SER A 67 -1.69 -8.62 -7.51
C SER A 67 -2.24 -7.26 -7.93
N PHE A 68 -2.47 -6.38 -6.97
CA PHE A 68 -3.02 -5.07 -7.25
C PHE A 68 -1.92 -4.09 -7.65
N ALA A 69 -0.68 -4.52 -7.49
CA ALA A 69 0.46 -3.71 -7.92
C ALA A 69 0.57 -3.73 -9.44
N ALA A 70 0.32 -4.90 -10.02
CA ALA A 70 0.26 -5.03 -11.47
C ALA A 70 -1.08 -4.51 -11.98
N ALA A 71 -2.08 -4.60 -11.11
CA ALA A 71 -3.42 -4.05 -11.37
C ALA A 71 -4.20 -4.91 -12.36
N LYS A 72 -3.79 -4.89 -13.63
CA LYS A 72 -4.55 -5.58 -14.66
C LYS A 72 -3.77 -5.69 -15.96
N LEU A 73 -2.99 -4.66 -16.27
CA LEU A 73 -2.28 -4.59 -17.54
C LEU A 73 -0.86 -5.16 -17.42
N GLU A 74 -0.23 -5.36 -18.57
CA GLU A 74 1.12 -5.90 -18.69
C GLU A 74 1.15 -7.41 -18.44
N HIS A 75 1.46 -8.15 -19.49
CA HIS A 75 1.64 -9.59 -19.38
C HIS A 75 2.96 -10.00 -20.02
N HIS A 76 4.02 -9.92 -19.23
CA HIS A 76 5.36 -10.26 -19.67
C HIS A 76 6.14 -10.83 -18.50
N HIS A 77 7.41 -11.13 -18.70
CA HIS A 77 8.26 -11.65 -17.64
C HIS A 77 8.92 -10.49 -16.92
N HIS A 78 8.27 -10.01 -15.87
CA HIS A 78 8.70 -8.81 -15.18
C HIS A 78 9.92 -9.13 -14.29
N HIS A 79 11.10 -9.14 -14.91
CA HIS A 79 12.38 -9.36 -14.22
C HIS A 79 12.56 -10.83 -13.83
N HIS A 80 11.48 -11.60 -13.89
CA HIS A 80 11.49 -13.02 -13.55
C HIS A 80 10.12 -13.61 -13.83
N MET A 1 14.61 -12.26 -25.45
CA MET A 1 14.50 -13.20 -26.58
C MET A 1 13.21 -12.96 -27.35
N ARG A 2 12.10 -13.42 -26.78
CA ARG A 2 10.80 -13.35 -27.45
C ARG A 2 10.23 -11.93 -27.40
N ARG A 3 10.20 -11.28 -28.55
CA ARG A 3 9.71 -9.90 -28.62
C ARG A 3 8.61 -9.78 -29.68
N GLN A 4 7.35 -9.78 -29.24
CA GLN A 4 6.21 -9.63 -30.13
C GLN A 4 4.92 -9.54 -29.32
N PRO A 5 4.53 -8.31 -28.94
CA PRO A 5 3.31 -8.09 -28.17
C PRO A 5 2.08 -7.93 -29.06
N LYS A 6 1.07 -8.76 -28.82
CA LYS A 6 -0.15 -8.71 -29.62
C LYS A 6 -1.16 -7.77 -28.99
N THR A 7 -0.85 -7.32 -27.77
CA THR A 7 -1.69 -6.36 -27.07
C THR A 7 -0.83 -5.26 -26.47
N ARG A 8 -1.19 -4.01 -26.73
CA ARG A 8 -0.41 -2.88 -26.24
C ARG A 8 -1.08 -2.28 -25.02
N GLN A 9 -0.30 -2.11 -23.96
CA GLN A 9 -0.82 -1.53 -22.73
C GLN A 9 0.18 -0.51 -22.17
N GLU A 10 -0.21 0.16 -21.09
CA GLU A 10 0.64 1.16 -20.45
C GLU A 10 0.92 2.33 -21.40
N SER A 11 -0.07 2.65 -22.22
CA SER A 11 0.05 3.76 -23.16
C SER A 11 -0.30 5.07 -22.45
N ALA A 12 0.47 6.12 -22.76
CA ALA A 12 0.32 7.44 -22.13
C ALA A 12 0.84 7.42 -20.69
N ARG A 13 0.30 6.53 -19.87
CA ARG A 13 0.81 6.33 -18.53
C ARG A 13 1.72 5.11 -18.54
N MET A 14 3.01 5.37 -18.68
CA MET A 14 4.00 4.30 -18.84
C MET A 14 4.27 3.61 -17.52
N SER A 15 4.14 4.36 -16.43
CA SER A 15 4.31 3.83 -15.08
C SER A 15 5.77 3.46 -14.78
N ILE A 16 6.27 3.91 -13.64
CA ILE A 16 7.63 3.60 -13.23
C ILE A 16 7.62 2.71 -11.99
N GLU A 17 8.68 1.94 -11.81
CA GLU A 17 8.80 1.08 -10.64
C GLU A 17 9.29 1.89 -9.45
N ALA A 18 8.36 2.27 -8.58
CA ALA A 18 8.66 3.14 -7.46
C ALA A 18 9.32 2.39 -6.31
N PRO A 19 10.41 2.94 -5.77
CA PRO A 19 11.04 2.41 -4.56
C PRO A 19 10.28 2.82 -3.31
N GLU A 20 10.66 2.24 -2.17
CA GLU A 20 9.97 2.47 -0.90
C GLU A 20 8.57 1.85 -0.95
N THR A 21 7.85 1.88 0.16
CA THR A 21 6.53 1.27 0.24
C THR A 21 6.62 -0.27 0.14
N VAL A 22 5.82 -0.96 0.90
CA VAL A 22 5.91 -2.41 0.98
C VAL A 22 4.85 -3.08 0.14
N VAL A 23 5.26 -3.59 -1.01
CA VAL A 23 4.40 -4.41 -1.86
C VAL A 23 4.72 -5.87 -1.63
N VAL A 24 3.71 -6.66 -1.29
CA VAL A 24 3.92 -8.04 -0.89
C VAL A 24 2.83 -8.95 -1.43
N SER A 25 3.13 -10.25 -1.41
CA SER A 25 2.16 -11.27 -1.79
C SER A 25 1.55 -11.86 -0.53
N THR A 26 2.02 -11.36 0.60
CA THR A 26 1.56 -11.81 1.90
C THR A 26 0.50 -10.86 2.45
N TRP A 27 -0.58 -11.41 2.97
CA TRP A 27 -1.67 -10.59 3.49
C TRP A 27 -1.34 -10.04 4.88
N LYS A 28 -0.65 -10.83 5.67
CA LYS A 28 -0.28 -10.42 7.01
C LYS A 28 1.03 -9.64 7.00
N VAL A 29 0.95 -8.37 7.35
CA VAL A 29 2.12 -7.52 7.39
C VAL A 29 2.37 -6.99 8.79
N ALA A 30 3.62 -7.03 9.21
CA ALA A 30 4.00 -6.51 10.51
C ALA A 30 4.42 -5.05 10.40
N CYS A 31 3.56 -4.17 10.87
CA CYS A 31 3.81 -2.74 10.79
C CYS A 31 4.63 -2.29 12.01
N ASP A 32 5.47 -1.28 11.80
CA ASP A 32 6.39 -0.83 12.83
C ASP A 32 6.91 0.56 12.48
N GLY A 33 6.04 1.54 12.61
CA GLY A 33 6.43 2.91 12.33
C GLY A 33 5.85 3.41 11.02
N GLY A 34 6.31 4.57 10.58
CA GLY A 34 5.81 5.14 9.35
C GLY A 34 6.49 6.41 8.97
N GLU A 35 5.85 7.21 8.11
CA GLU A 35 6.39 8.48 7.68
C GLU A 35 6.29 9.52 8.78
N GLY A 36 7.16 10.52 8.74
CA GLY A 36 7.15 11.56 9.75
C GLY A 36 7.64 11.05 11.09
N ALA A 37 6.85 11.28 12.13
CA ALA A 37 7.19 10.82 13.46
C ALA A 37 6.19 9.78 13.94
N LEU A 38 5.39 9.27 13.01
CA LEU A 38 4.33 8.32 13.35
C LEU A 38 4.89 6.93 13.61
N GLY A 39 5.57 6.77 14.72
CA GLY A 39 6.10 5.48 15.09
C GLY A 39 5.23 4.81 16.13
N HIS A 40 5.23 3.49 16.13
CA HIS A 40 4.43 2.71 17.06
C HIS A 40 5.01 1.31 17.19
N PRO A 41 4.67 0.57 18.25
CA PRO A 41 5.09 -0.83 18.43
C PRO A 41 4.64 -1.70 17.26
N ARG A 42 5.32 -2.84 17.09
CA ARG A 42 5.02 -3.73 15.99
C ARG A 42 3.62 -4.33 16.12
N VAL A 43 2.85 -4.21 15.04
CA VAL A 43 1.49 -4.72 15.01
C VAL A 43 1.31 -5.64 13.82
N TRP A 44 0.33 -6.53 13.91
CA TRP A 44 0.04 -7.46 12.84
C TRP A 44 -1.20 -7.03 12.08
N LEU A 45 -1.04 -6.62 10.84
CA LEU A 45 -2.15 -6.19 10.03
C LEU A 45 -2.47 -7.22 8.95
N SER A 46 -3.71 -7.23 8.54
CA SER A 46 -4.15 -8.13 7.47
C SER A 46 -4.71 -7.31 6.33
N ILE A 47 -3.95 -7.24 5.24
CA ILE A 47 -4.32 -6.46 4.08
C ILE A 47 -5.71 -6.84 3.58
N PRO A 48 -6.62 -5.86 3.49
CA PRO A 48 -7.98 -6.05 3.00
C PRO A 48 -8.02 -6.90 1.73
N HIS A 49 -8.69 -8.05 1.84
CA HIS A 49 -8.61 -9.11 0.84
C HIS A 49 -9.51 -8.82 -0.36
N GLU A 50 -10.32 -7.79 -0.27
CA GLU A 50 -11.25 -7.47 -1.35
C GLU A 50 -10.72 -6.30 -2.19
N THR A 51 -9.88 -5.46 -1.59
CA THR A 51 -9.33 -4.32 -2.29
C THR A 51 -7.91 -4.60 -2.78
N GLY A 52 -7.03 -5.04 -1.89
CA GLY A 52 -5.68 -5.37 -2.28
C GLY A 52 -4.65 -4.39 -1.75
N PHE A 53 -5.09 -3.49 -0.87
CA PHE A 53 -4.19 -2.54 -0.24
C PHE A 53 -4.71 -2.20 1.14
N VAL A 54 -3.82 -1.97 2.09
CA VAL A 54 -4.23 -1.67 3.45
C VAL A 54 -3.88 -0.25 3.86
N GLU A 55 -4.87 0.43 4.40
CA GLU A 55 -4.67 1.75 4.98
C GLU A 55 -4.69 1.62 6.50
N CYS A 56 -3.54 1.80 7.13
CA CYS A 56 -3.41 1.60 8.58
C CYS A 56 -4.27 2.59 9.35
N GLY A 57 -4.95 2.08 10.37
CA GLY A 57 -5.79 2.92 11.21
C GLY A 57 -5.04 3.49 12.39
N TYR A 58 -3.77 3.80 12.17
CA TYR A 58 -2.91 4.39 13.18
C TYR A 58 -1.87 5.26 12.50
N CYS A 59 -1.04 4.63 11.68
CA CYS A 59 0.00 5.32 10.95
C CYS A 59 -0.44 5.52 9.49
N ASP A 60 0.39 6.19 8.72
CA ASP A 60 0.05 6.50 7.34
C ASP A 60 0.96 5.71 6.40
N ARG A 61 0.93 4.41 6.55
CA ARG A 61 1.68 3.52 5.70
C ARG A 61 0.74 2.69 4.83
N ARG A 62 0.93 2.75 3.53
CA ARG A 62 0.13 1.97 2.60
C ARG A 62 0.88 0.76 2.09
N TYR A 63 0.38 -0.41 2.41
CA TYR A 63 0.95 -1.67 1.95
C TYR A 63 0.10 -2.21 0.81
N ILE A 64 0.74 -2.58 -0.29
CA ILE A 64 0.01 -3.01 -1.47
C ILE A 64 0.26 -4.49 -1.75
N HIS A 65 -0.78 -5.20 -2.15
CA HIS A 65 -0.64 -6.60 -2.52
C HIS A 65 -0.24 -6.70 -3.98
N GLU A 66 0.59 -7.69 -4.28
CA GLU A 66 1.14 -7.87 -5.63
C GLU A 66 0.06 -7.95 -6.71
N SER A 67 -1.12 -8.44 -6.35
CA SER A 67 -2.19 -8.59 -7.32
C SER A 67 -2.77 -7.24 -7.71
N PHE A 68 -2.73 -6.29 -6.78
CA PHE A 68 -3.27 -4.97 -7.05
C PHE A 68 -2.26 -4.15 -7.85
N ALA A 69 -0.98 -4.49 -7.68
CA ALA A 69 0.13 -3.76 -8.29
C ALA A 69 1.46 -4.29 -7.78
N ALA A 70 2.07 -5.18 -8.55
CA ALA A 70 3.36 -5.75 -8.17
C ALA A 70 4.52 -4.90 -8.66
N ALA A 71 4.73 -4.89 -9.97
CA ALA A 71 5.83 -4.16 -10.58
C ALA A 71 5.60 -4.03 -12.08
N LYS A 72 6.59 -3.50 -12.78
CA LYS A 72 6.50 -3.34 -14.24
C LYS A 72 7.24 -4.50 -14.91
N LEU A 73 8.36 -4.88 -14.33
CA LEU A 73 9.13 -6.02 -14.80
C LEU A 73 8.98 -7.17 -13.82
N GLU A 74 9.87 -8.15 -13.91
CA GLU A 74 9.88 -9.26 -12.95
C GLU A 74 10.34 -8.75 -11.59
N HIS A 75 11.35 -7.88 -11.60
CA HIS A 75 11.81 -7.13 -10.43
C HIS A 75 12.04 -8.03 -9.21
N HIS A 76 12.54 -9.24 -9.44
CA HIS A 76 12.90 -10.12 -8.35
C HIS A 76 14.39 -10.39 -8.36
N HIS A 77 14.99 -10.38 -7.19
CA HIS A 77 16.42 -10.57 -7.07
C HIS A 77 16.79 -12.04 -7.26
N HIS A 78 17.49 -12.33 -8.34
CA HIS A 78 17.91 -13.69 -8.64
C HIS A 78 19.09 -14.08 -7.77
N HIS A 79 18.82 -14.85 -6.73
CA HIS A 79 19.88 -15.34 -5.84
C HIS A 79 20.24 -16.76 -6.23
N HIS A 80 21.12 -17.37 -5.45
CA HIS A 80 21.53 -18.73 -5.73
C HIS A 80 20.82 -19.67 -4.77
N MET A 1 -2.19 0.38 -30.72
CA MET A 1 -1.59 1.58 -30.11
C MET A 1 -1.34 1.38 -28.61
N ARG A 2 -2.40 1.26 -27.83
CA ARG A 2 -2.26 1.23 -26.39
C ARG A 2 -3.32 0.32 -25.74
N ARG A 3 -2.85 -0.72 -25.08
CA ARG A 3 -3.70 -1.55 -24.22
C ARG A 3 -3.03 -1.66 -22.86
N GLN A 4 -3.79 -1.49 -21.79
CA GLN A 4 -3.20 -1.44 -20.45
C GLN A 4 -3.74 -2.53 -19.54
N PRO A 5 -3.06 -3.67 -19.48
CA PRO A 5 -3.33 -4.70 -18.49
C PRO A 5 -2.40 -4.52 -17.29
N LYS A 6 -2.80 -3.65 -16.36
CA LYS A 6 -1.95 -3.33 -15.22
C LYS A 6 -1.97 -4.45 -14.19
N THR A 7 -3.17 -4.83 -13.77
CA THR A 7 -3.33 -5.83 -12.74
C THR A 7 -3.47 -7.23 -13.34
N ARG A 8 -2.45 -8.06 -13.13
CA ARG A 8 -2.52 -9.46 -13.52
C ARG A 8 -2.38 -10.33 -12.28
N GLN A 9 -2.98 -11.50 -12.29
CA GLN A 9 -2.85 -12.42 -11.18
C GLN A 9 -1.57 -13.24 -11.33
N GLU A 10 -0.45 -12.52 -11.33
CA GLU A 10 0.87 -13.12 -11.40
C GLU A 10 1.52 -13.05 -10.02
N SER A 11 2.85 -13.03 -9.98
CA SER A 11 3.56 -13.01 -8.71
C SER A 11 4.61 -11.90 -8.67
N ALA A 12 5.05 -11.59 -7.45
CA ALA A 12 6.18 -10.71 -7.23
C ALA A 12 7.12 -11.34 -6.21
N ARG A 13 8.06 -12.14 -6.71
CA ARG A 13 8.96 -12.91 -5.86
C ARG A 13 10.16 -12.08 -5.44
N MET A 14 9.90 -10.92 -4.88
CA MET A 14 10.94 -10.01 -4.42
C MET A 14 10.53 -9.34 -3.11
N SER A 15 11.51 -8.89 -2.35
CA SER A 15 11.25 -8.21 -1.09
C SER A 15 12.33 -7.15 -0.80
N ILE A 16 12.85 -6.53 -1.85
CA ILE A 16 13.89 -5.52 -1.69
C ILE A 16 13.27 -4.13 -1.80
N GLU A 17 14.00 -3.11 -1.34
CA GLU A 17 13.53 -1.74 -1.38
C GLU A 17 13.47 -1.22 -2.83
N ALA A 18 12.27 -0.90 -3.28
CA ALA A 18 12.07 -0.42 -4.64
C ALA A 18 11.25 0.87 -4.65
N PRO A 19 11.51 1.77 -5.61
CA PRO A 19 10.79 3.04 -5.72
C PRO A 19 9.37 2.87 -6.26
N GLU A 20 8.43 2.81 -5.33
CA GLU A 20 7.00 2.66 -5.59
C GLU A 20 6.26 2.63 -4.26
N THR A 21 4.99 2.27 -4.31
CA THR A 21 4.23 1.99 -3.10
C THR A 21 4.69 0.66 -2.50
N VAL A 22 4.24 0.33 -1.29
CA VAL A 22 4.78 -0.84 -0.61
C VAL A 22 4.07 -2.10 -1.07
N VAL A 23 4.74 -2.85 -1.94
CA VAL A 23 4.20 -4.09 -2.47
C VAL A 23 4.47 -5.23 -1.50
N VAL A 24 3.41 -5.92 -1.10
CA VAL A 24 3.52 -7.02 -0.16
C VAL A 24 3.02 -8.32 -0.77
N SER A 25 3.58 -9.42 -0.32
CA SER A 25 3.18 -10.74 -0.79
C SER A 25 2.35 -11.43 0.30
N THR A 26 2.30 -10.80 1.46
CA THR A 26 1.60 -11.37 2.60
C THR A 26 0.41 -10.49 3.01
N TRP A 27 -0.73 -11.12 3.28
CA TRP A 27 -1.91 -10.39 3.73
C TRP A 27 -1.76 -9.98 5.19
N LYS A 28 -1.16 -10.86 5.99
CA LYS A 28 -0.92 -10.56 7.40
C LYS A 28 0.51 -10.06 7.58
N VAL A 29 0.63 -8.76 7.82
CA VAL A 29 1.93 -8.13 7.92
C VAL A 29 2.21 -7.65 9.33
N ALA A 30 3.38 -8.00 9.83
CA ALA A 30 3.83 -7.55 11.13
C ALA A 30 4.65 -6.28 10.98
N CYS A 31 4.08 -5.15 11.39
CA CYS A 31 4.75 -3.88 11.24
C CYS A 31 5.41 -3.49 12.53
N ASP A 32 6.62 -2.96 12.43
CA ASP A 32 7.40 -2.60 13.61
C ASP A 32 7.80 -1.13 13.54
N GLY A 33 7.15 -0.41 12.66
CA GLY A 33 7.39 1.01 12.54
C GLY A 33 8.55 1.33 11.62
N GLY A 34 9.63 1.80 12.20
CA GLY A 34 10.77 2.21 11.41
C GLY A 34 12.07 1.99 12.16
N GLU A 35 13.17 1.94 11.40
CA GLU A 35 14.50 1.74 11.97
C GLU A 35 14.78 2.75 13.06
N GLY A 36 15.42 2.29 14.13
CA GLY A 36 15.70 3.15 15.26
C GLY A 36 14.51 3.25 16.19
N ALA A 37 14.12 4.46 16.53
CA ALA A 37 12.98 4.69 17.41
C ALA A 37 11.94 5.55 16.69
N LEU A 38 11.94 5.46 15.37
CA LEU A 38 11.08 6.30 14.54
C LEU A 38 9.81 5.55 14.13
N GLY A 39 9.39 4.61 14.96
CA GLY A 39 8.24 3.80 14.63
C GLY A 39 7.39 3.47 15.82
N HIS A 40 6.28 2.81 15.56
CA HIS A 40 5.34 2.39 16.60
C HIS A 40 5.70 1.00 17.11
N PRO A 41 5.14 0.56 18.24
CA PRO A 41 5.34 -0.80 18.74
C PRO A 41 4.87 -1.85 17.73
N ARG A 42 5.52 -3.01 17.75
CA ARG A 42 5.24 -4.09 16.79
C ARG A 42 3.74 -4.44 16.77
N VAL A 43 3.17 -4.47 15.57
CA VAL A 43 1.75 -4.78 15.42
C VAL A 43 1.53 -5.78 14.31
N TRP A 44 0.36 -6.36 14.31
CA TRP A 44 -0.04 -7.33 13.33
C TRP A 44 -1.24 -6.81 12.55
N LEU A 45 -1.05 -6.60 11.25
CA LEU A 45 -2.12 -6.09 10.42
C LEU A 45 -2.63 -7.19 9.51
N SER A 46 -3.83 -7.00 8.99
CA SER A 46 -4.42 -7.94 8.05
C SER A 46 -5.05 -7.17 6.91
N ILE A 47 -4.48 -7.31 5.72
CA ILE A 47 -4.93 -6.56 4.55
C ILE A 47 -6.26 -7.09 4.05
N PRO A 48 -7.25 -6.20 3.86
CA PRO A 48 -8.55 -6.55 3.29
C PRO A 48 -8.40 -7.36 2.00
N HIS A 49 -9.01 -8.53 1.99
CA HIS A 49 -8.76 -9.51 0.93
C HIS A 49 -9.54 -9.20 -0.33
N GLU A 50 -10.52 -8.31 -0.24
CA GLU A 50 -11.35 -7.97 -1.39
C GLU A 50 -10.94 -6.61 -1.97
N THR A 51 -10.03 -5.93 -1.28
CA THR A 51 -9.52 -4.67 -1.78
C THR A 51 -8.16 -4.86 -2.44
N GLY A 52 -7.22 -5.44 -1.69
CA GLY A 52 -5.90 -5.67 -2.21
C GLY A 52 -4.91 -4.62 -1.72
N PHE A 53 -5.37 -3.75 -0.84
CA PHE A 53 -4.53 -2.68 -0.31
C PHE A 53 -5.01 -2.26 1.08
N VAL A 54 -4.11 -1.68 1.86
CA VAL A 54 -4.44 -1.22 3.20
C VAL A 54 -3.57 -0.01 3.57
N GLU A 55 -4.14 0.90 4.35
CA GLU A 55 -3.42 2.07 4.82
C GLU A 55 -3.09 1.92 6.30
N CYS A 56 -1.84 2.18 6.67
CA CYS A 56 -1.48 2.16 8.07
C CYS A 56 -1.80 3.50 8.71
N GLY A 57 -2.92 3.56 9.41
CA GLY A 57 -3.34 4.79 10.04
C GLY A 57 -2.47 5.15 11.22
N TYR A 58 -1.72 4.17 11.72
CA TYR A 58 -0.88 4.37 12.88
C TYR A 58 0.52 4.84 12.46
N CYS A 59 0.94 4.48 11.26
CA CYS A 59 2.20 4.96 10.73
C CYS A 59 1.93 6.00 9.64
N ASP A 60 1.73 5.52 8.42
CA ASP A 60 1.47 6.37 7.25
C ASP A 60 1.48 5.53 5.98
N ARG A 61 2.41 4.59 5.93
CA ARG A 61 2.65 3.78 4.74
C ARG A 61 1.38 3.07 4.27
N ARG A 62 1.20 3.06 2.96
CA ARG A 62 0.11 2.33 2.34
C ARG A 62 0.67 1.08 1.67
N TYR A 63 0.08 -0.06 1.97
CA TYR A 63 0.58 -1.33 1.46
C TYR A 63 -0.39 -1.89 0.42
N ILE A 64 0.15 -2.46 -0.64
CA ILE A 64 -0.66 -3.04 -1.69
C ILE A 64 -0.16 -4.45 -2.03
N HIS A 65 -1.07 -5.34 -2.36
CA HIS A 65 -0.71 -6.72 -2.69
C HIS A 65 -0.01 -6.79 -4.04
N GLU A 66 0.92 -7.73 -4.15
CA GLU A 66 1.74 -7.94 -5.35
C GLU A 66 0.91 -7.97 -6.63
N SER A 67 -0.20 -8.70 -6.62
CA SER A 67 -0.98 -8.93 -7.82
C SER A 67 -1.71 -7.66 -8.25
N PHE A 68 -2.15 -6.88 -7.28
CA PHE A 68 -2.91 -5.67 -7.55
C PHE A 68 -1.99 -4.53 -7.97
N ALA A 69 -0.71 -4.67 -7.66
CA ALA A 69 0.27 -3.64 -7.94
C ALA A 69 0.77 -3.73 -9.38
N ALA A 70 1.60 -4.74 -9.64
CA ALA A 70 2.22 -4.89 -10.95
C ALA A 70 2.87 -6.26 -11.07
N ALA A 71 2.19 -7.28 -10.57
CA ALA A 71 2.69 -8.65 -10.60
C ALA A 71 3.05 -9.07 -12.03
N LYS A 72 4.19 -9.72 -12.19
CA LYS A 72 4.68 -10.13 -13.49
C LYS A 72 5.90 -11.04 -13.33
N LEU A 73 6.65 -10.80 -12.27
CA LEU A 73 7.88 -11.52 -12.03
C LEU A 73 7.60 -12.94 -11.52
N GLU A 74 8.55 -13.83 -11.73
CA GLU A 74 8.42 -15.20 -11.28
C GLU A 74 9.78 -15.77 -10.94
N HIS A 75 9.78 -17.02 -10.50
CA HIS A 75 11.00 -17.76 -10.23
C HIS A 75 10.66 -19.24 -10.16
N HIS A 76 10.44 -19.82 -11.34
CA HIS A 76 9.94 -21.18 -11.48
C HIS A 76 8.51 -21.26 -10.95
N HIS A 77 7.56 -20.93 -11.82
CA HIS A 77 6.16 -21.03 -11.44
C HIS A 77 5.78 -22.49 -11.27
N HIS A 78 4.97 -22.77 -10.26
CA HIS A 78 4.59 -24.14 -9.95
C HIS A 78 4.02 -24.85 -11.17
N HIS A 79 4.62 -25.97 -11.52
CA HIS A 79 4.22 -26.74 -12.70
C HIS A 79 3.06 -27.66 -12.36
N HIS A 80 2.75 -27.75 -11.07
CA HIS A 80 1.61 -28.51 -10.61
C HIS A 80 0.82 -27.68 -9.60
N MET A 1 -12.57 4.51 -19.37
CA MET A 1 -13.42 5.69 -19.64
C MET A 1 -12.60 6.96 -19.58
N ARG A 2 -12.87 7.87 -20.53
CA ARG A 2 -12.16 9.15 -20.64
C ARG A 2 -10.74 8.96 -21.13
N ARG A 3 -10.55 9.24 -22.41
CA ARG A 3 -9.23 9.19 -23.02
C ARG A 3 -8.87 10.56 -23.58
N GLN A 4 -7.91 11.22 -22.94
CA GLN A 4 -7.52 12.55 -23.36
C GLN A 4 -6.20 12.52 -24.11
N PRO A 5 -6.25 12.68 -25.44
CA PRO A 5 -5.06 12.72 -26.28
C PRO A 5 -4.51 14.14 -26.45
N LYS A 6 -3.22 14.21 -26.79
CA LYS A 6 -2.52 15.48 -27.02
C LYS A 6 -2.68 16.47 -25.87
N THR A 7 -1.76 16.37 -24.92
CA THR A 7 -1.71 17.27 -23.78
C THR A 7 -0.37 17.08 -23.06
N ARG A 8 0.25 18.18 -22.66
CA ARG A 8 1.56 18.10 -22.05
C ARG A 8 1.59 18.78 -20.69
N GLN A 9 1.65 17.97 -19.64
CA GLN A 9 1.85 18.48 -18.30
C GLN A 9 3.36 18.51 -18.04
N GLU A 10 3.98 19.64 -18.34
CA GLU A 10 5.43 19.75 -18.23
C GLU A 10 5.90 19.74 -16.78
N SER A 11 6.37 18.59 -16.35
CA SER A 11 6.96 18.45 -15.04
C SER A 11 8.48 18.45 -15.16
N ALA A 12 9.10 19.49 -14.64
CA ALA A 12 10.54 19.66 -14.74
C ALA A 12 11.28 18.52 -14.04
N ARG A 13 10.77 18.11 -12.90
CA ARG A 13 11.35 17.01 -12.16
C ARG A 13 10.90 15.69 -12.77
N MET A 14 11.73 15.17 -13.65
CA MET A 14 11.43 13.93 -14.35
C MET A 14 12.16 12.77 -13.69
N SER A 15 13.21 13.09 -12.94
CA SER A 15 13.93 12.08 -12.18
C SER A 15 13.14 11.76 -10.92
N ILE A 16 12.64 10.53 -10.86
CA ILE A 16 11.79 10.13 -9.76
C ILE A 16 12.53 9.26 -8.75
N GLU A 17 12.27 9.50 -7.48
CA GLU A 17 12.85 8.72 -6.41
C GLU A 17 11.85 8.60 -5.28
N ALA A 18 11.21 7.44 -5.18
CA ALA A 18 10.15 7.25 -4.20
C ALA A 18 10.15 5.84 -3.63
N PRO A 19 10.50 5.70 -2.34
CA PRO A 19 10.39 4.43 -1.60
C PRO A 19 8.98 4.21 -1.06
N GLU A 20 8.04 4.62 -1.85
CA GLU A 20 6.63 4.58 -1.49
C GLU A 20 6.01 3.24 -1.86
N THR A 21 4.98 2.85 -1.09
CA THR A 21 4.23 1.64 -1.32
C THR A 21 5.04 0.38 -1.05
N VAL A 22 4.45 -0.50 -0.24
CA VAL A 22 5.08 -1.77 0.10
C VAL A 22 4.31 -2.92 -0.54
N VAL A 23 4.99 -3.68 -1.38
CA VAL A 23 4.37 -4.76 -2.10
C VAL A 23 4.48 -6.06 -1.31
N VAL A 24 3.34 -6.72 -1.10
CA VAL A 24 3.31 -7.96 -0.34
C VAL A 24 2.46 -9.00 -1.05
N SER A 25 2.77 -10.26 -0.81
CA SER A 25 1.97 -11.36 -1.33
C SER A 25 1.31 -12.08 -0.16
N THR A 26 1.26 -11.38 0.97
CA THR A 26 0.68 -11.92 2.19
C THR A 26 -0.52 -11.08 2.61
N TRP A 27 -1.44 -11.68 3.36
CA TRP A 27 -2.64 -10.99 3.80
C TRP A 27 -2.49 -10.42 5.21
N LYS A 28 -1.41 -10.79 5.88
CA LYS A 28 -1.09 -10.23 7.19
C LYS A 28 0.32 -9.66 7.18
N VAL A 29 0.42 -8.38 7.50
CA VAL A 29 1.69 -7.68 7.45
C VAL A 29 2.08 -7.13 8.81
N ALA A 30 3.32 -7.36 9.20
CA ALA A 30 3.85 -6.81 10.42
C ALA A 30 4.44 -5.44 10.14
N CYS A 31 3.80 -4.40 10.66
CA CYS A 31 4.25 -3.05 10.41
C CYS A 31 5.22 -2.64 11.49
N ASP A 32 6.25 -1.93 11.09
CA ASP A 32 7.38 -1.65 11.97
C ASP A 32 7.66 -0.15 12.03
N GLY A 33 6.67 0.64 11.66
CA GLY A 33 6.81 2.08 11.68
C GLY A 33 7.39 2.62 10.39
N GLY A 34 8.36 3.51 10.52
CA GLY A 34 9.03 4.06 9.36
C GLY A 34 10.29 3.32 9.05
N GLU A 35 11.39 3.97 9.30
CA GLU A 35 12.70 3.36 9.16
C GLU A 35 13.07 2.66 10.47
N GLY A 36 14.26 2.09 10.51
CA GLY A 36 14.72 1.38 11.69
C GLY A 36 14.72 2.24 12.93
N ALA A 37 13.87 1.87 13.89
CA ALA A 37 13.72 2.57 15.17
C ALA A 37 13.00 3.90 15.01
N LEU A 38 12.50 4.18 13.82
CA LEU A 38 11.80 5.43 13.55
C LEU A 38 10.32 5.16 13.31
N GLY A 39 9.53 5.17 14.37
CA GLY A 39 8.12 4.94 14.21
C GLY A 39 7.51 4.27 15.42
N HIS A 40 6.53 3.41 15.16
CA HIS A 40 5.80 2.73 16.22
C HIS A 40 6.35 1.34 16.47
N PRO A 41 6.05 0.73 17.63
CA PRO A 41 6.39 -0.66 17.93
C PRO A 41 5.72 -1.60 16.93
N ARG A 42 6.29 -2.78 16.76
CA ARG A 42 5.83 -3.71 15.73
C ARG A 42 4.40 -4.17 15.98
N VAL A 43 3.53 -3.93 15.01
CA VAL A 43 2.14 -4.34 15.10
C VAL A 43 1.79 -5.22 13.90
N TRP A 44 0.76 -6.03 14.06
CA TRP A 44 0.35 -6.94 13.01
C TRP A 44 -0.97 -6.50 12.41
N LEU A 45 -0.96 -6.24 11.12
CA LEU A 45 -2.14 -5.76 10.42
C LEU A 45 -2.68 -6.86 9.51
N SER A 46 -3.93 -6.70 9.09
CA SER A 46 -4.57 -7.64 8.20
C SER A 46 -5.12 -6.91 6.98
N ILE A 47 -4.83 -7.44 5.81
CA ILE A 47 -5.19 -6.79 4.56
C ILE A 47 -6.57 -7.24 4.08
N PRO A 48 -7.46 -6.29 3.76
CA PRO A 48 -8.77 -6.58 3.16
C PRO A 48 -8.64 -7.38 1.86
N HIS A 49 -9.38 -8.47 1.77
CA HIS A 49 -9.21 -9.43 0.68
C HIS A 49 -9.88 -8.99 -0.61
N GLU A 50 -10.84 -8.08 -0.52
CA GLU A 50 -11.57 -7.66 -1.72
C GLU A 50 -10.88 -6.48 -2.40
N THR A 51 -10.11 -5.73 -1.63
CA THR A 51 -9.41 -4.57 -2.15
C THR A 51 -7.96 -4.90 -2.51
N GLY A 52 -7.29 -5.61 -1.62
CA GLY A 52 -5.91 -6.01 -1.90
C GLY A 52 -4.90 -5.01 -1.38
N PHE A 53 -5.33 -4.15 -0.46
CA PHE A 53 -4.44 -3.18 0.16
C PHE A 53 -4.96 -2.79 1.53
N VAL A 54 -4.06 -2.41 2.42
CA VAL A 54 -4.45 -2.08 3.79
C VAL A 54 -3.94 -0.68 4.16
N GLU A 55 -4.76 0.05 4.91
CA GLU A 55 -4.42 1.40 5.34
C GLU A 55 -3.86 1.35 6.76
N CYS A 56 -2.93 2.26 7.05
CA CYS A 56 -2.32 2.31 8.37
C CYS A 56 -2.65 3.63 9.06
N GLY A 57 -3.31 3.54 10.20
CA GLY A 57 -3.59 4.72 11.00
C GLY A 57 -2.49 5.00 12.00
N TYR A 58 -1.51 4.11 12.03
CA TYR A 58 -0.37 4.26 12.92
C TYR A 58 0.69 5.16 12.28
N CYS A 59 1.02 4.87 11.02
CA CYS A 59 2.01 5.67 10.29
C CYS A 59 1.62 5.82 8.82
N ASP A 60 2.45 6.53 8.07
CA ASP A 60 2.13 6.87 6.69
C ASP A 60 2.38 5.72 5.71
N ARG A 61 2.59 4.52 6.25
CA ARG A 61 2.82 3.35 5.40
C ARG A 61 1.50 2.82 4.84
N ARG A 62 1.60 2.14 3.71
CA ARG A 62 0.45 1.53 3.06
C ARG A 62 0.91 0.28 2.31
N TYR A 63 0.26 -0.84 2.57
CA TYR A 63 0.68 -2.12 2.01
C TYR A 63 -0.29 -2.55 0.92
N ILE A 64 0.24 -3.08 -0.18
CA ILE A 64 -0.59 -3.47 -1.31
C ILE A 64 -0.17 -4.85 -1.83
N HIS A 65 -1.14 -5.59 -2.36
CA HIS A 65 -0.90 -6.93 -2.88
C HIS A 65 -0.15 -6.86 -4.22
N GLU A 66 0.69 -7.86 -4.45
CA GLU A 66 1.52 -7.97 -5.66
C GLU A 66 0.72 -7.69 -6.95
N SER A 67 -0.48 -8.24 -7.04
CA SER A 67 -1.26 -8.18 -8.28
C SER A 67 -1.74 -6.76 -8.56
N PHE A 68 -1.95 -5.99 -7.50
CA PHE A 68 -2.44 -4.65 -7.64
C PHE A 68 -1.29 -3.66 -7.81
N ALA A 69 -0.09 -4.14 -7.50
CA ALA A 69 1.11 -3.31 -7.57
C ALA A 69 1.85 -3.53 -8.89
N ALA A 70 1.10 -3.86 -9.93
CA ALA A 70 1.68 -4.17 -11.23
C ALA A 70 1.99 -2.89 -12.02
N ALA A 71 2.36 -1.83 -11.32
CA ALA A 71 2.70 -0.56 -11.95
C ALA A 71 4.09 -0.62 -12.58
N LYS A 72 4.94 -1.49 -12.03
CA LYS A 72 6.29 -1.66 -12.53
C LYS A 72 6.40 -2.98 -13.29
N LEU A 73 7.61 -3.33 -13.70
CA LEU A 73 7.85 -4.59 -14.39
C LEU A 73 7.74 -5.75 -13.40
N GLU A 74 7.16 -6.85 -13.85
CA GLU A 74 6.90 -7.98 -12.98
C GLU A 74 7.83 -9.16 -13.28
N HIS A 75 7.65 -10.22 -12.51
CA HIS A 75 8.39 -11.46 -12.68
C HIS A 75 7.51 -12.61 -12.22
N HIS A 76 6.21 -12.49 -12.51
CA HIS A 76 5.22 -13.43 -12.01
C HIS A 76 4.98 -14.56 -12.99
N HIS A 77 5.75 -14.57 -14.08
CA HIS A 77 5.63 -15.61 -15.09
C HIS A 77 6.24 -16.91 -14.58
N HIS A 78 5.37 -17.81 -14.12
CA HIS A 78 5.79 -19.11 -13.60
C HIS A 78 4.56 -20.01 -13.43
N HIS A 79 3.48 -19.40 -12.98
CA HIS A 79 2.16 -20.04 -12.96
C HIS A 79 1.14 -19.05 -13.49
N HIS A 80 0.11 -19.55 -14.14
CA HIS A 80 -0.85 -18.69 -14.79
C HIS A 80 -2.26 -19.03 -14.33
N MET A 1 -13.90 -4.92 6.21
CA MET A 1 -15.29 -5.32 6.52
C MET A 1 -16.02 -4.17 7.20
N ARG A 2 -17.24 -3.91 6.74
CA ARG A 2 -18.04 -2.82 7.29
C ARG A 2 -18.49 -3.13 8.72
N ARG A 3 -18.05 -2.30 9.65
CA ARG A 3 -18.48 -2.39 11.04
C ARG A 3 -18.08 -1.11 11.76
N GLN A 4 -19.07 -0.40 12.29
CA GLN A 4 -18.84 0.91 12.92
C GLN A 4 -18.15 1.86 11.94
N PRO A 5 -18.87 2.31 10.90
CA PRO A 5 -18.31 3.16 9.85
C PRO A 5 -18.10 4.60 10.30
N LYS A 6 -17.02 4.84 11.01
CA LYS A 6 -16.65 6.18 11.43
C LYS A 6 -15.23 6.49 11.01
N THR A 7 -15.07 7.55 10.22
CA THR A 7 -13.75 8.00 9.82
C THR A 7 -13.16 8.90 10.90
N ARG A 8 -11.97 8.55 11.38
CA ARG A 8 -11.30 9.32 12.42
C ARG A 8 -11.15 10.78 12.00
N GLN A 9 -10.38 11.00 10.94
CA GLN A 9 -10.16 12.33 10.39
C GLN A 9 -10.13 12.24 8.88
N GLU A 10 -10.91 13.07 8.19
CA GLU A 10 -10.87 13.08 6.74
C GLU A 10 -9.51 13.57 6.26
N SER A 11 -8.93 12.83 5.35
CA SER A 11 -7.54 13.06 4.96
C SER A 11 -7.39 14.27 4.04
N ALA A 12 -7.27 15.44 4.66
CA ALA A 12 -6.91 16.66 3.94
C ALA A 12 -5.41 16.77 3.85
N ARG A 13 -4.86 16.40 2.71
CA ARG A 13 -3.43 16.28 2.54
C ARG A 13 -2.72 17.63 2.54
N MET A 14 -1.76 17.74 3.44
CA MET A 14 -0.86 18.89 3.48
C MET A 14 0.38 18.55 2.66
N SER A 15 1.15 19.56 2.27
CA SER A 15 2.40 19.34 1.53
C SER A 15 3.41 18.58 2.40
N ILE A 16 3.34 17.26 2.32
CA ILE A 16 4.29 16.38 3.01
C ILE A 16 4.72 15.29 2.03
N GLU A 17 5.76 14.55 2.38
CA GLU A 17 6.27 13.51 1.50
C GLU A 17 5.61 12.17 1.85
N ALA A 18 5.28 11.39 0.83
CA ALA A 18 4.65 10.10 1.03
C ALA A 18 5.66 9.07 1.53
N PRO A 19 5.26 8.23 2.49
CA PRO A 19 6.12 7.17 3.04
C PRO A 19 6.43 6.07 2.03
N GLU A 20 7.27 5.12 2.44
CA GLU A 20 7.65 4.00 1.58
C GLU A 20 6.45 3.11 1.29
N THR A 21 6.14 2.97 0.01
CA THR A 21 5.03 2.13 -0.41
C THR A 21 5.46 0.67 -0.41
N VAL A 22 4.77 -0.16 0.36
CA VAL A 22 5.17 -1.54 0.51
C VAL A 22 4.21 -2.47 -0.23
N VAL A 23 4.77 -3.34 -1.05
CA VAL A 23 4.00 -4.33 -1.77
C VAL A 23 4.15 -5.70 -1.10
N VAL A 24 3.03 -6.31 -0.75
CA VAL A 24 3.04 -7.54 0.02
C VAL A 24 2.40 -8.70 -0.75
N SER A 25 2.91 -9.89 -0.51
CA SER A 25 2.36 -11.09 -1.09
C SER A 25 1.48 -11.82 -0.07
N THR A 26 1.74 -11.53 1.20
CA THR A 26 1.05 -12.20 2.29
C THR A 26 -0.23 -11.47 2.67
N TRP A 27 -1.15 -12.19 3.30
CA TRP A 27 -2.40 -11.60 3.74
C TRP A 27 -2.26 -10.98 5.11
N LYS A 28 -1.16 -11.29 5.78
CA LYS A 28 -0.85 -10.69 7.07
C LYS A 28 0.49 -9.97 6.98
N VAL A 29 0.59 -8.83 7.66
CA VAL A 29 1.81 -8.03 7.64
C VAL A 29 2.17 -7.61 9.06
N ALA A 30 3.42 -7.25 9.27
CA ALA A 30 3.90 -6.78 10.55
C ALA A 30 4.49 -5.40 10.42
N CYS A 31 3.85 -4.41 11.04
CA CYS A 31 4.32 -3.04 10.96
C CYS A 31 5.11 -2.70 12.20
N ASP A 32 6.29 -2.14 12.00
CA ASP A 32 7.20 -1.86 13.10
C ASP A 32 7.45 -0.36 13.22
N GLY A 33 6.55 0.42 12.65
CA GLY A 33 6.69 1.86 12.72
C GLY A 33 6.38 2.51 11.39
N GLY A 34 6.91 3.69 11.17
CA GLY A 34 6.68 4.39 9.93
C GLY A 34 7.93 5.06 9.43
N GLU A 35 7.77 6.02 8.53
CA GLU A 35 8.89 6.73 7.99
C GLU A 35 9.03 8.09 8.67
N GLY A 36 10.26 8.57 8.79
CA GLY A 36 10.50 9.85 9.42
C GLY A 36 10.22 9.83 10.91
N ALA A 37 9.21 10.58 11.32
CA ALA A 37 8.86 10.70 12.72
C ALA A 37 7.95 9.56 13.18
N LEU A 38 7.34 8.86 12.23
CA LEU A 38 6.41 7.79 12.57
C LEU A 38 7.15 6.59 13.14
N GLY A 39 6.67 6.08 14.27
CA GLY A 39 7.31 4.94 14.89
C GLY A 39 6.44 4.33 15.98
N HIS A 40 6.52 3.01 16.12
CA HIS A 40 5.71 2.29 17.09
C HIS A 40 6.19 0.84 17.21
N PRO A 41 5.79 0.14 18.28
CA PRO A 41 6.06 -1.29 18.45
C PRO A 41 5.44 -2.13 17.34
N ARG A 42 6.04 -3.28 17.06
CA ARG A 42 5.61 -4.11 15.95
C ARG A 42 4.18 -4.61 16.15
N VAL A 43 3.31 -4.29 15.20
CA VAL A 43 1.93 -4.72 15.25
C VAL A 43 1.61 -5.65 14.09
N TRP A 44 0.52 -6.35 14.22
CA TRP A 44 0.10 -7.33 13.23
C TRP A 44 -1.08 -6.81 12.42
N LEU A 45 -0.85 -6.52 11.16
CA LEU A 45 -1.89 -6.04 10.26
C LEU A 45 -2.30 -7.13 9.29
N SER A 46 -3.36 -6.88 8.53
CA SER A 46 -3.82 -7.83 7.55
C SER A 46 -4.34 -7.09 6.31
N ILE A 47 -4.19 -7.73 5.15
CA ILE A 47 -4.66 -7.16 3.89
C ILE A 47 -6.12 -7.56 3.66
N PRO A 48 -7.03 -6.58 3.62
CA PRO A 48 -8.44 -6.83 3.35
C PRO A 48 -8.66 -7.40 1.95
N HIS A 49 -9.35 -8.53 1.87
CA HIS A 49 -9.55 -9.23 0.61
C HIS A 49 -10.61 -8.52 -0.21
N GLU A 50 -11.38 -7.67 0.46
CA GLU A 50 -12.44 -6.91 -0.18
C GLU A 50 -11.89 -5.68 -0.91
N THR A 51 -10.64 -5.33 -0.65
CA THR A 51 -10.03 -4.18 -1.29
C THR A 51 -8.72 -4.54 -1.98
N GLY A 52 -7.81 -5.16 -1.25
CA GLY A 52 -6.52 -5.53 -1.82
C GLY A 52 -5.39 -4.63 -1.35
N PHE A 53 -5.70 -3.77 -0.38
CA PHE A 53 -4.71 -2.85 0.16
C PHE A 53 -5.13 -2.41 1.56
N VAL A 54 -4.17 -1.97 2.37
CA VAL A 54 -4.47 -1.51 3.71
C VAL A 54 -3.66 -0.27 4.05
N GLU A 55 -4.25 0.61 4.85
CA GLU A 55 -3.59 1.83 5.30
C GLU A 55 -3.49 1.79 6.82
N CYS A 56 -2.27 1.95 7.34
CA CYS A 56 -2.03 1.82 8.77
C CYS A 56 -2.76 2.88 9.58
N GLY A 57 -3.61 2.43 10.49
CA GLY A 57 -4.28 3.34 11.40
C GLY A 57 -3.51 3.55 12.68
N TYR A 58 -2.41 2.81 12.81
CA TYR A 58 -1.54 2.93 13.97
C TYR A 58 -0.61 4.13 13.76
N CYS A 59 -0.12 4.25 12.54
CA CYS A 59 0.63 5.43 12.13
C CYS A 59 0.13 5.90 10.77
N ASP A 60 0.83 5.52 9.70
CA ASP A 60 0.40 5.79 8.34
C ASP A 60 1.41 5.25 7.34
N ARG A 61 1.17 4.02 6.91
CA ARG A 61 1.89 3.43 5.81
C ARG A 61 0.89 2.70 4.92
N ARG A 62 1.20 2.59 3.65
CA ARG A 62 0.27 2.06 2.67
C ARG A 62 0.78 0.76 2.08
N TYR A 63 0.04 -0.32 2.31
CA TYR A 63 0.43 -1.65 1.84
C TYR A 63 -0.44 -2.08 0.67
N ILE A 64 0.20 -2.44 -0.43
CA ILE A 64 -0.51 -2.85 -1.64
C ILE A 64 -0.19 -4.31 -1.95
N HIS A 65 -1.17 -5.09 -2.38
CA HIS A 65 -0.95 -6.48 -2.73
C HIS A 65 -0.31 -6.59 -4.11
N GLU A 66 0.61 -7.54 -4.26
CA GLU A 66 1.36 -7.74 -5.49
C GLU A 66 0.46 -7.91 -6.71
N SER A 67 -0.71 -8.51 -6.53
CA SER A 67 -1.59 -8.82 -7.65
C SER A 67 -2.12 -7.55 -8.31
N PHE A 68 -2.04 -6.44 -7.59
CA PHE A 68 -2.48 -5.16 -8.12
C PHE A 68 -1.30 -4.38 -8.69
N ALA A 69 -0.10 -4.82 -8.36
CA ALA A 69 1.12 -4.15 -8.81
C ALA A 69 1.60 -4.72 -10.15
N ALA A 70 1.46 -6.02 -10.32
CA ALA A 70 1.88 -6.67 -11.56
C ALA A 70 0.80 -6.54 -12.63
N ALA A 71 -0.21 -7.41 -12.56
CA ALA A 71 -1.35 -7.40 -13.48
C ALA A 71 -0.98 -7.74 -14.92
N LYS A 72 -0.15 -6.91 -15.53
CA LYS A 72 0.22 -7.08 -16.93
C LYS A 72 1.26 -8.19 -17.08
N LEU A 73 2.34 -8.12 -16.31
CA LEU A 73 3.41 -9.09 -16.40
C LEU A 73 3.08 -10.31 -15.56
N GLU A 74 3.29 -11.48 -16.16
CA GLU A 74 2.96 -12.76 -15.54
C GLU A 74 1.52 -12.79 -15.04
N HIS A 75 0.60 -13.25 -15.90
CA HIS A 75 -0.78 -13.38 -15.50
C HIS A 75 -0.93 -14.48 -14.46
N HIS A 76 -0.86 -14.06 -13.19
CA HIS A 76 -1.04 -14.95 -12.05
C HIS A 76 -2.46 -15.52 -12.06
N HIS A 77 -2.60 -16.73 -12.57
CA HIS A 77 -3.91 -17.31 -12.78
C HIS A 77 -3.94 -18.77 -12.35
N HIS A 78 -3.19 -19.62 -13.04
CA HIS A 78 -3.14 -21.06 -12.77
C HIS A 78 -4.51 -21.71 -12.98
N HIS A 79 -4.74 -22.22 -14.19
CA HIS A 79 -6.00 -22.87 -14.51
C HIS A 79 -5.96 -24.33 -14.11
N HIS A 80 -7.00 -24.79 -13.46
CA HIS A 80 -7.14 -26.19 -13.12
C HIS A 80 -8.17 -26.83 -14.05
N MET A 1 9.93 -2.78 25.37
CA MET A 1 8.58 -2.20 25.56
C MET A 1 8.62 -1.04 26.55
N ARG A 2 8.41 0.17 26.04
CA ARG A 2 8.30 1.36 26.88
C ARG A 2 7.07 1.24 27.77
N ARG A 3 7.28 1.16 29.07
CA ARG A 3 6.19 0.91 30.01
C ARG A 3 5.50 2.21 30.43
N GLN A 4 4.70 2.78 29.52
CA GLN A 4 3.90 3.95 29.84
C GLN A 4 2.89 4.22 28.72
N PRO A 5 1.60 4.28 29.06
CA PRO A 5 0.52 4.52 28.11
C PRO A 5 0.34 6.00 27.79
N LYS A 6 1.47 6.68 27.55
CA LYS A 6 1.44 8.11 27.26
C LYS A 6 1.25 8.33 25.76
N THR A 7 0.02 8.60 25.38
CA THR A 7 -0.33 8.77 23.98
C THR A 7 -1.08 10.09 23.78
N ARG A 8 -0.73 10.82 22.72
CA ARG A 8 -1.37 12.08 22.40
C ARG A 8 -1.45 12.26 20.90
N GLN A 9 -2.66 12.20 20.36
CA GLN A 9 -2.87 12.22 18.91
C GLN A 9 -3.09 13.64 18.37
N GLU A 10 -2.49 14.62 19.03
CA GLU A 10 -2.56 16.01 18.59
C GLU A 10 -1.17 16.52 18.24
N SER A 11 -0.28 15.59 17.96
CA SER A 11 1.11 15.93 17.66
C SER A 11 1.34 15.92 16.15
N ALA A 12 1.56 17.11 15.59
CA ALA A 12 1.83 17.24 14.16
C ALA A 12 3.04 18.12 13.91
N ARG A 13 4.19 17.49 13.72
CA ARG A 13 5.42 18.23 13.48
C ARG A 13 6.22 17.55 12.36
N MET A 14 7.23 18.25 11.85
CA MET A 14 8.14 17.72 10.81
C MET A 14 7.48 17.73 9.44
N SER A 15 8.30 17.53 8.42
CA SER A 15 7.84 17.41 7.05
C SER A 15 8.81 16.53 6.26
N ILE A 16 8.32 15.37 5.83
CA ILE A 16 9.16 14.41 5.16
C ILE A 16 8.67 14.12 3.75
N GLU A 17 9.60 13.77 2.87
CA GLU A 17 9.24 13.35 1.53
C GLU A 17 9.55 11.88 1.35
N ALA A 18 8.70 11.04 1.90
CA ALA A 18 8.87 9.59 1.81
C ALA A 18 7.57 8.87 2.18
N PRO A 19 6.66 8.74 1.20
CA PRO A 19 5.43 7.97 1.41
C PRO A 19 5.71 6.47 1.47
N GLU A 20 5.58 5.90 2.66
CA GLU A 20 5.91 4.51 2.87
C GLU A 20 4.88 3.58 2.26
N THR A 21 5.12 3.20 1.02
CA THR A 21 4.30 2.24 0.33
C THR A 21 5.08 0.96 0.09
N VAL A 22 4.56 -0.15 0.57
CA VAL A 22 5.27 -1.42 0.51
C VAL A 22 4.48 -2.45 -0.29
N VAL A 23 5.13 -3.09 -1.25
CA VAL A 23 4.49 -4.12 -2.04
C VAL A 23 4.83 -5.49 -1.47
N VAL A 24 3.82 -6.23 -1.06
CA VAL A 24 4.02 -7.51 -0.40
C VAL A 24 3.27 -8.63 -1.10
N SER A 25 3.79 -9.84 -0.98
CA SER A 25 3.15 -11.02 -1.51
C SER A 25 2.22 -11.64 -0.47
N THR A 26 2.38 -11.19 0.76
CA THR A 26 1.61 -11.71 1.88
C THR A 26 0.46 -10.77 2.25
N TRP A 27 -0.67 -11.34 2.63
CA TRP A 27 -1.83 -10.55 3.03
C TRP A 27 -1.67 -10.02 4.45
N LYS A 28 -0.98 -10.77 5.30
CA LYS A 28 -0.73 -10.33 6.66
C LYS A 28 0.68 -9.77 6.80
N VAL A 29 0.77 -8.54 7.26
CA VAL A 29 2.04 -7.87 7.41
C VAL A 29 2.24 -7.40 8.85
N ALA A 30 3.49 -7.38 9.29
CA ALA A 30 3.82 -6.91 10.62
C ALA A 30 4.56 -5.59 10.53
N CYS A 31 3.90 -4.52 10.95
CA CYS A 31 4.48 -3.19 10.90
C CYS A 31 5.16 -2.87 12.23
N ASP A 32 6.20 -2.06 12.17
CA ASP A 32 7.01 -1.74 13.34
C ASP A 32 7.80 -0.47 13.09
N GLY A 33 7.10 0.64 13.13
CA GLY A 33 7.75 1.93 12.99
C GLY A 33 7.55 2.54 11.62
N GLY A 34 7.12 3.79 11.60
CA GLY A 34 6.97 4.51 10.35
C GLY A 34 7.92 5.68 10.27
N GLU A 35 7.80 6.49 9.22
CA GLU A 35 8.70 7.62 9.02
C GLU A 35 8.32 8.81 9.90
N GLY A 36 9.15 9.83 9.88
CA GLY A 36 8.92 11.00 10.70
C GLY A 36 9.30 10.74 12.14
N ALA A 37 8.31 10.79 13.01
CA ALA A 37 8.52 10.49 14.41
C ALA A 37 7.54 9.41 14.88
N LEU A 38 6.91 8.75 13.92
CA LEU A 38 5.88 7.77 14.24
C LEU A 38 6.46 6.37 14.39
N GLY A 39 7.20 6.16 15.47
CA GLY A 39 7.69 4.84 15.77
C GLY A 39 6.74 4.11 16.68
N HIS A 40 6.53 2.84 16.43
CA HIS A 40 5.56 2.06 17.18
C HIS A 40 5.98 0.59 17.24
N PRO A 41 5.49 -0.16 18.25
CA PRO A 41 5.79 -1.58 18.39
C PRO A 41 5.13 -2.43 17.29
N ARG A 42 5.54 -3.68 17.22
CA ARG A 42 5.06 -4.61 16.20
C ARG A 42 3.53 -4.72 16.21
N VAL A 43 2.92 -4.39 15.08
CA VAL A 43 1.50 -4.56 14.91
C VAL A 43 1.22 -5.50 13.76
N TRP A 44 0.08 -6.15 13.84
CA TRP A 44 -0.31 -7.15 12.87
C TRP A 44 -1.48 -6.66 12.03
N LEU A 45 -1.25 -6.51 10.75
CA LEU A 45 -2.27 -6.04 9.84
C LEU A 45 -2.66 -7.15 8.88
N SER A 46 -3.84 -7.03 8.30
CA SER A 46 -4.32 -7.98 7.31
C SER A 46 -4.95 -7.22 6.15
N ILE A 47 -4.34 -7.33 4.97
CA ILE A 47 -4.79 -6.62 3.78
C ILE A 47 -6.17 -7.11 3.34
N PRO A 48 -7.14 -6.19 3.23
CA PRO A 48 -8.47 -6.51 2.74
C PRO A 48 -8.44 -7.01 1.30
N HIS A 49 -9.05 -8.16 1.07
CA HIS A 49 -9.01 -8.80 -0.24
C HIS A 49 -9.83 -8.04 -1.27
N GLU A 50 -10.82 -7.28 -0.79
CA GLU A 50 -11.70 -6.53 -1.68
C GLU A 50 -11.03 -5.25 -2.19
N THR A 51 -10.00 -4.80 -1.49
CA THR A 51 -9.28 -3.60 -1.90
C THR A 51 -7.97 -3.96 -2.59
N GLY A 52 -7.19 -4.84 -1.96
CA GLY A 52 -5.90 -5.22 -2.48
C GLY A 52 -4.79 -4.42 -1.82
N PHE A 53 -5.17 -3.58 -0.87
CA PHE A 53 -4.23 -2.74 -0.15
C PHE A 53 -4.78 -2.36 1.21
N VAL A 54 -3.90 -2.03 2.14
CA VAL A 54 -4.32 -1.62 3.47
C VAL A 54 -3.49 -0.44 3.95
N GLU A 55 -4.14 0.50 4.61
CA GLU A 55 -3.47 1.66 5.17
C GLU A 55 -3.41 1.54 6.69
N CYS A 56 -2.21 1.71 7.24
CA CYS A 56 -2.00 1.54 8.67
C CYS A 56 -2.65 2.67 9.47
N GLY A 57 -3.05 2.37 10.69
CA GLY A 57 -3.61 3.38 11.56
C GLY A 57 -2.56 3.99 12.46
N TYR A 58 -1.45 3.28 12.64
CA TYR A 58 -0.37 3.76 13.47
C TYR A 58 0.50 4.77 12.73
N CYS A 59 0.57 4.62 11.42
CA CYS A 59 1.38 5.49 10.58
C CYS A 59 0.85 5.45 9.16
N ASP A 60 1.33 6.36 8.31
CA ASP A 60 0.89 6.46 6.93
C ASP A 60 1.50 5.36 6.06
N ARG A 61 1.72 4.20 6.66
CA ARG A 61 2.20 3.03 5.94
C ARG A 61 1.10 2.46 5.06
N ARG A 62 1.39 2.35 3.78
CA ARG A 62 0.44 1.81 2.83
C ARG A 62 0.98 0.51 2.25
N TYR A 63 0.31 -0.59 2.56
CA TYR A 63 0.75 -1.90 2.09
C TYR A 63 -0.08 -2.34 0.89
N ILE A 64 0.60 -2.57 -0.21
CA ILE A 64 -0.06 -2.99 -1.44
C ILE A 64 0.28 -4.44 -1.72
N HIS A 65 -0.74 -5.27 -1.91
CA HIS A 65 -0.50 -6.64 -2.30
C HIS A 65 -0.14 -6.68 -3.77
N GLU A 66 0.87 -7.47 -4.12
CA GLU A 66 1.40 -7.48 -5.48
C GLU A 66 0.37 -7.88 -6.53
N SER A 67 -0.73 -8.48 -6.09
CA SER A 67 -1.76 -8.89 -7.03
C SER A 67 -2.48 -7.65 -7.60
N PHE A 68 -2.68 -6.67 -6.73
CA PHE A 68 -3.33 -5.42 -7.11
C PHE A 68 -2.33 -4.51 -7.82
N ALA A 69 -1.05 -4.78 -7.57
CA ALA A 69 0.03 -3.97 -8.12
C ALA A 69 0.53 -4.53 -9.45
N ALA A 70 -0.09 -5.61 -9.89
CA ALA A 70 0.31 -6.25 -11.13
C ALA A 70 -0.91 -6.64 -11.95
N ALA A 71 -2.00 -5.91 -11.74
CA ALA A 71 -3.24 -6.15 -12.48
C ALA A 71 -3.05 -5.81 -13.95
N LYS A 72 -2.96 -6.85 -14.77
CA LYS A 72 -2.71 -6.69 -16.20
C LYS A 72 -3.99 -6.38 -16.96
N LEU A 73 -5.09 -6.97 -16.50
CA LEU A 73 -6.39 -6.79 -17.15
C LEU A 73 -6.90 -5.36 -16.95
N GLU A 74 -7.48 -4.81 -18.00
CA GLU A 74 -7.99 -3.45 -17.97
C GLU A 74 -9.08 -3.26 -19.01
N HIS A 75 -9.81 -2.13 -18.90
CA HIS A 75 -10.85 -1.75 -19.87
C HIS A 75 -12.07 -2.65 -19.78
N HIS A 76 -12.08 -3.54 -18.79
CA HIS A 76 -13.18 -4.48 -18.64
C HIS A 76 -14.40 -3.78 -18.05
N HIS A 77 -15.16 -3.11 -18.91
CA HIS A 77 -16.40 -2.47 -18.50
C HIS A 77 -17.33 -2.37 -19.71
N HIS A 78 -16.74 -2.30 -20.90
CA HIS A 78 -17.51 -2.35 -22.13
C HIS A 78 -17.66 -3.81 -22.52
N HIS A 79 -17.89 -4.09 -23.80
CA HIS A 79 -17.75 -5.44 -24.29
C HIS A 79 -16.27 -5.82 -24.20
N HIS A 80 -15.44 -4.83 -24.46
CA HIS A 80 -14.00 -4.92 -24.24
C HIS A 80 -13.39 -3.53 -24.38
N MET A 1 -21.33 -6.17 -10.12
CA MET A 1 -21.33 -6.57 -11.55
C MET A 1 -22.40 -5.78 -12.29
N ARG A 2 -22.03 -4.58 -12.73
CA ARG A 2 -22.94 -3.64 -13.42
C ARG A 2 -23.98 -3.05 -12.46
N ARG A 3 -24.61 -3.91 -11.67
CA ARG A 3 -25.58 -3.46 -10.69
C ARG A 3 -24.99 -3.46 -9.28
N GLN A 4 -24.66 -2.27 -8.81
CA GLN A 4 -24.20 -2.07 -7.44
C GLN A 4 -25.01 -0.96 -6.80
N PRO A 5 -25.01 -0.85 -5.45
CA PRO A 5 -25.59 0.29 -4.75
C PRO A 5 -24.95 1.59 -5.21
N LYS A 6 -25.71 2.37 -5.96
CA LYS A 6 -25.18 3.55 -6.63
C LYS A 6 -25.84 4.81 -6.08
N THR A 7 -25.03 5.70 -5.52
CA THR A 7 -25.55 6.93 -4.93
C THR A 7 -24.45 7.99 -4.80
N ARG A 8 -24.60 9.07 -5.58
CA ARG A 8 -23.74 10.25 -5.48
C ARG A 8 -22.28 9.94 -5.89
N GLN A 9 -21.38 10.87 -5.57
CA GLN A 9 -20.00 10.77 -5.99
C GLN A 9 -19.06 11.06 -4.82
N GLU A 10 -18.00 10.28 -4.72
CA GLU A 10 -16.94 10.56 -3.75
C GLU A 10 -15.71 11.09 -4.46
N SER A 11 -15.44 12.38 -4.28
CA SER A 11 -14.26 12.99 -4.85
C SER A 11 -13.92 14.28 -4.12
N ALA A 12 -12.82 14.27 -3.38
CA ALA A 12 -12.34 15.47 -2.70
C ALA A 12 -11.23 16.13 -3.53
N ARG A 13 -11.50 16.23 -4.84
CA ARG A 13 -10.53 16.74 -5.82
C ARG A 13 -9.40 15.73 -6.04
N MET A 14 -8.94 15.62 -7.28
CA MET A 14 -7.88 14.67 -7.61
C MET A 14 -6.51 15.20 -7.20
N SER A 15 -6.33 15.39 -5.89
CA SER A 15 -5.05 15.83 -5.35
C SER A 15 -4.73 15.03 -4.11
N ILE A 16 -3.90 14.00 -4.28
CA ILE A 16 -3.54 13.12 -3.18
C ILE A 16 -2.04 13.16 -2.95
N GLU A 17 -1.65 12.94 -1.71
CA GLU A 17 -0.25 12.98 -1.32
C GLU A 17 0.04 11.88 -0.32
N ALA A 18 -0.56 10.73 -0.55
CA ALA A 18 -0.38 9.57 0.32
C ALA A 18 1.08 9.11 0.30
N PRO A 19 1.56 8.55 1.42
CA PRO A 19 2.93 8.05 1.50
C PRO A 19 3.19 6.92 0.52
N GLU A 20 4.44 6.79 0.09
CA GLU A 20 4.82 5.75 -0.86
C GLU A 20 4.46 4.37 -0.33
N THR A 21 3.72 3.62 -1.14
CA THR A 21 3.21 2.33 -0.74
C THR A 21 4.25 1.23 -0.93
N VAL A 22 4.21 0.25 -0.05
CA VAL A 22 5.10 -0.89 -0.15
C VAL A 22 4.34 -2.12 -0.61
N VAL A 23 4.94 -2.89 -1.49
CA VAL A 23 4.31 -4.09 -2.03
C VAL A 23 4.59 -5.29 -1.14
N VAL A 24 3.55 -5.96 -0.70
CA VAL A 24 3.68 -7.11 0.17
C VAL A 24 3.28 -8.39 -0.54
N SER A 25 3.99 -9.46 -0.25
CA SER A 25 3.73 -10.75 -0.86
C SER A 25 2.87 -11.61 0.05
N THR A 26 2.23 -10.96 1.01
CA THR A 26 1.35 -11.66 1.95
C THR A 26 0.18 -10.76 2.36
N TRP A 27 -1.00 -11.35 2.51
CA TRP A 27 -2.19 -10.59 2.89
C TRP A 27 -2.04 -9.99 4.28
N LYS A 28 -1.36 -10.71 5.16
CA LYS A 28 -1.09 -10.20 6.50
C LYS A 28 0.35 -9.71 6.57
N VAL A 29 0.53 -8.54 7.16
CA VAL A 29 1.84 -7.91 7.20
C VAL A 29 2.23 -7.57 8.63
N ALA A 30 3.52 -7.51 8.87
CA ALA A 30 4.05 -7.16 10.18
C ALA A 30 4.69 -5.78 10.11
N CYS A 31 3.95 -4.78 10.57
CA CYS A 31 4.43 -3.40 10.53
C CYS A 31 5.22 -3.09 11.79
N ASP A 32 6.16 -2.17 11.69
CA ASP A 32 7.08 -1.88 12.79
C ASP A 32 7.67 -0.49 12.59
N GLY A 33 6.85 0.52 12.81
CA GLY A 33 7.33 1.89 12.74
C GLY A 33 7.11 2.52 11.39
N GLY A 34 8.02 3.40 10.99
CA GLY A 34 7.92 4.08 9.73
C GLY A 34 8.89 5.23 9.60
N GLU A 35 8.70 6.05 8.60
CA GLU A 35 9.57 7.20 8.35
C GLU A 35 9.24 8.35 9.31
N GLY A 36 10.19 9.27 9.44
CA GLY A 36 9.96 10.46 10.25
C GLY A 36 10.08 10.17 11.72
N ALA A 37 9.15 10.70 12.50
CA ALA A 37 9.14 10.53 13.95
C ALA A 37 8.17 9.44 14.37
N LEU A 38 7.71 8.67 13.40
CA LEU A 38 6.73 7.63 13.67
C LEU A 38 7.44 6.31 13.97
N GLY A 39 7.19 5.78 15.16
CA GLY A 39 7.73 4.49 15.52
C GLY A 39 6.78 3.73 16.40
N HIS A 40 6.61 2.46 16.11
CA HIS A 40 5.73 1.61 16.89
C HIS A 40 6.25 0.18 16.85
N PRO A 41 5.94 -0.62 17.89
CA PRO A 41 6.35 -2.03 17.95
C PRO A 41 5.66 -2.89 16.90
N ARG A 42 6.25 -4.05 16.64
CA ARG A 42 5.75 -4.99 15.64
C ARG A 42 4.26 -5.28 15.81
N VAL A 43 3.48 -4.97 14.80
CA VAL A 43 2.06 -5.27 14.81
C VAL A 43 1.69 -6.13 13.62
N TRP A 44 0.53 -6.72 13.71
CA TRP A 44 0.03 -7.63 12.71
C TRP A 44 -1.19 -7.04 12.01
N LEU A 45 -1.06 -6.76 10.71
CA LEU A 45 -2.14 -6.19 9.94
C LEU A 45 -2.63 -7.19 8.90
N SER A 46 -3.80 -6.94 8.35
CA SER A 46 -4.38 -7.81 7.34
C SER A 46 -5.05 -6.99 6.24
N ILE A 47 -4.69 -7.27 5.00
CA ILE A 47 -5.24 -6.56 3.85
C ILE A 47 -6.56 -7.18 3.41
N PRO A 48 -7.62 -6.36 3.31
CA PRO A 48 -8.93 -6.82 2.82
C PRO A 48 -8.90 -7.16 1.33
N HIS A 49 -9.66 -8.19 0.95
CA HIS A 49 -9.71 -8.65 -0.43
C HIS A 49 -10.42 -7.66 -1.35
N GLU A 50 -11.44 -7.01 -0.82
CA GLU A 50 -12.27 -6.11 -1.61
C GLU A 50 -11.52 -4.82 -1.97
N THR A 51 -10.50 -4.49 -1.19
CA THR A 51 -9.69 -3.31 -1.46
C THR A 51 -8.44 -3.67 -2.24
N GLY A 52 -7.62 -4.57 -1.66
CA GLY A 52 -6.37 -4.94 -2.29
C GLY A 52 -5.21 -4.15 -1.70
N PHE A 53 -5.55 -3.16 -0.89
CA PHE A 53 -4.56 -2.32 -0.23
C PHE A 53 -5.04 -1.99 1.18
N VAL A 54 -4.14 -1.50 2.02
CA VAL A 54 -4.49 -1.18 3.39
C VAL A 54 -3.80 0.12 3.84
N GLU A 55 -4.57 0.95 4.55
CA GLU A 55 -4.03 2.14 5.18
C GLU A 55 -3.66 1.83 6.62
N CYS A 56 -2.39 2.02 6.97
CA CYS A 56 -1.93 1.70 8.31
C CYS A 56 -2.54 2.67 9.33
N GLY A 57 -3.55 2.19 10.05
CA GLY A 57 -4.19 3.00 11.07
C GLY A 57 -3.40 3.01 12.35
N TYR A 58 -2.09 3.18 12.23
CA TYR A 58 -1.19 3.20 13.37
C TYR A 58 0.03 4.05 13.02
N CYS A 59 0.62 3.77 11.87
CA CYS A 59 1.76 4.52 11.39
C CYS A 59 1.29 5.62 10.44
N ASP A 60 1.20 5.31 9.16
CA ASP A 60 0.79 6.26 8.13
C ASP A 60 0.97 5.62 6.76
N ARG A 61 2.00 4.78 6.66
CA ARG A 61 2.32 4.05 5.44
C ARG A 61 1.11 3.31 4.86
N ARG A 62 1.04 3.26 3.54
CA ARG A 62 0.05 2.45 2.85
C ARG A 62 0.73 1.21 2.29
N TYR A 63 0.04 0.09 2.33
CA TYR A 63 0.58 -1.16 1.82
C TYR A 63 -0.34 -1.78 0.78
N ILE A 64 0.22 -2.39 -0.24
CA ILE A 64 -0.55 -3.01 -1.30
C ILE A 64 -0.08 -4.45 -1.54
N HIS A 65 -1.03 -5.36 -1.72
CA HIS A 65 -0.69 -6.75 -1.97
C HIS A 65 -0.11 -6.91 -3.37
N GLU A 66 0.83 -7.83 -3.52
CA GLU A 66 1.55 -8.05 -4.76
C GLU A 66 0.61 -8.26 -5.95
N SER A 67 -0.55 -8.86 -5.74
CA SER A 67 -1.48 -9.14 -6.82
C SER A 67 -2.00 -7.84 -7.43
N PHE A 68 -2.19 -6.84 -6.58
CA PHE A 68 -2.74 -5.57 -7.01
C PHE A 68 -1.63 -4.68 -7.59
N ALA A 69 -0.39 -5.08 -7.33
CA ALA A 69 0.78 -4.34 -7.81
C ALA A 69 1.36 -4.96 -9.07
N ALA A 70 1.39 -6.29 -9.13
CA ALA A 70 1.90 -7.00 -10.29
C ALA A 70 0.94 -6.89 -11.45
N ALA A 71 -0.35 -6.92 -11.14
CA ALA A 71 -1.42 -6.71 -12.11
C ALA A 71 -1.50 -7.84 -13.15
N LYS A 72 -2.46 -8.72 -12.97
CA LYS A 72 -2.76 -9.74 -13.96
C LYS A 72 -4.09 -9.42 -14.65
N LEU A 73 -4.13 -9.57 -15.97
CA LEU A 73 -5.34 -9.32 -16.73
C LEU A 73 -6.35 -10.44 -16.50
N GLU A 74 -7.61 -10.06 -16.30
CA GLU A 74 -8.65 -11.03 -15.99
C GLU A 74 -9.22 -11.66 -17.24
N HIS A 75 -9.62 -12.91 -17.11
CA HIS A 75 -10.41 -13.60 -18.12
C HIS A 75 -10.93 -14.90 -17.53
N HIS A 76 -12.15 -15.25 -17.88
CA HIS A 76 -12.84 -16.39 -17.27
C HIS A 76 -12.24 -17.71 -17.73
N HIS A 77 -11.53 -18.38 -16.83
CA HIS A 77 -10.92 -19.66 -17.16
C HIS A 77 -11.97 -20.77 -17.09
N HIS A 78 -12.64 -20.99 -18.21
CA HIS A 78 -13.69 -21.99 -18.31
C HIS A 78 -14.05 -22.16 -19.77
N HIS A 79 -14.30 -23.39 -20.20
CA HIS A 79 -14.62 -23.67 -21.61
C HIS A 79 -16.06 -23.28 -21.95
N HIS A 80 -16.51 -22.17 -21.35
CA HIS A 80 -17.83 -21.63 -21.57
C HIS A 80 -18.01 -20.41 -20.69
N MET A 1 -30.82 -7.96 2.07
CA MET A 1 -31.52 -6.66 2.08
C MET A 1 -30.51 -5.51 2.15
N ARG A 2 -31.00 -4.28 2.04
CA ARG A 2 -30.14 -3.10 1.97
C ARG A 2 -29.25 -3.14 0.74
N ARG A 3 -28.22 -2.32 0.73
CA ARG A 3 -27.32 -2.21 -0.42
C ARG A 3 -25.87 -2.42 0.00
N GLN A 4 -25.08 -2.96 -0.91
CA GLN A 4 -23.66 -3.17 -0.69
C GLN A 4 -22.87 -2.82 -1.95
N PRO A 5 -22.42 -1.57 -2.06
CA PRO A 5 -21.62 -1.13 -3.20
C PRO A 5 -20.16 -1.49 -3.05
N LYS A 6 -19.43 -1.53 -4.14
CA LYS A 6 -18.01 -1.81 -4.11
C LYS A 6 -17.24 -0.53 -3.86
N THR A 7 -16.93 -0.27 -2.61
CA THR A 7 -16.30 0.97 -2.23
C THR A 7 -14.80 0.93 -2.38
N ARG A 8 -14.33 1.22 -3.59
CA ARG A 8 -12.91 1.37 -3.83
C ARG A 8 -12.56 2.85 -3.83
N GLN A 9 -12.16 3.34 -2.67
CA GLN A 9 -11.91 4.76 -2.47
C GLN A 9 -10.78 5.26 -3.36
N GLU A 10 -10.97 6.43 -3.93
CA GLU A 10 -9.97 7.05 -4.79
C GLU A 10 -8.85 7.66 -3.95
N SER A 11 -7.86 6.84 -3.63
CA SER A 11 -6.73 7.28 -2.84
C SER A 11 -5.62 7.80 -3.76
N ALA A 12 -4.40 7.87 -3.24
CA ALA A 12 -3.26 8.34 -4.00
C ALA A 12 -2.97 7.40 -5.18
N ARG A 13 -2.73 7.98 -6.34
CA ARG A 13 -2.54 7.21 -7.56
C ARG A 13 -1.10 6.72 -7.69
N MET A 14 -0.16 7.61 -7.37
CA MET A 14 1.25 7.28 -7.44
C MET A 14 2.05 8.31 -6.68
N SER A 15 2.40 7.99 -5.45
CA SER A 15 3.12 8.93 -4.59
C SER A 15 4.62 8.83 -4.83
N ILE A 16 5.28 9.98 -4.88
CA ILE A 16 6.73 10.03 -4.99
C ILE A 16 7.28 10.70 -3.73
N GLU A 17 8.57 10.50 -3.47
CA GLU A 17 9.20 10.96 -2.23
C GLU A 17 8.52 10.29 -1.04
N ALA A 18 9.03 9.12 -0.67
CA ALA A 18 8.44 8.27 0.37
C ALA A 18 7.07 7.78 -0.08
N PRO A 19 7.04 6.76 -0.97
CA PRO A 19 5.81 6.25 -1.56
C PRO A 19 5.12 5.22 -0.69
N GLU A 20 4.07 4.62 -1.25
CA GLU A 20 3.32 3.59 -0.56
C GLU A 20 3.44 2.28 -1.30
N THR A 21 4.44 2.23 -2.14
CA THR A 21 4.62 1.14 -3.08
C THR A 21 5.41 -0.01 -2.44
N VAL A 22 5.03 -0.36 -1.23
CA VAL A 22 5.63 -1.47 -0.54
C VAL A 22 4.86 -2.73 -0.85
N VAL A 23 5.37 -3.51 -1.79
CA VAL A 23 4.67 -4.68 -2.29
C VAL A 23 4.84 -5.86 -1.33
N VAL A 24 3.72 -6.45 -0.94
CA VAL A 24 3.71 -7.60 -0.05
C VAL A 24 3.11 -8.81 -0.75
N SER A 25 3.60 -9.98 -0.39
CA SER A 25 3.10 -11.22 -0.95
C SER A 25 2.14 -11.89 0.03
N THR A 26 2.14 -11.38 1.26
CA THR A 26 1.29 -11.91 2.31
C THR A 26 0.15 -10.95 2.63
N TRP A 27 -0.95 -11.51 3.13
CA TRP A 27 -2.12 -10.72 3.47
C TRP A 27 -2.06 -10.27 4.91
N LYS A 28 -1.37 -11.05 5.73
CA LYS A 28 -1.12 -10.67 7.11
C LYS A 28 0.25 -10.01 7.21
N VAL A 29 0.26 -8.69 7.29
CA VAL A 29 1.49 -7.93 7.21
C VAL A 29 1.85 -7.38 8.58
N ALA A 30 3.09 -6.97 8.74
CA ALA A 30 3.53 -6.38 9.99
C ALA A 30 3.86 -4.91 9.79
N CYS A 31 3.31 -4.07 10.64
CA CYS A 31 3.61 -2.65 10.60
C CYS A 31 4.70 -2.35 11.62
N ASP A 32 5.54 -1.38 11.30
CA ASP A 32 6.71 -1.11 12.12
C ASP A 32 7.23 0.30 11.84
N GLY A 33 6.48 1.28 12.31
CA GLY A 33 6.92 2.66 12.21
C GLY A 33 6.52 3.32 10.91
N GLY A 34 7.45 4.04 10.31
CA GLY A 34 7.17 4.76 9.10
C GLY A 34 8.31 5.67 8.70
N GLU A 35 7.98 6.86 8.23
CA GLU A 35 8.99 7.81 7.78
C GLU A 35 9.32 8.84 8.86
N GLY A 36 10.53 9.35 8.80
CA GLY A 36 10.94 10.40 9.71
C GLY A 36 10.99 9.95 11.15
N ALA A 37 10.28 10.66 12.01
CA ALA A 37 10.29 10.39 13.44
C ALA A 37 9.06 9.60 13.86
N LEU A 38 8.38 9.01 12.90
CA LEU A 38 7.22 8.17 13.17
C LEU A 38 7.65 6.71 13.30
N GLY A 39 7.68 6.22 14.52
CA GLY A 39 8.09 4.85 14.76
C GLY A 39 7.28 4.18 15.85
N HIS A 40 7.13 2.88 15.74
CA HIS A 40 6.42 2.09 16.73
C HIS A 40 6.82 0.62 16.59
N PRO A 41 6.71 -0.15 17.68
CA PRO A 41 7.01 -1.59 17.65
C PRO A 41 6.12 -2.35 16.67
N ARG A 42 6.62 -3.47 16.18
CA ARG A 42 5.93 -4.27 15.18
C ARG A 42 4.54 -4.72 15.64
N VAL A 43 3.56 -4.52 14.77
CA VAL A 43 2.18 -4.95 15.01
C VAL A 43 1.67 -5.73 13.80
N TRP A 44 0.62 -6.51 13.98
CA TRP A 44 0.07 -7.32 12.91
C TRP A 44 -1.12 -6.65 12.25
N LEU A 45 -1.13 -6.64 10.93
CA LEU A 45 -2.23 -6.09 10.16
C LEU A 45 -2.83 -7.16 9.26
N SER A 46 -3.94 -6.83 8.63
CA SER A 46 -4.58 -7.74 7.69
C SER A 46 -5.09 -6.95 6.49
N ILE A 47 -4.69 -7.39 5.29
CA ILE A 47 -5.11 -6.73 4.07
C ILE A 47 -6.47 -7.25 3.61
N PRO A 48 -7.43 -6.34 3.41
CA PRO A 48 -8.74 -6.68 2.83
C PRO A 48 -8.59 -7.19 1.39
N HIS A 49 -9.24 -8.29 1.10
CA HIS A 49 -8.96 -9.05 -0.12
C HIS A 49 -9.64 -8.47 -1.37
N GLU A 50 -10.59 -7.57 -1.18
CA GLU A 50 -11.33 -7.01 -2.32
C GLU A 50 -10.66 -5.73 -2.81
N THR A 51 -9.98 -5.04 -1.90
CA THR A 51 -9.30 -3.80 -2.24
C THR A 51 -7.85 -4.05 -2.65
N GLY A 52 -7.15 -4.90 -1.91
CA GLY A 52 -5.79 -5.26 -2.28
C GLY A 52 -4.73 -4.39 -1.60
N PHE A 53 -5.18 -3.51 -0.73
CA PHE A 53 -4.26 -2.64 0.00
C PHE A 53 -4.70 -2.52 1.44
N VAL A 54 -3.76 -2.24 2.33
CA VAL A 54 -4.07 -2.10 3.74
C VAL A 54 -3.79 -0.68 4.22
N GLU A 55 -4.81 -0.06 4.79
CA GLU A 55 -4.68 1.27 5.36
C GLU A 55 -4.33 1.17 6.83
N CYS A 56 -3.14 1.61 7.19
CA CYS A 56 -2.67 1.55 8.56
C CYS A 56 -3.45 2.52 9.43
N GLY A 57 -3.68 2.12 10.68
CA GLY A 57 -4.34 2.99 11.63
C GLY A 57 -3.38 3.42 12.73
N TYR A 58 -2.09 3.30 12.45
CA TYR A 58 -1.07 3.62 13.43
C TYR A 58 -0.02 4.56 12.83
N CYS A 59 0.10 4.57 11.50
CA CYS A 59 1.07 5.40 10.82
C CYS A 59 0.71 5.56 9.35
N ASP A 60 1.48 6.38 8.63
CA ASP A 60 1.26 6.64 7.21
C ASP A 60 1.99 5.59 6.38
N ARG A 61 1.85 4.34 6.78
CA ARG A 61 2.42 3.23 6.05
C ARG A 61 1.35 2.46 5.32
N ARG A 62 1.41 2.48 4.01
CA ARG A 62 0.45 1.78 3.18
C ARG A 62 1.18 0.67 2.42
N TYR A 63 0.62 -0.52 2.47
CA TYR A 63 1.23 -1.66 1.82
C TYR A 63 0.32 -2.16 0.70
N ILE A 64 0.91 -2.55 -0.41
CA ILE A 64 0.16 -2.99 -1.57
C ILE A 64 0.45 -4.45 -1.87
N HIS A 65 -0.60 -5.25 -2.00
CA HIS A 65 -0.42 -6.65 -2.35
C HIS A 65 0.06 -6.73 -3.79
N GLU A 66 0.90 -7.72 -4.08
CA GLU A 66 1.50 -7.89 -5.40
C GLU A 66 0.44 -7.91 -6.51
N SER A 67 -0.73 -8.44 -6.21
CA SER A 67 -1.79 -8.56 -7.20
C SER A 67 -2.37 -7.19 -7.54
N PHE A 68 -2.40 -6.30 -6.55
CA PHE A 68 -2.93 -4.96 -6.76
C PHE A 68 -1.82 -4.04 -7.24
N ALA A 69 -0.59 -4.47 -7.05
CA ALA A 69 0.57 -3.69 -7.44
C ALA A 69 0.75 -3.70 -8.94
N ALA A 70 0.70 -4.89 -9.53
CA ALA A 70 0.83 -5.05 -10.97
C ALA A 70 -0.54 -5.02 -11.64
N ALA A 71 -1.41 -4.15 -11.15
CA ALA A 71 -2.75 -4.05 -11.67
C ALA A 71 -2.88 -2.91 -12.68
N LYS A 72 -3.03 -1.68 -12.17
CA LYS A 72 -3.29 -0.53 -13.03
C LYS A 72 -1.99 0.13 -13.46
N LEU A 73 -1.16 0.52 -12.49
CA LEU A 73 0.11 1.16 -12.80
C LEU A 73 1.26 0.16 -12.69
N GLU A 74 2.42 0.54 -13.18
CA GLU A 74 3.56 -0.38 -13.25
C GLU A 74 4.58 -0.12 -12.13
N HIS A 75 5.07 1.12 -12.07
CA HIS A 75 6.22 1.47 -11.23
C HIS A 75 7.47 0.75 -11.76
N HIS A 76 7.36 0.25 -12.97
CA HIS A 76 8.41 -0.54 -13.58
C HIS A 76 9.01 0.25 -14.73
N HIS A 77 10.33 0.17 -14.88
CA HIS A 77 11.04 0.89 -15.94
C HIS A 77 10.59 0.41 -17.32
N HIS A 78 10.56 1.33 -18.27
CA HIS A 78 10.20 0.98 -19.63
C HIS A 78 11.30 1.42 -20.58
N HIS A 79 11.81 0.48 -21.38
CA HIS A 79 12.83 0.79 -22.35
C HIS A 79 12.22 0.77 -23.74
N HIS A 80 12.42 1.83 -24.49
CA HIS A 80 11.89 1.90 -25.84
C HIS A 80 12.97 1.59 -26.87
N MET A 1 1.09 49.07 -29.03
CA MET A 1 1.22 48.34 -27.75
C MET A 1 1.87 46.98 -27.99
N ARG A 2 2.61 46.49 -27.00
CA ARG A 2 3.22 45.17 -27.09
C ARG A 2 2.67 44.27 -26.00
N ARG A 3 2.80 42.96 -26.19
CA ARG A 3 2.36 42.01 -25.19
C ARG A 3 3.58 41.26 -24.62
N GLN A 4 4.00 41.67 -23.43
CA GLN A 4 5.09 41.01 -22.75
C GLN A 4 4.61 39.70 -22.16
N PRO A 5 5.40 38.63 -22.33
CA PRO A 5 5.07 37.30 -21.81
C PRO A 5 4.95 37.31 -20.28
N LYS A 6 3.85 36.76 -19.78
CA LYS A 6 3.63 36.70 -18.35
C LYS A 6 4.41 35.54 -17.74
N THR A 7 5.63 35.83 -17.32
CA THR A 7 6.48 34.85 -16.68
C THR A 7 5.94 34.49 -15.30
N ARG A 8 6.01 33.21 -14.95
CA ARG A 8 5.59 32.75 -13.64
C ARG A 8 6.54 31.67 -13.11
N GLN A 9 7.42 32.07 -12.22
CA GLN A 9 8.38 31.16 -11.60
C GLN A 9 8.42 31.41 -10.09
N GLU A 10 9.52 31.01 -9.46
CA GLU A 10 9.77 31.29 -8.04
C GLU A 10 8.85 30.46 -7.14
N SER A 11 8.43 29.31 -7.63
CA SER A 11 7.55 28.45 -6.87
C SER A 11 8.20 27.09 -6.64
N ALA A 12 8.66 26.87 -5.41
CA ALA A 12 9.29 25.61 -5.04
C ALA A 12 9.18 25.36 -3.54
N ARG A 13 8.94 24.11 -3.17
CA ARG A 13 8.94 23.69 -1.78
C ARG A 13 10.17 22.83 -1.50
N MET A 14 11.10 23.36 -0.72
CA MET A 14 12.36 22.67 -0.48
C MET A 14 12.27 21.71 0.68
N SER A 15 12.70 20.47 0.42
CA SER A 15 12.84 19.43 1.45
C SER A 15 11.53 19.07 2.13
N ILE A 16 10.87 18.04 1.60
CA ILE A 16 9.68 17.48 2.21
C ILE A 16 9.90 15.98 2.41
N GLU A 17 9.08 15.35 3.23
CA GLU A 17 9.20 13.92 3.47
C GLU A 17 8.25 13.15 2.59
N ALA A 18 8.81 12.44 1.61
CA ALA A 18 8.02 11.70 0.65
C ALA A 18 7.81 10.26 1.11
N PRO A 19 6.55 9.86 1.34
CA PRO A 19 6.20 8.50 1.75
C PRO A 19 6.51 7.47 0.66
N GLU A 20 7.35 6.51 0.98
CA GLU A 20 7.73 5.47 0.04
C GLU A 20 6.63 4.42 -0.07
N THR A 21 6.50 3.81 -1.25
CA THR A 21 5.49 2.78 -1.47
C THR A 21 6.10 1.39 -1.32
N VAL A 22 5.35 0.48 -0.70
CA VAL A 22 5.87 -0.85 -0.42
C VAL A 22 4.89 -1.92 -0.89
N VAL A 23 5.39 -2.83 -1.71
CA VAL A 23 4.59 -3.96 -2.17
C VAL A 23 4.80 -5.15 -1.24
N VAL A 24 3.70 -5.77 -0.83
CA VAL A 24 3.76 -6.89 0.10
C VAL A 24 3.21 -8.16 -0.53
N SER A 25 3.79 -9.29 -0.15
CA SER A 25 3.40 -10.58 -0.70
C SER A 25 2.59 -11.35 0.35
N THR A 26 2.42 -10.74 1.51
CA THR A 26 1.72 -11.38 2.60
C THR A 26 0.35 -10.76 2.84
N TRP A 27 -0.68 -11.60 2.95
CA TRP A 27 -2.02 -11.13 3.29
C TRP A 27 -2.06 -10.58 4.71
N LYS A 28 -1.10 -11.01 5.52
CA LYS A 28 -0.90 -10.45 6.84
C LYS A 28 0.37 -9.62 6.84
N VAL A 29 0.26 -8.36 7.23
CA VAL A 29 1.37 -7.45 7.19
C VAL A 29 1.83 -7.09 8.60
N ALA A 30 3.11 -7.26 8.85
CA ALA A 30 3.69 -6.92 10.13
C ALA A 30 4.27 -5.52 10.07
N CYS A 31 3.52 -4.56 10.58
CA CYS A 31 3.97 -3.19 10.55
C CYS A 31 4.84 -2.91 11.75
N ASP A 32 6.01 -2.39 11.49
CA ASP A 32 6.99 -2.10 12.53
C ASP A 32 7.32 -0.62 12.51
N GLY A 33 6.62 0.10 11.66
CA GLY A 33 6.86 1.53 11.52
C GLY A 33 7.86 1.84 10.44
N GLY A 34 9.04 1.29 10.59
CA GLY A 34 10.11 1.51 9.63
C GLY A 34 11.44 0.98 10.13
N GLU A 35 12.44 1.82 10.07
CA GLU A 35 13.76 1.45 10.57
C GLU A 35 13.79 1.55 12.09
N GLY A 36 14.92 1.19 12.68
CA GLY A 36 15.08 1.28 14.11
C GLY A 36 14.82 2.68 14.62
N ALA A 37 13.92 2.79 15.59
CA ALA A 37 13.54 4.07 16.20
C ALA A 37 12.80 4.96 15.21
N LEU A 38 12.43 4.40 14.07
CA LEU A 38 11.66 5.11 13.06
C LEU A 38 10.35 4.39 12.87
N GLY A 39 9.83 3.82 13.94
CA GLY A 39 8.61 3.05 13.85
C GLY A 39 7.94 2.87 15.19
N HIS A 40 7.31 1.73 15.36
CA HIS A 40 6.52 1.43 16.55
C HIS A 40 6.58 -0.08 16.85
N PRO A 41 6.08 -0.51 18.02
CA PRO A 41 5.92 -1.94 18.31
C PRO A 41 5.19 -2.65 17.19
N ARG A 42 5.71 -3.81 16.78
CA ARG A 42 5.21 -4.49 15.60
C ARG A 42 3.77 -4.97 15.79
N VAL A 43 2.94 -4.65 14.81
CA VAL A 43 1.54 -5.06 14.83
C VAL A 43 1.26 -5.90 13.60
N TRP A 44 0.32 -6.83 13.72
CA TRP A 44 -0.03 -7.71 12.63
C TRP A 44 -1.41 -7.38 12.08
N LEU A 45 -1.42 -6.82 10.88
CA LEU A 45 -2.65 -6.45 10.19
C LEU A 45 -2.91 -7.43 9.05
N SER A 46 -4.08 -7.37 8.46
CA SER A 46 -4.39 -8.21 7.32
C SER A 46 -5.02 -7.38 6.22
N ILE A 47 -4.65 -7.68 4.98
CA ILE A 47 -5.12 -6.96 3.82
C ILE A 47 -6.49 -7.46 3.38
N PRO A 48 -7.46 -6.55 3.21
CA PRO A 48 -8.78 -6.88 2.69
C PRO A 48 -8.66 -7.42 1.25
N HIS A 49 -9.49 -8.40 0.91
CA HIS A 49 -9.27 -9.21 -0.29
C HIS A 49 -9.96 -8.63 -1.53
N GLU A 50 -10.66 -7.52 -1.37
CA GLU A 50 -11.35 -6.90 -2.49
C GLU A 50 -10.64 -5.61 -2.91
N THR A 51 -9.99 -4.98 -1.93
CA THR A 51 -9.26 -3.75 -2.16
C THR A 51 -7.84 -4.05 -2.62
N GLY A 52 -7.12 -4.88 -1.87
CA GLY A 52 -5.78 -5.25 -2.25
C GLY A 52 -4.72 -4.33 -1.66
N PHE A 53 -5.12 -3.51 -0.71
CA PHE A 53 -4.18 -2.61 -0.05
C PHE A 53 -4.57 -2.40 1.40
N VAL A 54 -3.60 -2.09 2.23
CA VAL A 54 -3.85 -1.84 3.64
C VAL A 54 -3.22 -0.53 4.08
N GLU A 55 -3.99 0.31 4.75
CA GLU A 55 -3.50 1.58 5.25
C GLU A 55 -3.32 1.51 6.76
N CYS A 56 -2.11 1.16 7.19
CA CYS A 56 -1.76 1.08 8.58
C CYS A 56 -1.77 2.46 9.21
N GLY A 57 -2.78 2.74 10.03
CA GLY A 57 -2.92 4.06 10.60
C GLY A 57 -2.03 4.28 11.81
N TYR A 58 -1.31 3.25 12.22
CA TYR A 58 -0.41 3.33 13.37
C TYR A 58 0.78 4.22 13.06
N CYS A 59 1.31 4.08 11.85
CA CYS A 59 2.51 4.81 11.43
C CYS A 59 2.24 5.59 10.17
N ASP A 60 1.07 5.33 9.59
CA ASP A 60 0.67 5.88 8.30
C ASP A 60 1.44 5.18 7.19
N ARG A 61 1.11 3.91 6.98
CA ARG A 61 1.77 3.09 5.99
C ARG A 61 0.75 2.48 5.04
N ARG A 62 0.88 2.79 3.76
CA ARG A 62 -0.01 2.24 2.77
C ARG A 62 0.72 1.17 1.97
N TYR A 63 0.39 -0.09 2.25
CA TYR A 63 1.04 -1.20 1.58
C TYR A 63 0.16 -1.75 0.47
N ILE A 64 0.74 -1.98 -0.68
CA ILE A 64 0.02 -2.53 -1.82
C ILE A 64 0.33 -4.02 -1.94
N HIS A 65 -0.70 -4.85 -1.99
CA HIS A 65 -0.50 -6.28 -2.12
C HIS A 65 -0.02 -6.59 -3.53
N GLU A 66 0.83 -7.61 -3.64
CA GLU A 66 1.40 -8.03 -4.91
C GLU A 66 0.34 -8.27 -5.99
N SER A 67 -0.80 -8.82 -5.59
CA SER A 67 -1.86 -9.13 -6.53
C SER A 67 -2.52 -7.85 -7.05
N PHE A 68 -2.55 -6.84 -6.21
CA PHE A 68 -3.14 -5.55 -6.57
C PHE A 68 -2.13 -4.73 -7.36
N ALA A 69 -0.87 -5.10 -7.25
CA ALA A 69 0.20 -4.43 -7.97
C ALA A 69 0.29 -4.95 -9.39
N ALA A 70 0.03 -6.25 -9.56
CA ALA A 70 0.00 -6.90 -10.87
C ALA A 70 1.35 -6.88 -11.56
N ALA A 71 2.41 -6.73 -10.78
CA ALA A 71 3.77 -6.73 -11.31
C ALA A 71 4.35 -8.14 -11.29
N LYS A 72 5.62 -8.26 -11.66
CA LYS A 72 6.29 -9.56 -11.68
C LYS A 72 6.47 -10.09 -10.26
N LEU A 73 5.88 -11.24 -9.99
CA LEU A 73 6.00 -11.87 -8.69
C LEU A 73 7.06 -12.96 -8.73
N GLU A 74 7.96 -12.96 -7.77
CA GLU A 74 9.04 -13.93 -7.78
C GLU A 74 8.67 -15.19 -7.00
N HIS A 75 8.17 -15.02 -5.77
CA HIS A 75 7.81 -16.15 -4.91
C HIS A 75 8.97 -17.14 -4.85
N HIS A 76 10.12 -16.61 -4.47
CA HIS A 76 11.36 -17.37 -4.50
C HIS A 76 11.36 -18.45 -3.43
N HIS A 77 12.05 -19.56 -3.73
CA HIS A 77 12.21 -20.68 -2.80
C HIS A 77 10.93 -21.53 -2.75
N HIS A 78 10.84 -22.45 -1.79
CA HIS A 78 9.69 -23.35 -1.71
C HIS A 78 9.18 -23.44 -0.27
N HIS A 79 7.97 -23.94 -0.13
CA HIS A 79 7.31 -24.05 1.16
C HIS A 79 7.66 -25.38 1.82
N HIS A 80 7.63 -25.41 3.15
CA HIS A 80 7.83 -26.66 3.88
C HIS A 80 6.50 -27.39 4.01
N MET A 1 -5.51 15.30 -48.89
CA MET A 1 -5.84 15.60 -47.48
C MET A 1 -4.60 16.05 -46.72
N ARG A 2 -4.82 16.85 -45.69
CA ARG A 2 -3.76 17.34 -44.82
C ARG A 2 -4.35 17.88 -43.53
N ARG A 3 -4.19 17.14 -42.46
CA ARG A 3 -4.69 17.55 -41.16
C ARG A 3 -3.57 18.17 -40.33
N GLN A 4 -3.80 19.37 -39.84
CA GLN A 4 -2.79 20.07 -39.06
C GLN A 4 -3.13 20.03 -37.58
N PRO A 5 -2.35 19.28 -36.80
CA PRO A 5 -2.50 19.26 -35.33
C PRO A 5 -2.03 20.57 -34.72
N LYS A 6 -2.97 21.44 -34.41
CA LYS A 6 -2.65 22.78 -33.95
C LYS A 6 -2.47 22.81 -32.43
N THR A 7 -1.24 22.97 -31.99
CA THR A 7 -0.94 23.10 -30.59
C THR A 7 -1.05 24.57 -30.17
N ARG A 8 -2.23 24.95 -29.70
CA ARG A 8 -2.48 26.32 -29.29
C ARG A 8 -2.16 26.49 -27.81
N GLN A 9 -2.18 25.38 -27.09
CA GLN A 9 -1.94 25.39 -25.66
C GLN A 9 -0.66 24.61 -25.33
N GLU A 10 0.43 25.33 -25.19
CA GLU A 10 1.70 24.72 -24.85
C GLU A 10 1.83 24.63 -23.34
N SER A 11 1.86 23.41 -22.84
CA SER A 11 1.92 23.15 -21.41
C SER A 11 2.43 21.74 -21.18
N ALA A 12 3.22 21.54 -20.15
CA ALA A 12 3.78 20.24 -19.85
C ALA A 12 2.78 19.41 -19.04
N ARG A 13 2.45 18.23 -19.55
CA ARG A 13 1.48 17.37 -18.89
C ARG A 13 2.17 16.23 -18.18
N MET A 14 2.15 16.27 -16.85
CA MET A 14 2.78 15.23 -16.05
C MET A 14 1.78 14.68 -15.05
N SER A 15 0.87 13.86 -15.54
CA SER A 15 -0.17 13.27 -14.73
C SER A 15 0.32 11.97 -14.07
N ILE A 16 0.80 12.10 -12.84
CA ILE A 16 1.21 10.94 -12.06
C ILE A 16 0.79 11.11 -10.60
N GLU A 17 0.71 9.99 -9.92
CA GLU A 17 0.34 9.96 -8.51
C GLU A 17 0.79 8.62 -7.95
N ALA A 18 2.05 8.55 -7.55
CA ALA A 18 2.63 7.30 -7.12
C ALA A 18 3.51 7.49 -5.89
N PRO A 19 2.96 7.19 -4.70
CA PRO A 19 3.73 7.19 -3.47
C PRO A 19 4.58 5.94 -3.37
N GLU A 20 5.74 6.05 -2.74
CA GLU A 20 6.57 4.88 -2.51
C GLU A 20 5.86 3.95 -1.53
N THR A 21 5.18 2.96 -2.08
CA THR A 21 4.35 2.08 -1.29
C THR A 21 5.03 0.72 -1.13
N VAL A 22 4.76 0.05 -0.02
CA VAL A 22 5.34 -1.25 0.25
C VAL A 22 4.50 -2.34 -0.40
N VAL A 23 5.14 -3.11 -1.28
CA VAL A 23 4.48 -4.23 -1.93
C VAL A 23 4.65 -5.49 -1.10
N VAL A 24 3.54 -6.12 -0.76
CA VAL A 24 3.56 -7.29 0.09
C VAL A 24 2.90 -8.48 -0.58
N SER A 25 3.27 -9.66 -0.14
CA SER A 25 2.67 -10.89 -0.62
C SER A 25 1.94 -11.57 0.52
N THR A 26 2.07 -10.99 1.70
CA THR A 26 1.47 -11.53 2.90
C THR A 26 0.11 -10.90 3.18
N TRP A 27 -0.87 -11.75 3.49
CA TRP A 27 -2.19 -11.28 3.87
C TRP A 27 -2.16 -10.80 5.32
N LYS A 28 -1.31 -11.44 6.11
CA LYS A 28 -1.04 -10.96 7.45
C LYS A 28 0.26 -10.17 7.44
N VAL A 29 0.15 -8.86 7.56
CA VAL A 29 1.30 -8.00 7.42
C VAL A 29 1.88 -7.65 8.78
N ALA A 30 3.17 -7.38 8.80
CA ALA A 30 3.86 -6.99 10.02
C ALA A 30 4.43 -5.59 9.83
N CYS A 31 3.76 -4.60 10.42
CA CYS A 31 4.17 -3.23 10.26
C CYS A 31 5.27 -2.91 11.25
N ASP A 32 6.37 -2.43 10.70
CA ASP A 32 7.60 -2.30 11.48
C ASP A 32 7.96 -0.85 11.74
N GLY A 33 7.41 0.04 10.94
CA GLY A 33 7.76 1.44 11.04
C GLY A 33 9.09 1.73 10.39
N GLY A 34 10.15 1.57 11.16
CA GLY A 34 11.49 1.83 10.68
C GLY A 34 12.54 1.30 11.63
N GLU A 35 13.61 2.06 11.80
CA GLU A 35 14.67 1.68 12.73
C GLU A 35 14.26 1.93 14.18
N GLY A 36 15.18 1.63 15.10
CA GLY A 36 14.91 1.83 16.51
C GLY A 36 14.54 3.26 16.83
N ALA A 37 13.45 3.42 17.60
CA ALA A 37 12.94 4.73 18.03
C ALA A 37 12.21 5.45 16.90
N LEU A 38 12.60 5.18 15.66
CA LEU A 38 11.95 5.76 14.50
C LEU A 38 10.71 4.97 14.13
N GLY A 39 10.73 3.69 14.47
CA GLY A 39 9.59 2.84 14.20
C GLY A 39 8.78 2.54 15.45
N HIS A 40 7.52 2.24 15.24
CA HIS A 40 6.62 1.87 16.33
C HIS A 40 6.79 0.39 16.66
N PRO A 41 6.21 -0.09 17.78
CA PRO A 41 6.17 -1.52 18.09
C PRO A 41 5.58 -2.32 16.93
N ARG A 42 6.10 -3.51 16.69
CA ARG A 42 5.71 -4.31 15.54
C ARG A 42 4.24 -4.71 15.64
N VAL A 43 3.43 -4.22 14.72
CA VAL A 43 2.00 -4.50 14.72
C VAL A 43 1.65 -5.43 13.57
N TRP A 44 0.55 -6.14 13.71
CA TRP A 44 0.11 -7.07 12.69
C TRP A 44 -1.15 -6.54 12.03
N LEU A 45 -1.14 -6.51 10.70
CA LEU A 45 -2.27 -6.04 9.93
C LEU A 45 -2.91 -7.19 9.18
N SER A 46 -4.15 -7.00 8.77
CA SER A 46 -4.89 -8.02 8.04
C SER A 46 -5.42 -7.44 6.74
N ILE A 47 -4.89 -7.93 5.62
CA ILE A 47 -5.34 -7.48 4.32
C ILE A 47 -6.57 -8.25 3.88
N PRO A 48 -7.65 -7.54 3.57
CA PRO A 48 -8.88 -8.13 3.05
C PRO A 48 -8.65 -8.78 1.68
N HIS A 49 -9.19 -9.99 1.51
CA HIS A 49 -8.90 -10.81 0.34
C HIS A 49 -9.61 -10.29 -0.91
N GLU A 50 -10.60 -9.43 -0.75
CA GLU A 50 -11.34 -8.92 -1.89
C GLU A 50 -10.89 -7.52 -2.28
N THR A 51 -9.85 -7.02 -1.63
CA THR A 51 -9.28 -5.73 -2.00
C THR A 51 -7.80 -5.88 -2.36
N GLY A 52 -6.98 -6.26 -1.39
CA GLY A 52 -5.57 -6.46 -1.65
C GLY A 52 -4.73 -5.23 -1.34
N PHE A 53 -5.25 -4.36 -0.48
CA PHE A 53 -4.54 -3.16 -0.08
C PHE A 53 -4.98 -2.73 1.31
N VAL A 54 -4.09 -2.04 2.03
CA VAL A 54 -4.42 -1.55 3.37
C VAL A 54 -3.53 -0.37 3.74
N GLU A 55 -4.08 0.57 4.49
CA GLU A 55 -3.31 1.67 5.02
C GLU A 55 -3.06 1.44 6.50
N CYS A 56 -1.85 1.73 6.96
CA CYS A 56 -1.48 1.48 8.34
C CYS A 56 -2.29 2.36 9.28
N GLY A 57 -2.99 1.71 10.20
CA GLY A 57 -3.79 2.43 11.18
C GLY A 57 -2.95 2.89 12.35
N TYR A 58 -1.76 3.40 12.05
CA TYR A 58 -0.83 3.85 13.08
C TYR A 58 0.21 4.76 12.45
N CYS A 59 0.80 4.27 11.36
CA CYS A 59 1.81 5.03 10.63
C CYS A 59 1.24 5.50 9.29
N ASP A 60 1.94 6.43 8.65
CA ASP A 60 1.48 7.04 7.41
C ASP A 60 1.75 6.13 6.20
N ARG A 61 2.37 4.98 6.45
CA ARG A 61 2.77 4.09 5.39
C ARG A 61 1.61 3.21 4.92
N ARG A 62 1.68 2.79 3.66
CA ARG A 62 0.60 2.07 3.01
C ARG A 62 1.12 0.75 2.43
N TYR A 63 0.27 -0.26 2.35
CA TYR A 63 0.68 -1.57 1.88
C TYR A 63 -0.20 -2.06 0.74
N ILE A 64 0.43 -2.54 -0.31
CA ILE A 64 -0.27 -3.03 -1.49
C ILE A 64 0.16 -4.46 -1.80
N HIS A 65 -0.79 -5.36 -1.99
CA HIS A 65 -0.47 -6.73 -2.35
C HIS A 65 0.09 -6.76 -3.77
N GLU A 66 1.04 -7.67 -4.01
CA GLU A 66 1.71 -7.77 -5.31
C GLU A 66 0.71 -7.90 -6.47
N SER A 67 -0.43 -8.52 -6.22
CA SER A 67 -1.43 -8.74 -7.26
C SER A 67 -2.13 -7.43 -7.63
N PHE A 68 -2.12 -6.47 -6.71
CA PHE A 68 -2.81 -5.21 -6.92
C PHE A 68 -1.86 -4.18 -7.51
N ALA A 69 -0.56 -4.50 -7.48
CA ALA A 69 0.48 -3.58 -7.93
C ALA A 69 0.45 -3.38 -9.45
N ALA A 70 -0.36 -4.18 -10.13
CA ALA A 70 -0.50 -4.07 -11.57
C ALA A 70 -1.18 -2.75 -11.96
N ALA A 71 -1.99 -2.23 -11.06
CA ALA A 71 -2.75 -1.01 -11.33
C ALA A 71 -1.92 0.24 -11.00
N LYS A 72 -0.63 0.04 -10.74
CA LYS A 72 0.26 1.13 -10.42
C LYS A 72 0.91 1.69 -11.69
N LEU A 73 0.78 0.94 -12.78
CA LEU A 73 1.39 1.32 -14.05
C LEU A 73 0.39 2.07 -14.93
N GLU A 74 0.91 2.71 -15.97
CA GLU A 74 0.08 3.50 -16.88
C GLU A 74 -0.55 2.63 -17.97
N HIS A 75 -0.36 1.32 -17.86
CA HIS A 75 -0.79 0.40 -18.90
C HIS A 75 -2.30 0.13 -18.83
N HIS A 76 -3.03 0.65 -19.80
CA HIS A 76 -4.45 0.34 -19.96
C HIS A 76 -4.85 0.44 -21.43
N HIS A 77 -5.08 -0.71 -22.04
CA HIS A 77 -5.34 -0.78 -23.48
C HIS A 77 -6.42 -1.81 -23.75
N HIS A 78 -7.42 -1.42 -24.54
CA HIS A 78 -8.47 -2.33 -24.98
C HIS A 78 -8.63 -2.25 -26.49
N HIS A 79 -9.65 -2.95 -27.01
CA HIS A 79 -10.00 -2.91 -28.44
C HIS A 79 -9.01 -3.70 -29.29
N HIS A 80 -8.01 -4.29 -28.64
CA HIS A 80 -7.05 -5.15 -29.32
C HIS A 80 -6.07 -5.72 -28.30
N MET A 1 -29.36 25.43 -15.09
CA MET A 1 -29.31 24.22 -14.24
C MET A 1 -28.69 24.55 -12.89
N ARG A 2 -29.07 23.80 -11.87
CA ARG A 2 -28.52 24.01 -10.53
C ARG A 2 -28.60 22.73 -9.71
N ARG A 3 -27.45 22.11 -9.52
CA ARG A 3 -27.32 21.00 -8.60
C ARG A 3 -26.37 21.42 -7.49
N GLN A 4 -26.59 20.92 -6.27
CA GLN A 4 -25.75 21.28 -5.14
C GLN A 4 -24.30 20.87 -5.39
N PRO A 5 -23.41 21.85 -5.53
CA PRO A 5 -22.01 21.61 -5.84
C PRO A 5 -21.18 21.34 -4.59
N LYS A 6 -20.07 20.63 -4.76
CA LYS A 6 -19.18 20.35 -3.65
C LYS A 6 -18.05 21.36 -3.62
N THR A 7 -18.12 22.32 -4.54
CA THR A 7 -17.14 23.39 -4.64
C THR A 7 -15.74 22.83 -4.92
N ARG A 8 -15.70 21.71 -5.62
CA ARG A 8 -14.42 21.08 -5.96
C ARG A 8 -14.30 20.87 -7.46
N GLN A 9 -13.85 21.90 -8.15
CA GLN A 9 -13.51 21.78 -9.56
C GLN A 9 -12.01 21.71 -9.69
N GLU A 10 -11.36 21.73 -8.54
CA GLU A 10 -9.91 21.61 -8.45
C GLU A 10 -9.51 20.14 -8.65
N SER A 11 -8.41 19.92 -9.35
CA SER A 11 -7.93 18.56 -9.59
C SER A 11 -7.29 17.99 -8.33
N ALA A 12 -8.12 17.42 -7.46
CA ALA A 12 -7.67 16.76 -6.24
C ALA A 12 -6.90 17.74 -5.34
N ARG A 13 -6.07 17.19 -4.45
CA ARG A 13 -5.20 18.01 -3.62
C ARG A 13 -3.79 18.01 -4.20
N MET A 14 -2.93 18.89 -3.68
CA MET A 14 -1.55 18.97 -4.14
C MET A 14 -0.74 17.80 -3.58
N SER A 15 0.09 17.21 -4.41
CA SER A 15 0.89 16.06 -4.01
C SER A 15 2.34 16.47 -3.76
N ILE A 16 2.69 16.63 -2.49
CA ILE A 16 4.06 16.92 -2.10
C ILE A 16 4.74 15.62 -1.71
N GLU A 17 6.07 15.61 -1.77
CA GLU A 17 6.84 14.41 -1.47
C GLU A 17 6.44 13.24 -2.37
N ALA A 18 6.82 12.04 -1.97
CA ALA A 18 6.44 10.83 -2.67
C ALA A 18 6.04 9.77 -1.64
N PRO A 19 4.73 9.61 -1.40
CA PRO A 19 4.21 8.65 -0.42
C PRO A 19 4.74 7.23 -0.65
N GLU A 20 5.19 6.59 0.41
CA GLU A 20 5.80 5.28 0.30
C GLU A 20 4.76 4.18 0.40
N THR A 21 4.44 3.58 -0.73
CA THR A 21 3.56 2.44 -0.76
C THR A 21 4.39 1.17 -0.88
N VAL A 22 4.27 0.32 0.11
CA VAL A 22 5.09 -0.87 0.20
C VAL A 22 4.37 -2.05 -0.41
N VAL A 23 5.05 -2.74 -1.31
CA VAL A 23 4.50 -3.92 -1.96
C VAL A 23 4.73 -5.15 -1.11
N VAL A 24 3.65 -5.85 -0.79
CA VAL A 24 3.74 -7.04 0.04
C VAL A 24 3.13 -8.24 -0.66
N SER A 25 3.54 -9.42 -0.25
CA SER A 25 3.01 -10.65 -0.78
C SER A 25 2.13 -11.33 0.26
N THR A 26 2.16 -10.77 1.46
CA THR A 26 1.41 -11.32 2.57
C THR A 26 0.22 -10.42 2.89
N TRP A 27 -0.91 -11.02 3.24
CA TRP A 27 -2.09 -10.28 3.62
C TRP A 27 -2.01 -9.86 5.08
N LYS A 28 -1.65 -10.81 5.94
CA LYS A 28 -1.39 -10.52 7.35
C LYS A 28 0.06 -10.17 7.53
N VAL A 29 0.36 -8.88 7.61
CA VAL A 29 1.74 -8.42 7.65
C VAL A 29 2.12 -7.90 9.04
N ALA A 30 3.38 -8.11 9.39
CA ALA A 30 3.93 -7.57 10.61
C ALA A 30 4.54 -6.20 10.34
N CYS A 31 3.82 -5.16 10.71
CA CYS A 31 4.26 -3.80 10.49
C CYS A 31 5.43 -3.48 11.40
N ASP A 32 6.24 -2.51 11.02
CA ASP A 32 7.53 -2.30 11.65
C ASP A 32 8.11 -1.03 11.06
N GLY A 33 7.80 0.07 11.71
CA GLY A 33 8.21 1.41 11.29
C GLY A 33 9.63 1.51 10.73
N GLY A 34 10.57 0.84 11.36
CA GLY A 34 11.94 0.88 10.88
C GLY A 34 12.94 0.20 11.81
N GLU A 35 14.22 0.40 11.55
CA GLU A 35 15.26 -0.23 12.35
C GLU A 35 15.48 0.54 13.65
N GLY A 36 15.84 -0.18 14.69
CA GLY A 36 16.18 0.44 15.96
C GLY A 36 15.00 1.12 16.62
N ALA A 37 15.16 2.40 16.90
CA ALA A 37 14.13 3.18 17.57
C ALA A 37 13.40 4.09 16.58
N LEU A 38 13.46 3.74 15.31
CA LEU A 38 12.76 4.50 14.29
C LEU A 38 11.45 3.83 13.95
N GLY A 39 10.38 4.61 13.93
CA GLY A 39 9.08 4.07 13.60
C GLY A 39 8.26 3.77 14.82
N HIS A 40 7.75 2.56 14.87
CA HIS A 40 6.92 2.11 15.97
C HIS A 40 7.14 0.62 16.23
N PRO A 41 6.71 0.11 17.40
CA PRO A 41 6.79 -1.32 17.73
C PRO A 41 6.08 -2.19 16.68
N ARG A 42 6.45 -3.46 16.62
CA ARG A 42 5.93 -4.36 15.60
C ARG A 42 4.47 -4.72 15.86
N VAL A 43 3.62 -4.47 14.88
CA VAL A 43 2.18 -4.73 15.00
C VAL A 43 1.75 -5.66 13.88
N TRP A 44 0.60 -6.31 14.05
CA TRP A 44 0.08 -7.19 13.03
C TRP A 44 -1.11 -6.55 12.32
N LEU A 45 -1.03 -6.48 11.00
CA LEU A 45 -2.10 -5.94 10.20
C LEU A 45 -2.67 -7.03 9.31
N SER A 46 -3.82 -6.76 8.71
CA SER A 46 -4.45 -7.72 7.81
C SER A 46 -5.13 -6.99 6.64
N ILE A 47 -4.58 -7.22 5.45
CA ILE A 47 -5.09 -6.58 4.25
C ILE A 47 -6.36 -7.28 3.76
N PRO A 48 -7.44 -6.51 3.54
CA PRO A 48 -8.69 -7.03 3.00
C PRO A 48 -8.49 -7.59 1.59
N HIS A 49 -9.06 -8.76 1.35
CA HIS A 49 -8.91 -9.44 0.07
C HIS A 49 -9.77 -8.80 -1.01
N GLU A 50 -10.76 -8.02 -0.58
CA GLU A 50 -11.65 -7.33 -1.51
C GLU A 50 -11.05 -6.01 -1.95
N THR A 51 -10.07 -5.50 -1.22
CA THR A 51 -9.42 -4.24 -1.59
C THR A 51 -8.10 -4.50 -2.29
N GLY A 52 -7.21 -5.25 -1.65
CA GLY A 52 -5.90 -5.51 -2.20
C GLY A 52 -4.84 -4.59 -1.62
N PHE A 53 -5.29 -3.65 -0.80
CA PHE A 53 -4.40 -2.69 -0.17
C PHE A 53 -4.97 -2.29 1.19
N VAL A 54 -4.13 -1.71 2.03
CA VAL A 54 -4.58 -1.22 3.32
C VAL A 54 -3.77 0.01 3.76
N GLU A 55 -4.43 0.94 4.40
CA GLU A 55 -3.77 2.12 4.95
C GLU A 55 -3.48 1.90 6.43
N CYS A 56 -2.26 2.20 6.84
CA CYS A 56 -1.88 2.02 8.23
C CYS A 56 -2.45 3.15 9.09
N GLY A 57 -3.01 2.79 10.24
CA GLY A 57 -3.54 3.77 11.14
C GLY A 57 -2.56 4.11 12.25
N TYR A 58 -1.29 4.18 11.88
CA TYR A 58 -0.23 4.47 12.83
C TYR A 58 0.95 5.08 12.09
N CYS A 59 1.45 4.35 11.09
CA CYS A 59 2.48 4.86 10.22
C CYS A 59 1.85 5.34 8.91
N ASP A 60 2.60 6.07 8.11
CA ASP A 60 2.08 6.61 6.88
C ASP A 60 2.33 5.65 5.71
N ARG A 61 3.09 4.59 6.00
CA ARG A 61 3.36 3.55 5.01
C ARG A 61 2.08 2.83 4.62
N ARG A 62 1.81 2.79 3.33
CA ARG A 62 0.64 2.12 2.81
C ARG A 62 1.03 0.76 2.27
N TYR A 63 0.22 -0.26 2.51
CA TYR A 63 0.56 -1.60 2.09
C TYR A 63 -0.35 -2.07 0.97
N ILE A 64 0.24 -2.61 -0.09
CA ILE A 64 -0.51 -3.13 -1.21
C ILE A 64 0.04 -4.49 -1.62
N HIS A 65 -0.85 -5.42 -1.94
CA HIS A 65 -0.43 -6.74 -2.38
C HIS A 65 0.10 -6.67 -3.81
N GLU A 66 1.16 -7.41 -4.09
CA GLU A 66 1.84 -7.35 -5.37
C GLU A 66 0.93 -7.70 -6.55
N SER A 67 -0.07 -8.54 -6.31
CA SER A 67 -0.95 -9.00 -7.38
C SER A 67 -1.84 -7.87 -7.87
N PHE A 68 -2.08 -6.88 -7.01
CA PHE A 68 -2.96 -5.78 -7.34
C PHE A 68 -2.28 -4.80 -8.28
N ALA A 69 -0.95 -4.82 -8.29
CA ALA A 69 -0.16 -3.93 -9.12
C ALA A 69 0.40 -4.68 -10.32
N ALA A 70 0.02 -5.95 -10.45
CA ALA A 70 0.53 -6.79 -11.53
C ALA A 70 -0.49 -6.95 -12.65
N ALA A 71 -1.55 -6.16 -12.58
CA ALA A 71 -2.62 -6.23 -13.56
C ALA A 71 -2.39 -5.23 -14.69
N LYS A 72 -2.01 -5.73 -15.85
CA LYS A 72 -1.79 -4.89 -17.03
C LYS A 72 -1.94 -5.73 -18.29
N LEU A 73 -2.40 -5.10 -19.37
CA LEU A 73 -2.65 -5.82 -20.62
C LEU A 73 -1.40 -5.86 -21.50
N GLU A 74 -1.50 -6.60 -22.60
CA GLU A 74 -0.41 -6.70 -23.56
C GLU A 74 -0.53 -5.57 -24.58
N HIS A 75 -1.50 -5.71 -25.47
CA HIS A 75 -1.84 -4.70 -26.45
C HIS A 75 -3.34 -4.64 -26.59
N HIS A 76 -3.88 -3.47 -26.91
CA HIS A 76 -5.32 -3.32 -27.03
C HIS A 76 -5.71 -2.59 -28.30
N HIS A 77 -6.15 -3.34 -29.30
CA HIS A 77 -6.66 -2.78 -30.54
C HIS A 77 -8.17 -2.85 -30.56
N HIS A 78 -8.81 -1.83 -31.10
CA HIS A 78 -10.26 -1.83 -31.27
C HIS A 78 -10.63 -1.21 -32.60
N HIS A 79 -9.62 -0.86 -33.39
CA HIS A 79 -9.83 -0.30 -34.70
C HIS A 79 -8.83 -0.90 -35.68
N HIS A 80 -9.32 -1.42 -36.80
CA HIS A 80 -8.46 -2.03 -37.80
C HIS A 80 -8.18 -1.06 -38.93
N MET A 1 39.06 -3.91 4.23
CA MET A 1 37.73 -3.32 3.99
C MET A 1 36.89 -4.25 3.12
N ARG A 2 35.59 -4.25 3.35
CA ARG A 2 34.68 -5.04 2.52
C ARG A 2 33.72 -4.13 1.76
N ARG A 3 34.01 -3.90 0.49
CA ARG A 3 33.20 -3.07 -0.37
C ARG A 3 33.44 -3.35 -1.85
N GLN A 4 32.40 -3.79 -2.53
CA GLN A 4 32.44 -4.00 -3.97
C GLN A 4 31.03 -3.82 -4.55
N PRO A 5 30.77 -2.66 -5.15
CA PRO A 5 29.46 -2.28 -5.63
C PRO A 5 29.17 -2.68 -7.07
N LYS A 6 27.90 -2.89 -7.37
CA LYS A 6 27.44 -3.18 -8.72
C LYS A 6 26.55 -2.02 -9.20
N THR A 7 26.54 -0.95 -8.42
CA THR A 7 25.65 0.16 -8.67
C THR A 7 26.15 1.09 -9.77
N ARG A 8 25.82 0.74 -11.01
CA ARG A 8 26.06 1.62 -12.14
C ARG A 8 24.80 1.71 -12.98
N GLN A 9 24.17 2.87 -12.99
CA GLN A 9 22.93 3.05 -13.73
C GLN A 9 23.14 4.01 -14.90
N GLU A 10 22.96 3.49 -16.10
CA GLU A 10 23.10 4.30 -17.31
C GLU A 10 21.77 4.93 -17.69
N SER A 11 20.93 5.14 -16.69
CA SER A 11 19.65 5.80 -16.88
C SER A 11 19.38 6.73 -15.72
N ALA A 12 19.31 8.03 -16.01
CA ALA A 12 19.06 9.03 -14.98
C ALA A 12 17.59 9.11 -14.63
N ARG A 13 16.74 9.02 -15.65
CA ARG A 13 15.30 9.06 -15.45
C ARG A 13 14.70 7.67 -15.53
N MET A 14 14.61 7.02 -14.38
CA MET A 14 14.05 5.67 -14.30
C MET A 14 13.58 5.39 -12.88
N SER A 15 14.36 5.82 -11.91
CA SER A 15 14.02 5.64 -10.52
C SER A 15 13.73 7.00 -9.87
N ILE A 16 12.72 7.03 -9.03
CA ILE A 16 12.29 8.26 -8.37
C ILE A 16 12.65 8.19 -6.89
N GLU A 17 12.42 9.28 -6.16
CA GLU A 17 12.64 9.32 -4.73
C GLU A 17 11.85 8.21 -4.04
N ALA A 18 12.53 7.48 -3.15
CA ALA A 18 11.92 6.35 -2.44
C ALA A 18 10.62 6.76 -1.75
N PRO A 19 9.51 6.11 -2.12
CA PRO A 19 8.18 6.43 -1.58
C PRO A 19 7.91 5.75 -0.24
N GLU A 20 6.73 6.00 0.30
CA GLU A 20 6.33 5.46 1.58
C GLU A 20 5.43 4.24 1.39
N THR A 21 5.54 3.68 0.21
CA THR A 21 4.71 2.57 -0.21
C THR A 21 5.53 1.30 -0.27
N VAL A 22 5.00 0.23 0.30
CA VAL A 22 5.69 -1.05 0.33
C VAL A 22 4.82 -2.14 -0.29
N VAL A 23 5.44 -3.04 -1.03
CA VAL A 23 4.74 -4.14 -1.67
C VAL A 23 4.68 -5.34 -0.73
N VAL A 24 3.48 -5.87 -0.54
CA VAL A 24 3.27 -7.02 0.33
C VAL A 24 2.90 -8.24 -0.48
N SER A 25 3.35 -9.38 -0.03
CA SER A 25 3.11 -10.63 -0.73
C SER A 25 2.08 -11.47 0.01
N THR A 26 1.73 -11.04 1.22
CA THR A 26 0.78 -11.79 2.04
C THR A 26 -0.45 -10.94 2.36
N TRP A 27 -1.58 -11.61 2.60
CA TRP A 27 -2.83 -10.92 2.90
C TRP A 27 -2.86 -10.45 4.36
N LYS A 28 -1.91 -10.91 5.14
CA LYS A 28 -1.73 -10.43 6.50
C LYS A 28 -0.26 -10.17 6.73
N VAL A 29 0.06 -8.99 7.25
CA VAL A 29 1.43 -8.53 7.30
C VAL A 29 1.77 -7.94 8.66
N ALA A 30 3.01 -7.53 8.79
CA ALA A 30 3.47 -6.88 10.01
C ALA A 30 4.08 -5.53 9.70
N CYS A 31 3.51 -4.48 10.23
CA CYS A 31 4.04 -3.14 10.03
C CYS A 31 5.15 -2.89 11.04
N ASP A 32 6.24 -2.36 10.54
CA ASP A 32 7.45 -2.26 11.35
C ASP A 32 7.85 -0.80 11.57
N GLY A 33 7.02 0.11 11.08
CA GLY A 33 7.28 1.52 11.26
C GLY A 33 6.86 2.34 10.07
N GLY A 34 6.59 3.62 10.29
CA GLY A 34 6.23 4.51 9.21
C GLY A 34 7.31 5.54 8.95
N GLU A 35 7.17 6.29 7.85
CA GLU A 35 8.14 7.31 7.49
C GLU A 35 8.19 8.42 8.54
N GLY A 36 9.32 9.11 8.60
CA GLY A 36 9.48 10.21 9.52
C GLY A 36 9.53 9.76 10.97
N ALA A 37 8.74 10.43 11.81
CA ALA A 37 8.73 10.14 13.24
C ALA A 37 7.61 9.16 13.58
N LEU A 38 7.00 8.60 12.55
CA LEU A 38 5.89 7.68 12.74
C LEU A 38 6.38 6.24 12.87
N GLY A 39 7.56 6.07 13.44
CA GLY A 39 8.10 4.76 13.68
C GLY A 39 7.49 4.12 14.91
N HIS A 40 7.39 2.79 14.90
CA HIS A 40 6.77 2.07 16.00
C HIS A 40 7.26 0.62 16.02
N PRO A 41 7.07 -0.10 17.14
CA PRO A 41 7.38 -1.54 17.21
C PRO A 41 6.49 -2.34 16.25
N ARG A 42 7.00 -3.47 15.79
CA ARG A 42 6.30 -4.27 14.78
C ARG A 42 4.92 -4.73 15.27
N VAL A 43 3.90 -4.41 14.48
CA VAL A 43 2.52 -4.79 14.80
C VAL A 43 1.96 -5.66 13.67
N TRP A 44 0.94 -6.44 13.96
CA TRP A 44 0.36 -7.35 12.99
C TRP A 44 -0.92 -6.76 12.40
N LEU A 45 -1.00 -6.74 11.07
CA LEU A 45 -2.14 -6.15 10.39
C LEU A 45 -2.81 -7.16 9.48
N SER A 46 -4.02 -6.85 9.06
CA SER A 46 -4.78 -7.70 8.16
C SER A 46 -5.31 -6.85 6.99
N ILE A 47 -4.96 -7.25 5.78
CA ILE A 47 -5.31 -6.48 4.59
C ILE A 47 -6.78 -6.64 4.24
N PRO A 48 -7.52 -5.52 4.18
CA PRO A 48 -8.92 -5.51 3.78
C PRO A 48 -9.13 -6.06 2.38
N HIS A 49 -9.87 -7.17 2.28
CA HIS A 49 -10.10 -7.83 1.01
C HIS A 49 -11.12 -7.07 0.16
N GLU A 50 -11.62 -5.97 0.72
CA GLU A 50 -12.54 -5.10 -0.02
C GLU A 50 -11.83 -4.40 -1.17
N THR A 51 -10.59 -4.01 -0.93
CA THR A 51 -9.81 -3.27 -1.91
C THR A 51 -8.55 -4.03 -2.32
N GLY A 52 -7.88 -4.64 -1.35
CA GLY A 52 -6.63 -5.30 -1.63
C GLY A 52 -5.45 -4.47 -1.15
N PHE A 53 -5.76 -3.37 -0.47
CA PHE A 53 -4.75 -2.49 0.08
C PHE A 53 -4.96 -2.33 1.57
N VAL A 54 -3.90 -2.16 2.34
CA VAL A 54 -4.04 -1.98 3.77
C VAL A 54 -3.63 -0.58 4.19
N GLU A 55 -4.60 0.16 4.72
CA GLU A 55 -4.39 1.51 5.18
C GLU A 55 -4.13 1.53 6.67
N CYS A 56 -2.94 1.95 7.06
CA CYS A 56 -2.55 1.97 8.46
C CYS A 56 -3.15 3.17 9.18
N GLY A 57 -3.63 2.95 10.39
CA GLY A 57 -4.12 4.03 11.22
C GLY A 57 -3.10 4.42 12.28
N TYR A 58 -2.03 3.65 12.35
CA TYR A 58 -0.95 3.92 13.28
C TYR A 58 0.05 4.89 12.67
N CYS A 59 0.32 4.74 11.38
CA CYS A 59 1.32 5.55 10.72
C CYS A 59 0.98 5.79 9.26
N ASP A 60 1.85 6.50 8.58
CA ASP A 60 1.64 6.94 7.21
C ASP A 60 2.04 5.84 6.23
N ARG A 61 1.65 4.61 6.57
CA ARG A 61 1.99 3.46 5.77
C ARG A 61 0.82 3.01 4.90
N ARG A 62 1.12 2.81 3.62
CA ARG A 62 0.18 2.23 2.68
C ARG A 62 0.86 1.07 1.96
N TYR A 63 0.29 -0.12 2.08
CA TYR A 63 0.91 -1.30 1.50
C TYR A 63 0.08 -1.83 0.33
N ILE A 64 0.77 -2.14 -0.75
CA ILE A 64 0.12 -2.65 -1.95
C ILE A 64 0.45 -4.11 -2.13
N HIS A 65 -0.56 -4.96 -2.23
CA HIS A 65 -0.33 -6.38 -2.47
C HIS A 65 0.14 -6.60 -3.90
N GLU A 66 1.14 -7.47 -4.07
CA GLU A 66 1.73 -7.74 -5.36
C GLU A 66 0.68 -8.12 -6.42
N SER A 67 -0.40 -8.75 -5.98
CA SER A 67 -1.43 -9.21 -6.90
C SER A 67 -2.20 -8.02 -7.49
N PHE A 68 -2.21 -6.91 -6.76
CA PHE A 68 -2.89 -5.71 -7.22
C PHE A 68 -1.87 -4.68 -7.71
N ALA A 69 -0.60 -5.02 -7.56
CA ALA A 69 0.49 -4.13 -7.96
C ALA A 69 0.81 -4.33 -9.44
N ALA A 70 0.39 -5.47 -9.99
CA ALA A 70 0.61 -5.82 -11.38
C ALA A 70 2.10 -5.87 -11.71
N ALA A 71 2.82 -6.75 -11.02
CA ALA A 71 4.24 -6.91 -11.24
C ALA A 71 4.50 -7.68 -12.55
N LYS A 72 4.40 -6.98 -13.67
CA LYS A 72 4.61 -7.58 -14.97
C LYS A 72 6.08 -7.90 -15.19
N LEU A 73 6.95 -7.00 -14.79
CA LEU A 73 8.37 -7.14 -15.01
C LEU A 73 9.06 -7.70 -13.76
N GLU A 74 10.37 -7.91 -13.87
CA GLU A 74 11.20 -8.41 -12.76
C GLU A 74 10.84 -9.86 -12.45
N HIS A 75 11.64 -10.79 -12.97
CA HIS A 75 11.37 -12.21 -12.83
C HIS A 75 12.64 -12.97 -12.46
N HIS A 76 12.69 -13.43 -11.22
CA HIS A 76 13.79 -14.27 -10.72
C HIS A 76 15.10 -13.49 -10.59
N HIS A 77 16.17 -14.22 -10.23
CA HIS A 77 17.48 -13.62 -9.95
C HIS A 77 17.39 -12.76 -8.69
N HIS A 78 18.48 -12.12 -8.33
CA HIS A 78 18.44 -11.10 -7.31
C HIS A 78 18.33 -9.74 -7.99
N HIS A 79 17.15 -9.15 -7.89
CA HIS A 79 16.83 -7.92 -8.62
C HIS A 79 17.70 -6.74 -8.19
N HIS A 80 18.35 -6.88 -7.05
CA HIS A 80 19.29 -5.86 -6.58
C HIS A 80 20.60 -6.53 -6.19
N MET A 1 -26.16 5.41 14.06
CA MET A 1 -27.01 5.37 12.85
C MET A 1 -27.57 6.75 12.52
N ARG A 2 -28.52 7.22 13.32
CA ARG A 2 -29.17 8.50 13.05
C ARG A 2 -28.22 9.65 13.41
N ARG A 3 -27.61 9.56 14.59
CA ARG A 3 -26.58 10.51 14.97
C ARG A 3 -25.23 10.04 14.44
N GLN A 4 -25.06 10.14 13.14
CA GLN A 4 -23.83 9.70 12.49
C GLN A 4 -23.48 10.65 11.35
N PRO A 5 -22.75 11.73 11.66
CA PRO A 5 -22.34 12.72 10.68
C PRO A 5 -20.96 12.42 10.08
N LYS A 6 -20.80 12.74 8.80
CA LYS A 6 -19.50 12.60 8.15
C LYS A 6 -18.74 13.92 8.24
N THR A 7 -17.48 13.84 8.64
CA THR A 7 -16.65 15.02 8.76
C THR A 7 -15.39 14.88 7.92
N ARG A 8 -15.29 15.72 6.91
CA ARG A 8 -14.14 15.69 6.02
C ARG A 8 -13.08 16.70 6.46
N GLN A 9 -11.92 16.21 6.84
CA GLN A 9 -10.82 17.07 7.28
C GLN A 9 -10.21 17.78 6.08
N GLU A 10 -9.87 19.05 6.26
CA GLU A 10 -9.36 19.87 5.17
C GLU A 10 -7.84 19.83 5.12
N SER A 11 -7.26 18.77 5.68
CA SER A 11 -5.81 18.63 5.71
C SER A 11 -5.29 18.08 4.38
N ALA A 12 -5.17 18.97 3.40
CA ALA A 12 -4.67 18.58 2.09
C ALA A 12 -3.17 18.32 2.14
N ARG A 13 -2.48 19.05 3.00
CA ARG A 13 -1.06 18.88 3.17
C ARG A 13 -0.64 19.31 4.57
N MET A 14 -0.03 18.38 5.29
CA MET A 14 0.49 18.65 6.63
C MET A 14 1.62 17.68 6.94
N SER A 15 2.19 17.13 5.89
CA SER A 15 3.20 16.10 6.02
C SER A 15 4.46 16.45 5.23
N ILE A 16 5.53 15.74 5.54
CA ILE A 16 6.80 15.90 4.83
C ILE A 16 7.29 14.53 4.40
N GLU A 17 8.34 14.48 3.59
CA GLU A 17 8.91 13.21 3.10
C GLU A 17 7.94 12.52 2.13
N ALA A 18 8.16 11.25 1.88
CA ALA A 18 7.32 10.50 0.97
C ALA A 18 6.83 9.21 1.62
N PRO A 19 5.58 8.81 1.35
CA PRO A 19 5.01 7.57 1.88
C PRO A 19 5.67 6.35 1.25
N GLU A 20 6.38 5.59 2.06
CA GLU A 20 7.05 4.39 1.63
C GLU A 20 6.03 3.29 1.34
N THR A 21 5.88 2.97 0.07
CA THR A 21 4.90 2.00 -0.36
C THR A 21 5.56 0.62 -0.52
N VAL A 22 4.97 -0.39 0.12
CA VAL A 22 5.53 -1.72 0.09
C VAL A 22 4.57 -2.69 -0.59
N VAL A 23 5.11 -3.51 -1.49
CA VAL A 23 4.32 -4.52 -2.20
C VAL A 23 4.57 -5.89 -1.61
N VAL A 24 3.51 -6.58 -1.22
CA VAL A 24 3.61 -7.87 -0.56
C VAL A 24 2.60 -8.86 -1.10
N SER A 25 2.90 -10.13 -0.92
CA SER A 25 1.98 -11.20 -1.27
C SER A 25 1.35 -11.74 0.01
N THR A 26 2.02 -11.48 1.13
CA THR A 26 1.55 -11.91 2.43
C THR A 26 0.34 -11.08 2.86
N TRP A 27 -0.71 -11.73 3.33
CA TRP A 27 -1.94 -11.05 3.68
C TRP A 27 -1.89 -10.44 5.07
N LYS A 28 -0.88 -10.81 5.85
CA LYS A 28 -0.67 -10.24 7.17
C LYS A 28 0.78 -9.84 7.36
N VAL A 29 0.99 -8.56 7.69
CA VAL A 29 2.33 -8.02 7.82
C VAL A 29 2.53 -7.41 9.20
N ALA A 30 3.77 -7.30 9.63
CA ALA A 30 4.10 -6.71 10.90
C ALA A 30 4.46 -5.25 10.74
N CYS A 31 3.60 -4.37 11.21
CA CYS A 31 3.83 -2.95 11.11
C CYS A 31 4.47 -2.44 12.39
N ASP A 32 5.59 -1.80 12.22
CA ASP A 32 6.43 -1.36 13.33
C ASP A 32 6.95 0.05 13.02
N GLY A 33 6.23 0.72 12.12
CA GLY A 33 6.65 2.02 11.65
C GLY A 33 7.60 1.89 10.48
N GLY A 34 8.85 2.24 10.71
CA GLY A 34 9.86 2.09 9.70
C GLY A 34 10.84 0.99 10.05
N GLU A 35 12.03 1.41 10.39
CA GLU A 35 13.04 0.50 10.93
C GLU A 35 12.60 0.01 12.30
N GLY A 36 13.39 -0.88 12.89
CA GLY A 36 13.06 -1.46 14.18
C GLY A 36 12.77 -0.43 15.25
N ALA A 37 11.52 -0.42 15.70
CA ALA A 37 11.06 0.46 16.77
C ALA A 37 11.07 1.92 16.34
N LEU A 38 11.09 2.17 15.04
CA LEU A 38 11.07 3.53 14.52
C LEU A 38 9.65 3.85 14.05
N GLY A 39 8.77 4.09 15.01
CA GLY A 39 7.38 4.35 14.70
C GLY A 39 6.47 3.99 15.86
N HIS A 40 5.35 3.38 15.56
CA HIS A 40 4.43 2.92 16.58
C HIS A 40 4.77 1.49 16.99
N PRO A 41 4.27 1.02 18.14
CA PRO A 41 4.48 -0.37 18.60
C PRO A 41 4.07 -1.38 17.53
N ARG A 42 4.88 -2.41 17.37
CA ARG A 42 4.69 -3.43 16.34
C ARG A 42 3.33 -4.12 16.46
N VAL A 43 2.53 -3.99 15.40
CA VAL A 43 1.23 -4.63 15.32
C VAL A 43 1.15 -5.46 14.05
N TRP A 44 0.26 -6.44 14.02
CA TRP A 44 0.10 -7.31 12.88
C TRP A 44 -1.20 -7.00 12.16
N LEU A 45 -1.06 -6.43 10.97
CA LEU A 45 -2.22 -6.00 10.20
C LEU A 45 -2.48 -6.95 9.05
N SER A 46 -3.69 -6.90 8.51
CA SER A 46 -4.04 -7.76 7.40
C SER A 46 -4.56 -6.93 6.23
N ILE A 47 -4.29 -7.38 5.03
CA ILE A 47 -4.74 -6.71 3.82
C ILE A 47 -6.19 -7.04 3.53
N PRO A 48 -7.07 -6.03 3.48
CA PRO A 48 -8.47 -6.21 3.12
C PRO A 48 -8.62 -6.78 1.71
N HIS A 49 -9.33 -7.90 1.61
CA HIS A 49 -9.46 -8.63 0.35
C HIS A 49 -10.45 -7.92 -0.57
N GLU A 50 -11.11 -6.90 -0.04
CA GLU A 50 -12.08 -6.13 -0.81
C GLU A 50 -11.38 -5.06 -1.65
N THR A 51 -10.20 -4.65 -1.20
CA THR A 51 -9.47 -3.58 -1.87
C THR A 51 -8.21 -4.10 -2.54
N GLY A 52 -7.42 -4.86 -1.80
CA GLY A 52 -6.16 -5.34 -2.33
C GLY A 52 -4.98 -4.57 -1.77
N PHE A 53 -5.26 -3.70 -0.82
CA PHE A 53 -4.23 -2.91 -0.16
C PHE A 53 -4.69 -2.54 1.24
N VAL A 54 -3.74 -2.27 2.13
CA VAL A 54 -4.07 -1.93 3.50
C VAL A 54 -3.43 -0.60 3.91
N GLU A 55 -4.26 0.33 4.31
CA GLU A 55 -3.79 1.58 4.88
C GLU A 55 -3.79 1.45 6.40
N CYS A 56 -2.63 1.67 7.01
CA CYS A 56 -2.51 1.59 8.46
C CYS A 56 -3.37 2.67 9.13
N GLY A 57 -4.11 2.28 10.14
CA GLY A 57 -4.97 3.23 10.85
C GLY A 57 -4.20 4.08 11.84
N TYR A 58 -2.91 3.82 11.97
CA TYR A 58 -2.06 4.55 12.89
C TYR A 58 -1.18 5.55 12.15
N CYS A 59 -0.79 5.20 10.93
CA CYS A 59 0.07 6.04 10.12
C CYS A 59 -0.15 5.70 8.64
N ASP A 60 0.37 6.52 7.74
CA ASP A 60 0.15 6.33 6.31
C ASP A 60 1.07 5.24 5.76
N ARG A 61 1.24 4.19 6.53
CA ARG A 61 1.94 3.01 6.05
C ARG A 61 0.97 2.20 5.20
N ARG A 62 1.26 2.14 3.92
CA ARG A 62 0.34 1.58 2.95
C ARG A 62 0.98 0.38 2.25
N TYR A 63 0.43 -0.79 2.50
CA TYR A 63 0.94 -2.01 1.88
C TYR A 63 0.02 -2.45 0.76
N ILE A 64 0.60 -2.76 -0.39
CA ILE A 64 -0.17 -3.13 -1.56
C ILE A 64 0.10 -4.58 -1.92
N HIS A 65 -0.94 -5.33 -2.27
CA HIS A 65 -0.76 -6.70 -2.70
C HIS A 65 -0.16 -6.72 -4.10
N GLU A 66 0.68 -7.71 -4.37
CA GLU A 66 1.39 -7.83 -5.65
C GLU A 66 0.43 -7.76 -6.84
N SER A 67 -0.74 -8.38 -6.72
CA SER A 67 -1.66 -8.49 -7.82
C SER A 67 -2.46 -7.21 -8.01
N PHE A 68 -2.47 -6.37 -7.00
CA PHE A 68 -3.17 -5.10 -7.08
C PHE A 68 -2.22 -4.02 -7.60
N ALA A 69 -0.92 -4.28 -7.41
CA ALA A 69 0.10 -3.34 -7.83
C ALA A 69 0.40 -3.53 -9.31
N ALA A 70 0.71 -4.75 -9.70
CA ALA A 70 1.00 -5.06 -11.09
C ALA A 70 0.23 -6.28 -11.53
N ALA A 71 0.68 -7.45 -11.06
CA ALA A 71 0.04 -8.71 -11.38
C ALA A 71 0.67 -9.83 -10.58
N LYS A 72 -0.13 -10.83 -10.24
CA LYS A 72 0.39 -12.02 -9.60
C LYS A 72 0.86 -13.01 -10.66
N LEU A 73 1.90 -13.75 -10.33
CA LEU A 73 2.37 -14.80 -11.21
C LEU A 73 1.35 -15.94 -11.21
N GLU A 74 0.94 -16.32 -12.40
CA GLU A 74 -0.17 -17.25 -12.56
C GLU A 74 0.21 -18.66 -12.13
N HIS A 75 -0.61 -19.23 -11.26
CA HIS A 75 -0.41 -20.59 -10.78
C HIS A 75 -1.73 -21.32 -10.65
N HIS A 76 -2.75 -20.82 -11.34
CA HIS A 76 -4.07 -21.43 -11.33
C HIS A 76 -4.55 -21.60 -12.76
N HIS A 77 -4.22 -22.75 -13.36
CA HIS A 77 -4.48 -22.96 -14.77
C HIS A 77 -5.35 -24.18 -15.02
N HIS A 78 -6.17 -24.07 -16.05
CA HIS A 78 -6.91 -25.20 -16.59
C HIS A 78 -6.27 -25.60 -17.92
N HIS A 79 -6.83 -26.59 -18.58
CA HIS A 79 -6.38 -26.94 -19.92
C HIS A 79 -7.57 -27.32 -20.77
N HIS A 80 -8.05 -26.37 -21.57
CA HIS A 80 -9.20 -26.59 -22.42
C HIS A 80 -8.77 -27.16 -23.76
N MET A 1 -37.20 31.83 16.58
CA MET A 1 -35.90 31.46 15.97
C MET A 1 -36.11 30.27 15.03
N ARG A 2 -36.09 30.54 13.73
CA ARG A 2 -36.25 29.47 12.74
C ARG A 2 -34.99 28.62 12.69
N ARG A 3 -35.18 27.31 12.69
CA ARG A 3 -34.07 26.38 12.59
C ARG A 3 -33.54 26.33 11.17
N GLN A 4 -32.63 27.24 10.87
CA GLN A 4 -32.00 27.30 9.56
C GLN A 4 -30.59 26.75 9.65
N PRO A 5 -30.25 25.77 8.80
CA PRO A 5 -28.90 25.22 8.71
C PRO A 5 -27.94 26.23 8.09
N LYS A 6 -27.59 27.25 8.87
CA LYS A 6 -26.69 28.30 8.43
C LYS A 6 -25.29 27.72 8.24
N THR A 7 -24.82 27.76 7.00
CA THR A 7 -23.52 27.19 6.67
C THR A 7 -23.00 27.77 5.36
N ARG A 8 -21.74 27.52 5.09
CA ARG A 8 -21.13 27.93 3.83
C ARG A 8 -20.25 26.79 3.32
N GLN A 9 -20.26 26.59 2.01
CA GLN A 9 -19.46 25.54 1.41
C GLN A 9 -18.40 26.15 0.51
N GLU A 10 -17.14 25.98 0.87
CA GLU A 10 -16.04 26.49 0.07
C GLU A 10 -15.37 25.34 -0.67
N SER A 11 -15.60 25.26 -1.97
CA SER A 11 -15.01 24.21 -2.78
C SER A 11 -13.57 24.56 -3.13
N ALA A 12 -12.70 24.51 -2.14
CA ALA A 12 -11.31 24.82 -2.32
C ALA A 12 -10.58 23.67 -3.00
N ARG A 13 -9.44 23.96 -3.60
CA ARG A 13 -8.63 22.94 -4.25
C ARG A 13 -7.38 22.66 -3.44
N MET A 14 -7.06 21.38 -3.28
CA MET A 14 -5.89 20.99 -2.51
C MET A 14 -5.09 19.92 -3.26
N SER A 15 -3.78 20.03 -3.20
CA SER A 15 -2.91 19.04 -3.82
C SER A 15 -2.51 18.00 -2.77
N ILE A 16 -3.04 16.79 -2.91
CA ILE A 16 -2.75 15.72 -1.97
C ILE A 16 -1.41 15.09 -2.33
N GLU A 17 -0.80 14.44 -1.37
CA GLU A 17 0.51 13.83 -1.54
C GLU A 17 0.40 12.32 -1.64
N ALA A 18 1.43 11.69 -2.18
CA ALA A 18 1.42 10.26 -2.37
C ALA A 18 2.18 9.57 -1.24
N PRO A 19 1.50 8.69 -0.49
CA PRO A 19 2.13 7.91 0.57
C PRO A 19 3.13 6.92 0.01
N GLU A 20 4.24 6.74 0.71
CA GLU A 20 5.29 5.85 0.29
C GLU A 20 4.80 4.39 0.36
N THR A 21 4.46 3.85 -0.80
CA THR A 21 3.82 2.54 -0.86
C THR A 21 4.84 1.41 -0.97
N VAL A 22 4.54 0.30 -0.30
CA VAL A 22 5.39 -0.88 -0.35
C VAL A 22 4.62 -2.07 -0.91
N VAL A 23 5.19 -2.72 -1.91
CA VAL A 23 4.56 -3.90 -2.50
C VAL A 23 4.94 -5.15 -1.72
N VAL A 24 3.94 -5.86 -1.24
CA VAL A 24 4.16 -7.04 -0.41
C VAL A 24 3.54 -8.29 -1.02
N SER A 25 4.09 -9.43 -0.67
CA SER A 25 3.57 -10.71 -1.10
C SER A 25 2.70 -11.32 -0.02
N THR A 26 2.68 -10.68 1.15
CA THR A 26 1.95 -11.20 2.30
C THR A 26 0.72 -10.35 2.60
N TRP A 27 -0.42 -11.00 2.73
CA TRP A 27 -1.68 -10.32 3.05
C TRP A 27 -1.70 -9.84 4.50
N LYS A 28 -1.23 -10.65 5.43
CA LYS A 28 -1.18 -10.25 6.82
C LYS A 28 0.27 -10.09 7.27
N VAL A 29 0.65 -8.85 7.54
CA VAL A 29 2.05 -8.52 7.83
C VAL A 29 2.20 -7.87 9.18
N ALA A 30 3.39 -7.97 9.76
CA ALA A 30 3.69 -7.31 11.00
C ALA A 30 4.42 -6.01 10.74
N CYS A 31 3.81 -4.90 11.11
CA CYS A 31 4.41 -3.60 10.90
C CYS A 31 5.13 -3.16 12.16
N ASP A 32 6.31 -2.60 11.99
CA ASP A 32 7.17 -2.27 13.11
C ASP A 32 7.62 -0.81 13.03
N GLY A 33 6.98 -0.06 12.13
CA GLY A 33 7.32 1.33 11.95
C GLY A 33 8.54 1.52 11.07
N GLY A 34 9.69 1.21 11.63
CA GLY A 34 10.94 1.36 10.92
C GLY A 34 11.88 0.21 11.19
N GLU A 35 13.16 0.52 11.36
CA GLU A 35 14.15 -0.49 11.70
C GLU A 35 14.86 -0.09 12.99
N GLY A 36 15.22 -1.08 13.79
CA GLY A 36 15.88 -0.83 15.05
C GLY A 36 14.89 -0.52 16.15
N ALA A 37 14.82 0.75 16.50
CA ALA A 37 13.86 1.23 17.47
C ALA A 37 13.32 2.58 17.05
N LEU A 38 12.40 2.57 16.10
CA LEU A 38 11.81 3.80 15.57
C LEU A 38 10.45 3.49 14.96
N GLY A 39 9.43 4.17 15.43
CA GLY A 39 8.11 3.98 14.88
C GLY A 39 7.08 3.72 15.95
N HIS A 40 6.17 2.81 15.66
CA HIS A 40 5.13 2.42 16.60
C HIS A 40 5.38 0.99 17.08
N PRO A 41 4.69 0.55 18.15
CA PRO A 41 4.78 -0.84 18.60
C PRO A 41 4.43 -1.80 17.48
N ARG A 42 5.07 -2.97 17.48
CA ARG A 42 4.89 -3.94 16.41
C ARG A 42 3.45 -4.46 16.37
N VAL A 43 2.75 -4.16 15.29
CA VAL A 43 1.35 -4.56 15.14
C VAL A 43 1.21 -5.53 13.98
N TRP A 44 0.15 -6.32 14.01
CA TRP A 44 -0.15 -7.25 12.95
C TRP A 44 -1.31 -6.73 12.12
N LEU A 45 -1.07 -6.49 10.84
CA LEU A 45 -2.08 -5.92 9.97
C LEU A 45 -2.65 -6.98 9.05
N SER A 46 -3.77 -6.64 8.42
CA SER A 46 -4.43 -7.54 7.50
C SER A 46 -4.93 -6.77 6.30
N ILE A 47 -4.35 -7.05 5.14
CA ILE A 47 -4.72 -6.35 3.91
C ILE A 47 -6.06 -6.88 3.40
N PRO A 48 -7.05 -5.98 3.26
CA PRO A 48 -8.37 -6.34 2.73
C PRO A 48 -8.26 -6.88 1.31
N HIS A 49 -8.77 -8.10 1.11
CA HIS A 49 -8.68 -8.78 -0.18
C HIS A 49 -9.58 -8.10 -1.21
N GLU A 50 -10.53 -7.33 -0.71
CA GLU A 50 -11.45 -6.58 -1.54
C GLU A 50 -10.89 -5.22 -1.91
N THR A 51 -9.72 -4.89 -1.36
CA THR A 51 -9.12 -3.59 -1.58
C THR A 51 -7.77 -3.72 -2.28
N GLY A 52 -6.94 -4.65 -1.82
CA GLY A 52 -5.65 -4.86 -2.45
C GLY A 52 -4.51 -4.24 -1.66
N PHE A 53 -4.83 -3.20 -0.91
CA PHE A 53 -3.84 -2.53 -0.07
C PHE A 53 -4.43 -2.23 1.29
N VAL A 54 -3.58 -2.08 2.30
CA VAL A 54 -4.04 -1.81 3.65
C VAL A 54 -3.65 -0.39 4.06
N GLU A 55 -4.61 0.32 4.65
CA GLU A 55 -4.37 1.66 5.17
C GLU A 55 -4.19 1.59 6.67
N CYS A 56 -2.97 1.80 7.14
CA CYS A 56 -2.66 1.69 8.55
C CYS A 56 -3.14 2.92 9.32
N GLY A 57 -3.60 2.68 10.54
CA GLY A 57 -4.05 3.78 11.38
C GLY A 57 -2.92 4.33 12.22
N TYR A 58 -1.83 3.56 12.32
CA TYR A 58 -0.67 3.96 13.08
C TYR A 58 0.25 4.83 12.25
N CYS A 59 0.25 4.61 10.94
CA CYS A 59 1.06 5.41 10.02
C CYS A 59 0.46 5.36 8.63
N ASP A 60 0.82 6.32 7.81
CA ASP A 60 0.28 6.44 6.47
C ASP A 60 1.09 5.59 5.48
N ARG A 61 1.61 4.48 5.97
CA ARG A 61 2.36 3.55 5.14
C ARG A 61 1.40 2.65 4.39
N ARG A 62 1.44 2.72 3.08
CA ARG A 62 0.56 1.94 2.23
C ARG A 62 1.20 0.61 1.86
N TYR A 63 0.64 -0.47 2.36
CA TYR A 63 1.12 -1.80 2.01
C TYR A 63 0.16 -2.43 1.02
N ILE A 64 0.61 -2.61 -0.21
CA ILE A 64 -0.24 -3.14 -1.26
C ILE A 64 0.27 -4.50 -1.69
N HIS A 65 -0.64 -5.44 -1.88
CA HIS A 65 -0.27 -6.76 -2.34
C HIS A 65 0.01 -6.71 -3.83
N GLU A 66 1.03 -7.45 -4.26
CA GLU A 66 1.47 -7.42 -5.64
C GLU A 66 0.37 -7.84 -6.62
N SER A 67 -0.65 -8.53 -6.13
CA SER A 67 -1.77 -8.94 -6.98
C SER A 67 -2.51 -7.71 -7.48
N PHE A 68 -2.60 -6.66 -6.65
CA PHE A 68 -3.28 -5.44 -7.04
C PHE A 68 -2.37 -4.60 -7.93
N ALA A 69 -1.08 -4.91 -7.86
CA ALA A 69 -0.08 -4.22 -8.65
C ALA A 69 0.07 -4.86 -10.02
N ALA A 70 -0.23 -6.17 -10.07
CA ALA A 70 -0.16 -6.93 -11.32
C ALA A 70 -1.12 -6.38 -12.36
N ALA A 71 -2.22 -5.81 -11.89
CA ALA A 71 -3.16 -5.13 -12.78
C ALA A 71 -2.62 -3.75 -13.14
N LYS A 72 -1.53 -3.74 -13.90
CA LYS A 72 -0.86 -2.50 -14.27
C LYS A 72 -1.72 -1.73 -15.27
N LEU A 73 -2.13 -2.39 -16.33
CA LEU A 73 -2.96 -1.77 -17.34
C LEU A 73 -4.42 -1.94 -16.99
N GLU A 74 -5.12 -0.83 -16.93
CA GLU A 74 -6.53 -0.81 -16.56
C GLU A 74 -7.38 -0.55 -17.79
N HIS A 75 -6.87 0.33 -18.66
CA HIS A 75 -7.55 0.70 -19.90
C HIS A 75 -8.88 1.38 -19.58
N HIS A 76 -9.96 0.61 -19.65
CA HIS A 76 -11.31 1.08 -19.37
C HIS A 76 -12.28 -0.04 -19.67
N HIS A 77 -13.44 -0.03 -19.04
CA HIS A 77 -14.45 -1.03 -19.33
C HIS A 77 -15.32 -0.55 -20.49
N HIS A 78 -16.32 0.27 -20.20
CA HIS A 78 -17.19 0.83 -21.24
C HIS A 78 -18.17 1.84 -20.66
N HIS A 79 -17.84 3.12 -20.79
CA HIS A 79 -18.79 4.18 -20.49
C HIS A 79 -19.82 4.24 -21.62
N HIS A 80 -19.31 4.30 -22.83
CA HIS A 80 -20.14 4.30 -24.03
C HIS A 80 -19.25 4.39 -25.26
N MET A 1 -16.87 -13.09 -2.01
CA MET A 1 -16.85 -12.61 -3.41
C MET A 1 -18.13 -11.87 -3.74
N ARG A 2 -18.00 -10.57 -4.00
CA ARG A 2 -19.12 -9.75 -4.41
C ARG A 2 -18.63 -8.65 -5.33
N ARG A 3 -18.99 -8.69 -6.61
CA ARG A 3 -18.53 -7.69 -7.57
C ARG A 3 -19.38 -6.43 -7.50
N GLN A 4 -19.67 -6.00 -6.28
CA GLN A 4 -20.39 -4.76 -6.04
C GLN A 4 -19.45 -3.60 -6.29
N PRO A 5 -19.96 -2.47 -6.86
CA PRO A 5 -19.15 -1.27 -7.11
C PRO A 5 -18.18 -0.95 -5.98
N LYS A 6 -16.90 -1.22 -6.22
CA LYS A 6 -15.87 -1.01 -5.22
C LYS A 6 -15.77 0.46 -4.84
N THR A 7 -15.58 0.71 -3.55
CA THR A 7 -15.61 2.05 -3.01
C THR A 7 -14.55 2.95 -3.65
N ARG A 8 -15.02 3.86 -4.49
CA ARG A 8 -14.13 4.81 -5.15
C ARG A 8 -14.20 6.14 -4.41
N GLN A 9 -13.48 6.20 -3.30
CA GLN A 9 -13.51 7.36 -2.42
C GLN A 9 -12.23 8.18 -2.58
N GLU A 10 -11.56 8.00 -3.70
CA GLU A 10 -10.35 8.75 -3.99
C GLU A 10 -10.69 10.03 -4.72
N SER A 11 -10.70 11.13 -3.98
CA SER A 11 -11.11 12.42 -4.52
C SER A 11 -9.90 13.31 -4.81
N ALA A 12 -8.73 12.73 -4.74
CA ALA A 12 -7.50 13.46 -4.97
C ALA A 12 -6.46 12.59 -5.65
N ARG A 13 -5.81 13.13 -6.67
CA ARG A 13 -4.73 12.42 -7.35
C ARG A 13 -3.45 13.25 -7.30
N MET A 14 -2.50 12.81 -6.50
CA MET A 14 -1.26 13.55 -6.34
C MET A 14 -0.10 12.76 -6.95
N SER A 15 0.33 13.19 -8.11
CA SER A 15 1.45 12.57 -8.78
C SER A 15 2.77 13.11 -8.23
N ILE A 16 3.16 12.56 -7.09
CA ILE A 16 4.40 12.96 -6.45
C ILE A 16 5.54 12.09 -6.97
N GLU A 17 6.78 12.50 -6.68
CA GLU A 17 7.94 11.78 -7.16
C GLU A 17 8.12 10.48 -6.38
N ALA A 18 7.45 9.42 -6.85
CA ALA A 18 7.51 8.10 -6.23
C ALA A 18 6.88 8.09 -4.85
N PRO A 19 5.57 7.82 -4.77
CA PRO A 19 4.84 7.77 -3.50
C PRO A 19 5.17 6.51 -2.70
N GLU A 20 4.61 6.41 -1.50
CA GLU A 20 4.82 5.26 -0.64
C GLU A 20 4.34 3.98 -1.31
N THR A 21 5.27 3.20 -1.83
CA THR A 21 4.94 1.96 -2.50
C THR A 21 5.59 0.78 -1.79
N VAL A 22 4.79 0.00 -1.10
CA VAL A 22 5.26 -1.21 -0.45
C VAL A 22 4.48 -2.40 -0.97
N VAL A 23 5.07 -3.13 -1.89
CA VAL A 23 4.43 -4.27 -2.51
C VAL A 23 4.78 -5.56 -1.76
N VAL A 24 3.76 -6.30 -1.38
CA VAL A 24 3.96 -7.53 -0.62
C VAL A 24 3.05 -8.64 -1.14
N SER A 25 3.49 -9.88 -0.95
CA SER A 25 2.68 -11.04 -1.26
C SER A 25 2.10 -11.64 0.01
N THR A 26 2.29 -10.91 1.10
CA THR A 26 1.84 -11.34 2.41
C THR A 26 0.60 -10.56 2.85
N TRP A 27 -0.40 -11.26 3.37
CA TRP A 27 -1.63 -10.62 3.80
C TRP A 27 -1.53 -10.15 5.25
N LYS A 28 -1.23 -11.07 6.16
CA LYS A 28 -1.00 -10.70 7.56
C LYS A 28 0.42 -10.19 7.73
N VAL A 29 0.57 -8.91 8.02
CA VAL A 29 1.87 -8.28 8.06
C VAL A 29 2.14 -7.65 9.42
N ALA A 30 3.36 -7.82 9.90
CA ALA A 30 3.78 -7.20 11.15
C ALA A 30 4.40 -5.83 10.86
N CYS A 31 3.64 -4.78 11.06
CA CYS A 31 4.12 -3.43 10.79
C CYS A 31 4.90 -2.91 11.98
N ASP A 32 5.95 -2.17 11.69
CA ASP A 32 6.87 -1.71 12.72
C ASP A 32 7.27 -0.26 12.43
N GLY A 33 6.39 0.42 11.71
CA GLY A 33 6.66 1.79 11.30
C GLY A 33 7.49 1.83 10.03
N GLY A 34 8.48 2.71 10.02
CA GLY A 34 9.41 2.79 8.91
C GLY A 34 10.55 1.81 9.09
N GLU A 35 11.58 2.30 9.72
CA GLU A 35 12.68 1.46 10.17
C GLU A 35 12.29 0.78 11.48
N GLY A 36 13.21 0.01 12.03
CA GLY A 36 12.93 -0.71 13.26
C GLY A 36 12.58 0.20 14.42
N ALA A 37 11.35 0.06 14.89
CA ALA A 37 10.81 0.86 15.99
C ALA A 37 10.69 2.33 15.60
N LEU A 38 10.78 2.62 14.31
CA LEU A 38 10.71 3.99 13.83
C LEU A 38 9.29 4.32 13.42
N GLY A 39 8.49 4.75 14.37
CA GLY A 39 7.10 5.07 14.10
C GLY A 39 6.19 4.55 15.17
N HIS A 40 6.24 3.27 15.33
CA HIS A 40 5.46 2.57 16.34
C HIS A 40 5.99 1.14 16.51
N PRO A 41 5.67 0.49 17.64
CA PRO A 41 6.06 -0.91 17.89
C PRO A 41 5.39 -1.87 16.92
N ARG A 42 5.82 -3.12 16.95
CA ARG A 42 5.33 -4.13 16.03
C ARG A 42 3.86 -4.43 16.27
N VAL A 43 3.04 -4.19 15.25
CA VAL A 43 1.62 -4.50 15.31
C VAL A 43 1.27 -5.50 14.22
N TRP A 44 0.25 -6.29 14.47
CA TRP A 44 -0.20 -7.30 13.53
C TRP A 44 -1.37 -6.78 12.70
N LEU A 45 -1.13 -6.58 11.41
CA LEU A 45 -2.16 -6.11 10.52
C LEU A 45 -2.49 -7.19 9.50
N SER A 46 -3.61 -7.05 8.84
CA SER A 46 -4.02 -8.00 7.84
C SER A 46 -4.65 -7.28 6.66
N ILE A 47 -4.01 -7.42 5.50
CA ILE A 47 -4.54 -6.85 4.27
C ILE A 47 -5.81 -7.58 3.86
N PRO A 48 -6.93 -6.85 3.71
CA PRO A 48 -8.20 -7.42 3.28
C PRO A 48 -8.04 -8.28 2.02
N HIS A 49 -8.59 -9.48 2.08
CA HIS A 49 -8.30 -10.52 1.09
C HIS A 49 -9.07 -10.32 -0.21
N GLU A 50 -9.76 -9.20 -0.31
CA GLU A 50 -10.62 -8.93 -1.45
C GLU A 50 -10.25 -7.62 -2.16
N THR A 51 -9.82 -6.63 -1.39
CA THR A 51 -9.41 -5.36 -1.96
C THR A 51 -7.94 -5.39 -2.37
N GLY A 52 -7.10 -5.98 -1.52
CA GLY A 52 -5.72 -6.20 -1.87
C GLY A 52 -4.80 -5.04 -1.53
N PHE A 53 -5.27 -4.13 -0.69
CA PHE A 53 -4.44 -3.02 -0.24
C PHE A 53 -4.86 -2.61 1.16
N VAL A 54 -3.94 -2.01 1.90
CA VAL A 54 -4.23 -1.56 3.25
C VAL A 54 -3.51 -0.26 3.55
N GLU A 55 -4.22 0.67 4.15
CA GLU A 55 -3.63 1.93 4.59
C GLU A 55 -3.46 1.87 6.10
N CYS A 56 -2.20 1.92 6.54
CA CYS A 56 -1.88 1.75 7.96
C CYS A 56 -2.58 2.79 8.82
N GLY A 57 -3.62 2.38 9.52
CA GLY A 57 -4.33 3.27 10.42
C GLY A 57 -3.63 3.38 11.75
N TYR A 58 -2.33 3.53 11.69
CA TYR A 58 -1.50 3.62 12.88
C TYR A 58 -0.29 4.49 12.59
N CYS A 59 0.32 4.26 11.43
CA CYS A 59 1.43 5.09 10.99
C CYS A 59 0.97 6.09 9.93
N ASP A 60 0.90 5.63 8.68
CA ASP A 60 0.51 6.45 7.54
C ASP A 60 0.78 5.72 6.23
N ARG A 61 1.88 4.97 6.22
CA ARG A 61 2.32 4.27 5.01
C ARG A 61 1.28 3.29 4.50
N ARG A 62 1.19 3.17 3.18
CA ARG A 62 0.25 2.27 2.54
C ARG A 62 0.95 1.02 2.04
N TYR A 63 0.28 -0.12 2.15
CA TYR A 63 0.82 -1.38 1.68
C TYR A 63 -0.14 -1.98 0.66
N ILE A 64 0.39 -2.64 -0.36
CA ILE A 64 -0.46 -3.20 -1.41
C ILE A 64 0.07 -4.56 -1.87
N HIS A 65 -0.84 -5.44 -2.26
CA HIS A 65 -0.48 -6.77 -2.73
C HIS A 65 0.03 -6.70 -4.17
N GLU A 66 0.95 -7.59 -4.51
CA GLU A 66 1.60 -7.58 -5.82
C GLU A 66 0.60 -7.70 -6.97
N SER A 67 -0.48 -8.44 -6.75
CA SER A 67 -1.49 -8.65 -7.78
C SER A 67 -2.24 -7.35 -8.09
N PHE A 68 -2.38 -6.51 -7.08
CA PHE A 68 -3.14 -5.28 -7.23
C PHE A 68 -2.23 -4.11 -7.52
N ALA A 69 -0.93 -4.35 -7.45
CA ALA A 69 0.07 -3.31 -7.63
C ALA A 69 0.72 -3.39 -9.00
N ALA A 70 1.43 -4.49 -9.24
CA ALA A 70 2.21 -4.63 -10.47
C ALA A 70 1.38 -5.26 -11.58
N ALA A 71 0.90 -6.48 -11.34
CA ALA A 71 0.16 -7.25 -12.33
C ALA A 71 0.96 -7.40 -13.63
N LYS A 72 0.60 -6.62 -14.66
CA LYS A 72 1.30 -6.69 -15.94
C LYS A 72 1.46 -5.31 -16.57
N LEU A 73 0.39 -4.82 -17.19
CA LEU A 73 0.45 -3.58 -17.95
C LEU A 73 -0.62 -2.59 -17.48
N GLU A 74 -0.35 -1.31 -17.67
CA GLU A 74 -1.33 -0.27 -17.39
C GLU A 74 -2.52 -0.48 -18.32
N HIS A 75 -2.25 -0.28 -19.61
CA HIS A 75 -3.19 -0.59 -20.67
C HIS A 75 -2.41 -1.25 -21.80
N HIS A 76 -3.11 -1.89 -22.72
CA HIS A 76 -2.44 -2.50 -23.85
C HIS A 76 -1.96 -1.41 -24.81
N HIS A 77 -0.64 -1.15 -24.77
CA HIS A 77 -0.05 -0.11 -25.59
C HIS A 77 -0.36 -0.31 -27.07
N HIS A 78 -0.68 0.77 -27.75
CA HIS A 78 -0.98 0.72 -29.16
C HIS A 78 -0.09 1.70 -29.92
N HIS A 79 0.73 1.16 -30.81
CA HIS A 79 1.65 1.95 -31.61
C HIS A 79 0.86 2.83 -32.59
N HIS A 80 1.19 4.11 -32.63
CA HIS A 80 0.57 5.03 -33.57
C HIS A 80 1.49 5.28 -34.76
N MET A 1 26.95 14.92 -33.61
CA MET A 1 26.83 14.10 -32.38
C MET A 1 26.29 14.94 -31.22
N ARG A 2 26.69 16.21 -31.16
CA ARG A 2 26.17 17.11 -30.14
C ARG A 2 24.66 17.28 -30.29
N ARG A 3 23.94 16.69 -29.36
CA ARG A 3 22.48 16.68 -29.40
C ARG A 3 21.90 17.73 -28.45
N GLN A 4 20.62 18.01 -28.60
CA GLN A 4 19.93 18.94 -27.72
C GLN A 4 19.34 18.18 -26.54
N PRO A 5 19.76 18.54 -25.31
CA PRO A 5 19.19 17.95 -24.11
C PRO A 5 17.75 18.39 -23.88
N LYS A 6 16.89 17.46 -23.49
CA LYS A 6 15.48 17.77 -23.26
C LYS A 6 15.35 18.72 -22.08
N THR A 7 14.81 19.90 -22.35
CA THR A 7 14.66 20.92 -21.32
C THR A 7 13.53 20.58 -20.35
N ARG A 8 13.74 20.87 -19.08
CA ARG A 8 12.76 20.58 -18.04
C ARG A 8 12.13 21.87 -17.54
N GLN A 9 10.87 22.09 -17.86
CA GLN A 9 10.17 23.29 -17.42
C GLN A 9 9.49 23.04 -16.09
N GLU A 10 10.31 22.96 -15.05
CA GLU A 10 9.82 22.66 -13.70
C GLU A 10 10.43 23.60 -12.68
N SER A 11 9.58 24.31 -11.97
CA SER A 11 10.04 25.18 -10.89
C SER A 11 9.18 24.96 -9.65
N ALA A 12 8.54 23.80 -9.58
CA ALA A 12 7.69 23.45 -8.45
C ALA A 12 8.53 22.88 -7.32
N ARG A 13 8.70 23.65 -6.27
CA ARG A 13 9.53 23.25 -5.14
C ARG A 13 8.71 22.53 -4.09
N MET A 14 9.32 21.52 -3.46
CA MET A 14 8.67 20.73 -2.42
C MET A 14 7.40 20.07 -2.94
N SER A 15 7.58 19.12 -3.83
CA SER A 15 6.45 18.41 -4.41
C SER A 15 6.52 16.93 -4.05
N ILE A 16 5.72 16.54 -3.05
CA ILE A 16 5.71 15.17 -2.58
C ILE A 16 4.52 14.44 -3.21
N GLU A 17 4.49 13.13 -3.08
CA GLU A 17 3.45 12.35 -3.72
C GLU A 17 3.31 10.98 -3.05
N ALA A 18 2.51 10.95 -1.98
CA ALA A 18 2.20 9.72 -1.23
C ALA A 18 3.40 9.18 -0.45
N PRO A 19 3.17 8.73 0.79
CA PRO A 19 4.19 8.08 1.61
C PRO A 19 4.53 6.69 1.06
N GLU A 20 5.58 6.08 1.63
CA GLU A 20 6.08 4.80 1.13
C GLU A 20 4.99 3.73 1.11
N THR A 21 4.65 3.29 -0.09
CA THR A 21 3.72 2.20 -0.27
C THR A 21 4.49 0.91 -0.59
N VAL A 22 4.23 -0.12 0.21
CA VAL A 22 4.94 -1.37 0.08
C VAL A 22 4.07 -2.44 -0.56
N VAL A 23 4.58 -3.05 -1.61
CA VAL A 23 3.89 -4.15 -2.27
C VAL A 23 4.33 -5.47 -1.63
N VAL A 24 3.36 -6.21 -1.11
CA VAL A 24 3.65 -7.44 -0.38
C VAL A 24 2.86 -8.61 -0.93
N SER A 25 3.46 -9.79 -0.84
CA SER A 25 2.82 -11.02 -1.24
C SER A 25 2.12 -11.65 -0.04
N THR A 26 2.33 -11.08 1.13
CA THR A 26 1.76 -11.59 2.36
C THR A 26 0.51 -10.81 2.73
N TRP A 27 -0.52 -11.52 3.17
CA TRP A 27 -1.76 -10.88 3.56
C TRP A 27 -1.66 -10.32 4.97
N LYS A 28 -1.01 -11.06 5.85
CA LYS A 28 -0.76 -10.60 7.21
C LYS A 28 0.62 -9.98 7.30
N VAL A 29 0.66 -8.69 7.55
CA VAL A 29 1.91 -7.96 7.55
C VAL A 29 2.21 -7.39 8.93
N ALA A 30 3.42 -7.62 9.40
CA ALA A 30 3.88 -7.09 10.66
C ALA A 30 4.49 -5.71 10.44
N CYS A 31 3.76 -4.67 10.79
CA CYS A 31 4.23 -3.32 10.60
C CYS A 31 5.16 -2.93 11.74
N ASP A 32 6.23 -2.24 11.39
CA ASP A 32 7.28 -1.91 12.35
C ASP A 32 7.57 -0.41 12.34
N GLY A 33 6.67 0.35 11.69
CA GLY A 33 6.80 1.79 11.66
C GLY A 33 7.81 2.28 10.63
N GLY A 34 9.04 2.40 11.06
CA GLY A 34 10.08 2.92 10.21
C GLY A 34 11.27 2.00 10.11
N GLU A 35 12.43 2.56 9.84
CA GLU A 35 13.66 1.79 9.77
C GLU A 35 14.61 2.16 10.90
N GLY A 36 15.70 1.42 11.03
CA GLY A 36 16.64 1.67 12.10
C GLY A 36 16.05 1.29 13.44
N ALA A 37 15.65 2.30 14.18
CA ALA A 37 14.99 2.10 15.47
C ALA A 37 13.87 3.12 15.64
N LEU A 38 13.35 3.60 14.50
CA LEU A 38 12.32 4.63 14.51
C LEU A 38 10.96 4.03 14.15
N GLY A 39 9.91 4.63 14.67
CA GLY A 39 8.57 4.19 14.35
C GLY A 39 7.85 3.65 15.57
N HIS A 40 7.01 2.67 15.34
CA HIS A 40 6.23 2.06 16.41
C HIS A 40 6.61 0.58 16.53
N PRO A 41 6.28 -0.06 17.67
CA PRO A 41 6.54 -1.50 17.87
C PRO A 41 5.79 -2.37 16.86
N ARG A 42 6.16 -3.63 16.79
CA ARG A 42 5.55 -4.59 15.88
C ARG A 42 4.04 -4.67 16.08
N VAL A 43 3.29 -4.33 15.04
CA VAL A 43 1.85 -4.49 15.03
C VAL A 43 1.46 -5.44 13.90
N TRP A 44 0.29 -6.06 14.01
CA TRP A 44 -0.15 -7.01 13.03
C TRP A 44 -1.30 -6.46 12.21
N LEU A 45 -1.07 -6.32 10.91
CA LEU A 45 -2.09 -5.85 10.01
C LEU A 45 -2.44 -6.95 9.03
N SER A 46 -3.59 -6.82 8.38
CA SER A 46 -4.00 -7.80 7.41
C SER A 46 -4.64 -7.10 6.22
N ILE A 47 -4.19 -7.44 5.03
CA ILE A 47 -4.77 -6.91 3.81
C ILE A 47 -6.14 -7.52 3.59
N PRO A 48 -7.20 -6.71 3.67
CA PRO A 48 -8.56 -7.17 3.45
C PRO A 48 -8.79 -7.60 2.01
N HIS A 49 -9.46 -8.74 1.84
CA HIS A 49 -9.76 -9.27 0.51
C HIS A 49 -10.88 -8.47 -0.12
N GLU A 50 -11.35 -7.47 0.60
CA GLU A 50 -12.43 -6.61 0.15
C GLU A 50 -11.88 -5.32 -0.45
N THR A 51 -10.61 -5.04 -0.19
CA THR A 51 -9.99 -3.81 -0.66
C THR A 51 -8.80 -4.08 -1.59
N GLY A 52 -7.91 -4.96 -1.16
CA GLY A 52 -6.72 -5.26 -1.95
C GLY A 52 -5.49 -4.57 -1.40
N PHE A 53 -5.69 -3.73 -0.40
CA PHE A 53 -4.60 -3.00 0.24
C PHE A 53 -5.03 -2.56 1.62
N VAL A 54 -4.07 -2.13 2.44
CA VAL A 54 -4.36 -1.69 3.79
C VAL A 54 -3.54 -0.45 4.14
N GLU A 55 -4.18 0.50 4.80
CA GLU A 55 -3.51 1.72 5.24
C GLU A 55 -3.29 1.67 6.75
N CYS A 56 -2.09 2.04 7.18
CA CYS A 56 -1.76 2.00 8.59
C CYS A 56 -2.42 3.16 9.33
N GLY A 57 -2.80 2.92 10.59
CA GLY A 57 -3.41 3.96 11.40
C GLY A 57 -2.40 4.67 12.28
N TYR A 58 -1.25 4.04 12.47
CA TYR A 58 -0.18 4.61 13.26
C TYR A 58 0.76 5.41 12.37
N CYS A 59 1.30 4.75 11.36
CA CYS A 59 2.22 5.37 10.45
C CYS A 59 1.51 5.69 9.13
N ASP A 60 2.15 6.48 8.28
CA ASP A 60 1.56 6.86 7.01
C ASP A 60 1.93 5.86 5.93
N ARG A 61 2.57 4.76 6.34
CA ARG A 61 3.01 3.74 5.40
C ARG A 61 1.81 2.94 4.90
N ARG A 62 1.91 2.47 3.67
CA ARG A 62 0.81 1.77 3.01
C ARG A 62 1.26 0.38 2.57
N TYR A 63 0.35 -0.58 2.60
CA TYR A 63 0.66 -1.93 2.17
C TYR A 63 -0.34 -2.38 1.10
N ILE A 64 0.17 -2.75 -0.06
CA ILE A 64 -0.68 -3.15 -1.16
C ILE A 64 -0.33 -4.56 -1.63
N HIS A 65 -1.34 -5.33 -2.01
CA HIS A 65 -1.14 -6.70 -2.44
C HIS A 65 -0.38 -6.76 -3.77
N GLU A 66 0.47 -7.78 -3.89
CA GLU A 66 1.30 -8.01 -5.05
C GLU A 66 0.53 -7.94 -6.38
N SER A 67 -0.68 -8.49 -6.40
CA SER A 67 -1.44 -8.60 -7.65
C SER A 67 -1.91 -7.25 -8.15
N PHE A 68 -1.93 -6.24 -7.28
CA PHE A 68 -2.35 -4.90 -7.69
C PHE A 68 -1.20 -4.18 -8.38
N ALA A 69 0.02 -4.62 -8.11
CA ALA A 69 1.21 -3.98 -8.65
C ALA A 69 1.51 -4.46 -10.08
N ALA A 70 0.63 -5.30 -10.62
CA ALA A 70 0.77 -5.81 -11.97
C ALA A 70 0.35 -4.75 -12.99
N ALA A 71 -0.71 -4.00 -12.63
CA ALA A 71 -1.25 -2.91 -13.45
C ALA A 71 -1.88 -3.43 -14.76
N LYS A 72 -1.07 -4.04 -15.60
CA LYS A 72 -1.55 -4.56 -16.88
C LYS A 72 -1.79 -6.05 -16.77
N LEU A 73 -3.06 -6.43 -16.77
CA LEU A 73 -3.44 -7.84 -16.59
C LEU A 73 -3.50 -8.57 -17.92
N GLU A 74 -3.97 -9.81 -17.87
CA GLU A 74 -4.10 -10.65 -19.06
C GLU A 74 -5.23 -10.14 -19.95
N HIS A 75 -6.29 -9.67 -19.33
CA HIS A 75 -7.39 -9.05 -20.06
C HIS A 75 -7.02 -7.62 -20.44
N HIS A 76 -6.39 -7.48 -21.59
CA HIS A 76 -5.99 -6.18 -22.09
C HIS A 76 -7.21 -5.41 -22.58
N HIS A 77 -7.53 -4.32 -21.90
CA HIS A 77 -8.71 -3.53 -22.24
C HIS A 77 -8.40 -2.60 -23.43
N HIS A 78 -7.32 -2.91 -24.14
CA HIS A 78 -6.97 -2.20 -25.36
C HIS A 78 -8.04 -2.45 -26.42
N HIS A 79 -8.64 -3.63 -26.34
CA HIS A 79 -9.70 -4.03 -27.23
C HIS A 79 -11.03 -3.92 -26.50
N HIS A 80 -12.05 -3.41 -27.18
CA HIS A 80 -13.39 -3.33 -26.59
C HIS A 80 -13.91 -4.72 -26.26
N MET A 1 -30.76 -10.25 14.80
CA MET A 1 -30.61 -8.80 14.45
C MET A 1 -29.66 -8.65 13.27
N ARG A 2 -28.37 -8.76 13.53
CA ARG A 2 -27.37 -8.68 12.47
C ARG A 2 -26.64 -10.02 12.35
N ARG A 3 -26.53 -10.53 11.13
CA ARG A 3 -25.89 -11.81 10.88
C ARG A 3 -25.55 -11.94 9.41
N GLN A 4 -24.24 -11.96 9.12
CA GLN A 4 -23.70 -12.04 7.76
C GLN A 4 -24.49 -11.19 6.75
N PRO A 5 -24.30 -9.87 6.78
CA PRO A 5 -24.97 -8.95 5.86
C PRO A 5 -24.18 -8.79 4.57
N LYS A 6 -24.62 -7.84 3.73
CA LYS A 6 -23.93 -7.55 2.48
C LYS A 6 -23.48 -6.10 2.46
N THR A 7 -22.17 -5.91 2.56
CA THR A 7 -21.58 -4.58 2.61
C THR A 7 -21.75 -3.85 1.29
N ARG A 8 -22.17 -2.59 1.36
CA ARG A 8 -22.35 -1.75 0.18
C ARG A 8 -21.05 -1.62 -0.62
N GLN A 9 -21.12 -1.98 -1.89
CA GLN A 9 -19.95 -1.89 -2.77
C GLN A 9 -19.95 -0.53 -3.48
N GLU A 10 -18.85 -0.24 -4.19
CA GLU A 10 -18.66 1.05 -4.84
C GLU A 10 -18.73 2.20 -3.81
N SER A 11 -18.41 1.88 -2.57
CA SER A 11 -18.42 2.85 -1.49
C SER A 11 -17.02 3.44 -1.28
N ALA A 12 -16.16 3.16 -2.23
CA ALA A 12 -14.77 3.62 -2.17
C ALA A 12 -14.23 3.81 -3.58
N ARG A 13 -13.26 4.69 -3.72
CA ARG A 13 -12.63 4.93 -5.02
C ARG A 13 -11.25 4.29 -5.06
N MET A 14 -11.11 3.25 -5.85
CA MET A 14 -9.88 2.49 -5.92
C MET A 14 -8.85 3.18 -6.80
N SER A 15 -8.38 4.32 -6.33
CA SER A 15 -7.35 5.09 -7.02
C SER A 15 -6.68 6.06 -6.04
N ILE A 16 -5.76 5.50 -5.25
CA ILE A 16 -5.06 6.29 -4.23
C ILE A 16 -3.60 5.84 -4.19
N GLU A 17 -2.74 6.68 -3.65
CA GLU A 17 -1.32 6.36 -3.55
C GLU A 17 -0.76 6.83 -2.22
N ALA A 18 0.42 6.34 -1.86
CA ALA A 18 1.08 6.71 -0.62
C ALA A 18 2.59 6.52 -0.76
N PRO A 19 3.37 7.57 -0.44
CA PRO A 19 4.84 7.52 -0.52
C PRO A 19 5.43 6.43 0.38
N GLU A 20 6.45 5.76 -0.13
CA GLU A 20 7.08 4.62 0.56
C GLU A 20 6.07 3.52 0.81
N THR A 21 5.37 3.14 -0.24
CA THR A 21 4.42 2.05 -0.16
C THR A 21 5.13 0.74 -0.46
N VAL A 22 4.75 -0.32 0.23
CA VAL A 22 5.42 -1.61 0.08
C VAL A 22 4.49 -2.63 -0.56
N VAL A 23 4.96 -3.25 -1.63
CA VAL A 23 4.22 -4.31 -2.29
C VAL A 23 4.55 -5.64 -1.64
N VAL A 24 3.54 -6.28 -1.08
CA VAL A 24 3.73 -7.47 -0.29
C VAL A 24 3.00 -8.66 -0.90
N SER A 25 3.47 -9.84 -0.58
CA SER A 25 2.84 -11.06 -1.02
C SER A 25 2.12 -11.71 0.15
N THR A 26 2.26 -11.07 1.31
CA THR A 26 1.68 -11.56 2.55
C THR A 26 0.51 -10.70 2.96
N TRP A 27 -0.60 -11.33 3.36
CA TRP A 27 -1.80 -10.60 3.77
C TRP A 27 -1.66 -10.09 5.21
N LYS A 28 -0.99 -10.87 6.05
CA LYS A 28 -0.74 -10.46 7.42
C LYS A 28 0.65 -9.85 7.53
N VAL A 29 0.71 -8.53 7.65
CA VAL A 29 1.97 -7.83 7.63
C VAL A 29 2.36 -7.35 9.03
N ALA A 30 3.63 -7.50 9.35
CA ALA A 30 4.18 -7.00 10.60
C ALA A 30 4.66 -5.57 10.40
N CYS A 31 3.89 -4.62 10.87
CA CYS A 31 4.21 -3.23 10.67
C CYS A 31 4.77 -2.63 11.95
N ASP A 32 5.79 -1.80 11.77
CA ASP A 32 6.48 -1.16 12.89
C ASP A 32 6.69 0.32 12.55
N GLY A 33 5.91 0.79 11.60
CA GLY A 33 6.10 2.12 11.06
C GLY A 33 7.33 2.17 10.19
N GLY A 34 8.34 2.89 10.66
CA GLY A 34 9.62 2.92 9.96
C GLY A 34 10.70 2.30 10.80
N GLU A 35 10.64 2.63 12.05
CA GLU A 35 11.57 2.17 13.07
C GLU A 35 10.91 2.29 14.44
N GLY A 36 11.55 1.74 15.46
CA GLY A 36 11.01 1.85 16.81
C GLY A 36 10.79 3.28 17.21
N ALA A 37 9.55 3.60 17.61
CA ALA A 37 9.15 4.95 18.02
C ALA A 37 8.97 5.87 16.80
N LEU A 38 9.40 5.40 15.64
CA LEU A 38 9.23 6.15 14.40
C LEU A 38 8.05 5.55 13.63
N GLY A 39 6.86 5.87 14.08
CA GLY A 39 5.67 5.24 13.55
C GLY A 39 4.78 4.74 14.67
N HIS A 40 4.80 3.45 14.84
CA HIS A 40 4.05 2.79 15.90
C HIS A 40 4.74 1.49 16.29
N PRO A 41 4.40 0.92 17.45
CA PRO A 41 4.92 -0.38 17.88
C PRO A 41 4.56 -1.50 16.90
N ARG A 42 5.34 -2.56 16.90
CA ARG A 42 5.14 -3.69 15.98
C ARG A 42 3.74 -4.29 16.13
N VAL A 43 2.95 -4.17 15.07
CA VAL A 43 1.62 -4.75 15.02
C VAL A 43 1.54 -5.73 13.86
N TRP A 44 0.63 -6.69 13.96
CA TRP A 44 0.40 -7.64 12.91
C TRP A 44 -0.96 -7.38 12.28
N LEU A 45 -0.94 -6.77 11.09
CA LEU A 45 -2.17 -6.35 10.45
C LEU A 45 -2.68 -7.42 9.51
N SER A 46 -3.87 -7.22 8.97
CA SER A 46 -4.46 -8.15 8.03
C SER A 46 -5.08 -7.39 6.87
N ILE A 47 -4.46 -7.49 5.70
CA ILE A 47 -4.94 -6.81 4.51
C ILE A 47 -6.21 -7.47 3.99
N PRO A 48 -7.28 -6.67 3.77
CA PRO A 48 -8.53 -7.18 3.23
C PRO A 48 -8.33 -7.81 1.86
N HIS A 49 -8.90 -9.00 1.68
CA HIS A 49 -8.70 -9.76 0.46
C HIS A 49 -9.59 -9.24 -0.65
N GLU A 50 -10.62 -8.50 -0.26
CA GLU A 50 -11.57 -7.93 -1.22
C GLU A 50 -11.17 -6.52 -1.64
N THR A 51 -9.98 -6.08 -1.21
CA THR A 51 -9.47 -4.78 -1.63
C THR A 51 -8.16 -4.93 -2.39
N GLY A 52 -7.18 -5.56 -1.77
CA GLY A 52 -5.88 -5.73 -2.38
C GLY A 52 -4.87 -4.73 -1.87
N PHE A 53 -5.32 -3.88 -0.94
CA PHE A 53 -4.46 -2.88 -0.31
C PHE A 53 -5.17 -2.31 0.90
N VAL A 54 -4.41 -1.64 1.77
CA VAL A 54 -4.99 -1.04 2.97
C VAL A 54 -4.01 -0.07 3.61
N GLU A 55 -4.53 1.00 4.18
CA GLU A 55 -3.71 1.92 4.95
C GLU A 55 -3.44 1.32 6.33
N CYS A 56 -2.39 1.79 6.99
CA CYS A 56 -2.12 1.34 8.33
C CYS A 56 -3.11 1.96 9.30
N GLY A 57 -3.60 1.18 10.25
CA GLY A 57 -4.55 1.69 11.21
C GLY A 57 -3.91 2.61 12.22
N TYR A 58 -2.58 2.61 12.25
CA TYR A 58 -1.83 3.40 13.20
C TYR A 58 -1.10 4.56 12.52
N CYS A 59 -0.80 4.41 11.23
CA CYS A 59 -0.03 5.42 10.51
C CYS A 59 -0.58 5.65 9.11
N ASP A 60 -0.17 6.78 8.53
CA ASP A 60 -0.64 7.25 7.23
C ASP A 60 -0.28 6.32 6.07
N ARG A 61 0.85 5.65 6.18
CA ARG A 61 1.38 4.85 5.07
C ARG A 61 0.47 3.67 4.72
N ARG A 62 0.48 3.29 3.45
CA ARG A 62 -0.39 2.25 2.92
C ARG A 62 0.42 1.10 2.34
N TYR A 63 -0.10 -0.12 2.47
CA TYR A 63 0.56 -1.30 1.94
C TYR A 63 -0.25 -1.87 0.79
N ILE A 64 0.44 -2.45 -0.19
CA ILE A 64 -0.20 -2.93 -1.40
C ILE A 64 0.13 -4.40 -1.66
N HIS A 65 -0.88 -5.17 -2.07
CA HIS A 65 -0.69 -6.58 -2.38
C HIS A 65 -0.18 -6.74 -3.82
N GLU A 66 0.65 -7.75 -4.04
CA GLU A 66 1.25 -8.06 -5.35
C GLU A 66 0.24 -7.97 -6.50
N SER A 67 -0.97 -8.46 -6.28
CA SER A 67 -1.94 -8.57 -7.36
C SER A 67 -2.56 -7.23 -7.75
N PHE A 68 -2.20 -6.17 -7.02
CA PHE A 68 -2.66 -4.84 -7.38
C PHE A 68 -1.62 -4.15 -8.26
N ALA A 69 -0.36 -4.53 -8.07
CA ALA A 69 0.74 -3.88 -8.75
C ALA A 69 1.98 -4.77 -8.76
N ALA A 70 2.06 -5.61 -9.77
CA ALA A 70 3.19 -6.51 -9.92
C ALA A 70 4.25 -5.88 -10.83
N ALA A 71 3.78 -5.07 -11.78
CA ALA A 71 4.64 -4.41 -12.76
C ALA A 71 5.40 -5.43 -13.62
N LYS A 72 6.63 -5.74 -13.22
CA LYS A 72 7.46 -6.71 -13.93
C LYS A 72 8.38 -7.42 -12.94
N LEU A 73 8.80 -8.64 -13.29
CA LEU A 73 9.71 -9.40 -12.44
C LEU A 73 11.15 -9.02 -12.75
N GLU A 74 12.04 -9.34 -11.83
CA GLU A 74 13.45 -9.00 -11.99
C GLU A 74 14.17 -10.12 -12.75
N HIS A 75 14.29 -9.93 -14.06
CA HIS A 75 14.96 -10.90 -14.94
C HIS A 75 14.21 -12.22 -15.03
N HIS A 76 14.49 -12.97 -16.08
CA HIS A 76 13.91 -14.30 -16.24
C HIS A 76 14.77 -15.33 -15.54
N HIS A 77 14.21 -15.97 -14.53
CA HIS A 77 14.94 -16.95 -13.73
C HIS A 77 14.20 -18.28 -13.69
N HIS A 78 14.81 -19.25 -13.03
CA HIS A 78 14.21 -20.57 -12.86
C HIS A 78 13.56 -20.66 -11.49
N HIS A 79 12.57 -21.52 -11.35
CA HIS A 79 11.90 -21.73 -10.06
C HIS A 79 12.09 -23.16 -9.57
N HIS A 80 12.64 -23.99 -10.44
CA HIS A 80 13.02 -25.35 -10.09
C HIS A 80 13.81 -25.96 -11.23
#